data_6HCP
#
_entry.id   6HCP
#
_cell.length_a   180.200
_cell.length_b   219.520
_cell.length_c   101.430
_cell.angle_alpha   90.00
_cell.angle_beta   99.21
_cell.angle_gamma   90.00
#
_symmetry.space_group_name_H-M   'C 1 2 1'
#
loop_
_entity.id
_entity.type
_entity.pdbx_description
1 polymer BauA
2 non-polymer 1,2-ETHANEDIOL
3 non-polymer (HYDROXYETHYLOXY)TRI(ETHYLOXY)OCTANE
4 non-polymer 'PHOSPHATE ION'
5 water water
#
_entity_poly.entity_id   1
_entity_poly.type   'polypeptide(L)'
_entity_poly.pdbx_seq_one_letter_code
;GAMAVIDNSTKTLEQQTAQTNVAALPAITVKAEQDDTYAGGQVATSSNVGFLGSKKFLDTPFNTISYTDKYIEDKQAKDI
TEVIAATDPSIYTNGASGGWSENYYIRGYASSTNDMSMNGLFGITPFYRTSPEMFGRVEVLKGPSALLNGMPPAGSVGGT
VNLVTKYAADEPFARLTTTYMSDAQFGGHVDVGRRFGENKEFGVRINGMYRDGDAAVNDQSKESRLFSLGLDWQGENARV
FVDAYDALDHVDGVTRGVNVSTAVGIPKPPKADTLLSPDWGSVETKDKGAMIRGEYDFSDQLMAYAAYGQSTTEYKYNGA
SAGTITSSTGTLSSTLGQLAFDVDKKSADAGFKGKFETGSVKHQWVANATYYNHTQDDYGYRIIPGFSDPVITNIYDPNP
NWGPKPEFTPPFLFHSTLSTSSFGLADTLSFAQDKVQLTLGLRHQTVKATSSVNTLPENAKSATTPGVALLIKATDKISV
YANYIEGLTKGDQAPATASNPGEIFPPQKTKQQELGLKVDLGTFAHTLSAFEITKPSSYLDPSKLVNNLPTFVSDGEQRN
RGIEWSFFGSPIEHVRLMGGFTYLDPELTKTKSGGNDGHTAVAVPKNQAKLGAEWDTQVAQGTLTLSGNINAVSKQYINA
ENTLSVPGRTLLDVGARYSTKVEDHPVTFRANIYNLTNKAYWAQPQLTNLALGAPRTYMLSVSYDF
;
_entity_poly.pdbx_strand_id   A,B,C
#
loop_
_chem_comp.id
_chem_comp.type
_chem_comp.name
_chem_comp.formula
C8E non-polymer (HYDROXYETHYLOXY)TRI(ETHYLOXY)OCTANE 'C16 H34 O5'
EDO non-polymer 1,2-ETHANEDIOL 'C2 H6 O2'
PO4 non-polymer 'PHOSPHATE ION' 'O4 P -3'
#
# COMPACT_ATOMS: atom_id res chain seq x y z
N ASP A 36 -3.77 -30.84 -26.37
CA ASP A 36 -3.03 -29.78 -27.10
C ASP A 36 -2.42 -28.76 -26.12
N THR A 37 -2.57 -28.96 -24.81
CA THR A 37 -2.17 -27.98 -23.80
C THR A 37 -0.87 -28.46 -23.13
N TYR A 38 0.07 -27.56 -22.91
CA TYR A 38 1.34 -27.90 -22.29
C TYR A 38 1.14 -27.97 -20.76
N ALA A 39 2.09 -28.60 -20.09
CA ALA A 39 2.13 -28.65 -18.63
C ALA A 39 1.93 -27.23 -18.08
N GLY A 40 1.02 -27.09 -17.11
CA GLY A 40 0.65 -25.80 -16.55
C GLY A 40 -0.71 -25.32 -17.04
N GLY A 41 -1.10 -25.70 -18.26
CA GLY A 41 -2.39 -25.37 -18.81
C GLY A 41 -2.49 -23.96 -19.38
N GLN A 42 -1.37 -23.22 -19.43
CA GLN A 42 -1.45 -21.79 -19.80
C GLN A 42 -0.94 -21.52 -21.23
N VAL A 43 -0.21 -22.49 -21.79
CA VAL A 43 0.36 -22.40 -23.12
C VAL A 43 0.00 -23.68 -23.88
N ALA A 44 -0.22 -23.55 -25.18
CA ALA A 44 -0.54 -24.69 -26.06
C ALA A 44 0.72 -25.18 -26.77
N THR A 45 0.65 -26.39 -27.33
CA THR A 45 1.84 -27.05 -27.85
C THR A 45 1.99 -26.80 -29.36
N SER A 46 0.95 -26.22 -29.98
N SER A 46 0.94 -26.23 -29.97
CA SER A 46 1.00 -25.91 -31.40
CA SER A 46 0.93 -25.94 -31.41
C SER A 46 0.42 -24.52 -31.65
C SER A 46 0.44 -24.51 -31.64
N SER A 47 0.68 -23.99 -32.84
CA SER A 47 0.08 -22.75 -33.28
C SER A 47 -0.04 -22.75 -34.81
N ASN A 48 -0.80 -21.77 -35.30
CA ASN A 48 -1.01 -21.59 -36.74
C ASN A 48 0.18 -20.82 -37.32
N VAL A 49 0.87 -21.42 -38.27
CA VAL A 49 2.04 -20.76 -38.86
C VAL A 49 1.66 -20.22 -40.25
N GLY A 50 0.80 -19.19 -40.21
CA GLY A 50 0.14 -18.68 -41.41
C GLY A 50 -0.41 -19.81 -42.24
N PHE A 51 -0.22 -19.76 -43.57
CA PHE A 51 -0.90 -20.74 -44.45
C PHE A 51 -0.24 -22.13 -44.37
N LEU A 52 0.86 -22.29 -43.63
CA LEU A 52 1.40 -23.64 -43.37
C LEU A 52 0.48 -24.41 -42.39
N GLY A 53 -0.45 -23.70 -41.75
CA GLY A 53 -1.38 -24.28 -40.79
C GLY A 53 -0.72 -24.67 -39.46
N SER A 54 -1.39 -25.58 -38.76
CA SER A 54 -1.01 -25.93 -37.40
C SER A 54 0.32 -26.67 -37.39
N LYS A 55 1.26 -26.21 -36.55
CA LYS A 55 2.54 -26.90 -36.37
C LYS A 55 2.87 -26.93 -34.87
N LYS A 56 3.55 -28.01 -34.46
CA LYS A 56 4.01 -28.16 -33.10
C LYS A 56 5.23 -27.26 -32.86
N PHE A 57 5.41 -26.87 -31.59
CA PHE A 57 6.55 -26.12 -31.06
C PHE A 57 7.89 -26.56 -31.69
N LEU A 58 8.24 -27.84 -31.53
CA LEU A 58 9.56 -28.31 -31.95
C LEU A 58 9.68 -28.49 -33.46
N ASP A 59 8.57 -28.37 -34.18
CA ASP A 59 8.57 -28.51 -35.65
C ASP A 59 8.46 -27.14 -36.33
N THR A 60 8.48 -26.05 -35.56
CA THR A 60 8.19 -24.71 -36.10
C THR A 60 9.49 -23.91 -36.14
N PRO A 61 10.00 -23.55 -37.35
CA PRO A 61 11.25 -22.81 -37.47
C PRO A 61 11.02 -21.30 -37.37
N PHE A 62 10.24 -20.92 -36.36
CA PHE A 62 9.91 -19.54 -36.01
C PHE A 62 9.72 -19.51 -34.49
N ASN A 63 9.90 -18.33 -33.89
CA ASN A 63 9.67 -18.15 -32.47
C ASN A 63 8.17 -17.85 -32.25
N THR A 64 7.46 -18.84 -31.71
CA THR A 64 6.02 -18.84 -31.59
C THR A 64 5.62 -19.15 -30.13
N ILE A 65 4.48 -18.61 -29.73
CA ILE A 65 3.88 -18.96 -28.45
C ILE A 65 2.37 -18.86 -28.58
N SER A 66 1.66 -19.78 -27.92
CA SER A 66 0.21 -19.73 -27.89
C SER A 66 -0.29 -19.79 -26.45
N TYR A 67 -1.05 -18.77 -26.05
CA TYR A 67 -1.64 -18.69 -24.71
C TYR A 67 -3.05 -19.26 -24.76
N THR A 68 -3.43 -19.96 -23.67
CA THR A 68 -4.78 -20.55 -23.57
C THR A 68 -5.75 -19.54 -22.93
N ASP A 69 -7.03 -19.84 -23.08
CA ASP A 69 -8.09 -19.10 -22.44
C ASP A 69 -7.96 -19.21 -20.90
N LYS A 70 -7.38 -20.30 -20.39
CA LYS A 70 -7.15 -20.42 -18.94
C LYS A 70 -6.18 -19.33 -18.49
N TYR A 71 -5.09 -19.12 -19.26
CA TYR A 71 -4.13 -18.03 -18.96
C TYR A 71 -4.82 -16.66 -19.00
N ILE A 72 -5.66 -16.45 -20.01
CA ILE A 72 -6.36 -15.22 -20.16
C ILE A 72 -7.20 -14.92 -18.90
N GLU A 73 -7.96 -15.92 -18.43
N GLU A 73 -7.95 -15.95 -18.46
CA GLU A 73 -8.81 -15.70 -17.27
CA GLU A 73 -8.81 -15.89 -17.29
C GLU A 73 -7.92 -15.55 -16.02
C GLU A 73 -7.94 -15.59 -16.04
N ASP A 74 -6.79 -16.28 -15.96
CA ASP A 74 -5.90 -16.19 -14.81
C ASP A 74 -5.30 -14.79 -14.66
N LYS A 75 -5.03 -14.09 -15.78
CA LYS A 75 -4.52 -12.72 -15.73
C LYS A 75 -5.65 -11.69 -15.53
N GLN A 76 -6.90 -12.13 -15.70
CA GLN A 76 -8.06 -11.21 -15.81
C GLN A 76 -7.77 -10.17 -16.91
N ALA A 77 -7.23 -10.64 -18.03
CA ALA A 77 -6.80 -9.80 -19.13
C ALA A 77 -8.01 -9.09 -19.76
N LYS A 78 -7.89 -7.78 -19.92
CA LYS A 78 -8.94 -6.92 -20.41
C LYS A 78 -8.72 -6.61 -21.91
N ASP A 79 -7.52 -6.90 -22.42
CA ASP A 79 -7.19 -6.66 -23.82
C ASP A 79 -6.04 -7.58 -24.21
N ILE A 80 -5.67 -7.58 -25.50
CA ILE A 80 -4.72 -8.54 -26.01
C ILE A 80 -3.32 -8.26 -25.44
N THR A 81 -3.02 -6.98 -25.20
CA THR A 81 -1.72 -6.58 -24.64
C THR A 81 -1.49 -7.30 -23.30
N GLU A 82 -2.53 -7.35 -22.48
CA GLU A 82 -2.46 -7.92 -21.12
C GLU A 82 -2.28 -9.44 -21.19
N VAL A 83 -2.51 -10.05 -22.36
CA VAL A 83 -2.17 -11.43 -22.57
C VAL A 83 -0.72 -11.56 -23.04
N ILE A 84 -0.36 -10.86 -24.13
CA ILE A 84 0.86 -11.22 -24.87
C ILE A 84 2.11 -10.53 -24.33
N ALA A 85 1.96 -9.40 -23.62
CA ALA A 85 3.12 -8.61 -23.21
C ALA A 85 3.58 -8.99 -21.79
N ALA A 86 2.75 -9.67 -21.02
CA ALA A 86 3.02 -9.80 -19.58
C ALA A 86 4.36 -10.52 -19.34
N THR A 87 4.61 -11.61 -20.06
CA THR A 87 5.79 -12.43 -19.81
C THR A 87 6.76 -12.48 -20.99
N ASP A 88 6.42 -11.86 -22.12
CA ASP A 88 7.21 -12.06 -23.35
C ASP A 88 8.20 -10.90 -23.49
N PRO A 89 9.50 -11.15 -23.29
CA PRO A 89 10.50 -10.09 -23.35
C PRO A 89 10.75 -9.52 -24.75
N SER A 90 10.16 -10.14 -25.78
CA SER A 90 10.26 -9.60 -27.13
C SER A 90 9.05 -8.72 -27.48
N ILE A 91 8.14 -8.53 -26.52
CA ILE A 91 7.02 -7.64 -26.75
C ILE A 91 7.12 -6.45 -25.77
N TYR A 92 6.90 -5.25 -26.29
CA TYR A 92 6.96 -4.06 -25.45
C TYR A 92 5.69 -3.25 -25.62
N THR A 93 5.14 -2.78 -24.50
CA THR A 93 4.06 -1.80 -24.50
C THR A 93 4.47 -0.62 -23.61
N ASN A 94 3.99 0.58 -23.96
CA ASN A 94 4.16 1.75 -23.15
C ASN A 94 3.29 1.65 -21.89
N GLY A 95 2.22 0.84 -21.90
CA GLY A 95 1.53 0.44 -20.66
C GLY A 95 0.58 1.48 -20.10
N ALA A 96 0.13 2.43 -20.91
CA ALA A 96 -0.85 3.43 -20.47
C ALA A 96 -2.21 2.76 -20.27
N SER A 97 -3.00 3.36 -19.38
CA SER A 97 -4.37 2.96 -19.17
C SER A 97 -5.32 3.85 -19.98
N GLY A 98 -6.28 3.24 -20.67
CA GLY A 98 -7.37 3.95 -21.30
C GLY A 98 -6.89 4.82 -22.46
N GLY A 99 -5.94 4.30 -23.25
CA GLY A 99 -5.60 4.90 -24.51
C GLY A 99 -6.70 4.67 -25.54
N TRP A 100 -6.57 5.34 -26.69
CA TRP A 100 -7.53 5.20 -27.77
C TRP A 100 -7.32 3.90 -28.57
N SER A 101 -6.19 3.22 -28.34
CA SER A 101 -5.96 1.89 -28.88
C SER A 101 -4.97 1.17 -27.98
N GLU A 102 -4.82 -0.14 -28.21
CA GLU A 102 -3.68 -0.88 -27.67
C GLU A 102 -2.42 -0.45 -28.43
N ASN A 103 -1.27 -0.66 -27.81
CA ASN A 103 -0.01 -0.27 -28.43
C ASN A 103 1.09 -1.23 -27.98
N TYR A 104 1.59 -2.04 -28.91
CA TYR A 104 2.70 -2.93 -28.60
C TYR A 104 3.64 -3.09 -29.81
N TYR A 105 4.89 -3.38 -29.48
CA TYR A 105 5.96 -3.70 -30.40
C TYR A 105 6.32 -5.17 -30.23
N ILE A 106 6.71 -5.82 -31.34
CA ILE A 106 7.26 -7.16 -31.34
C ILE A 106 8.61 -7.10 -32.05
N ARG A 107 9.66 -7.65 -31.40
CA ARG A 107 11.03 -7.59 -31.89
C ARG A 107 11.40 -6.15 -32.27
N GLY A 108 10.87 -5.19 -31.50
CA GLY A 108 11.26 -3.81 -31.57
C GLY A 108 10.63 -3.04 -32.72
N TYR A 109 9.65 -3.64 -33.41
CA TYR A 109 8.89 -2.97 -34.44
C TYR A 109 7.40 -2.95 -34.09
N ALA A 110 6.72 -1.89 -34.51
CA ALA A 110 5.28 -1.78 -34.27
C ALA A 110 4.58 -3.01 -34.83
N SER A 111 3.59 -3.51 -34.08
CA SER A 111 2.68 -4.51 -34.54
C SER A 111 1.26 -3.98 -34.36
N SER A 112 0.62 -3.59 -35.47
CA SER A 112 -0.63 -2.84 -35.43
C SER A 112 -1.77 -3.74 -34.95
N THR A 113 -2.68 -3.15 -34.16
CA THR A 113 -3.92 -3.82 -33.79
C THR A 113 -4.71 -4.18 -35.04
N ASN A 114 -4.57 -3.36 -36.09
CA ASN A 114 -5.31 -3.56 -37.33
C ASN A 114 -4.91 -4.87 -38.03
N ASP A 115 -3.76 -5.44 -37.64
CA ASP A 115 -3.08 -6.51 -38.37
C ASP A 115 -3.23 -7.86 -37.67
N MET A 116 -4.11 -7.97 -36.68
CA MET A 116 -4.34 -9.28 -36.06
C MET A 116 -5.19 -10.13 -36.98
N SER A 117 -5.00 -11.45 -36.91
CA SER A 117 -5.85 -12.38 -37.62
C SER A 117 -6.80 -13.08 -36.66
N MET A 118 -7.94 -13.52 -37.19
CA MET A 118 -8.91 -14.34 -36.48
C MET A 118 -9.05 -15.68 -37.21
N ASN A 119 -8.61 -16.77 -36.55
CA ASN A 119 -8.58 -18.08 -37.17
C ASN A 119 -7.85 -17.99 -38.52
N GLY A 120 -6.78 -17.18 -38.56
CA GLY A 120 -5.89 -17.11 -39.72
C GLY A 120 -6.29 -16.04 -40.74
N LEU A 121 -7.45 -15.41 -40.56
CA LEU A 121 -8.00 -14.43 -41.53
C LEU A 121 -7.84 -13.00 -41.01
N PHE A 122 -7.32 -12.12 -41.86
N PHE A 122 -7.28 -12.13 -41.86
CA PHE A 122 -7.09 -10.72 -41.52
CA PHE A 122 -7.08 -10.71 -41.55
C PHE A 122 -8.34 -9.89 -41.86
C PHE A 122 -8.37 -9.91 -41.83
N GLY A 123 -8.48 -8.73 -41.21
CA GLY A 123 -9.54 -7.78 -41.48
C GLY A 123 -10.85 -8.06 -40.75
N ILE A 124 -10.84 -8.92 -39.72
CA ILE A 124 -12.08 -9.33 -39.01
C ILE A 124 -12.13 -8.76 -37.57
N THR A 125 -10.97 -8.76 -36.91
CA THR A 125 -10.83 -8.40 -35.49
C THR A 125 -11.14 -6.94 -35.23
N PRO A 126 -11.44 -6.56 -33.98
CA PRO A 126 -11.66 -5.15 -33.65
C PRO A 126 -10.46 -4.27 -34.03
N PHE A 127 -10.74 -3.05 -34.45
CA PHE A 127 -9.74 -2.20 -35.12
C PHE A 127 -8.60 -1.80 -34.16
N TYR A 128 -8.93 -1.42 -32.92
CA TYR A 128 -7.95 -0.76 -32.04
C TYR A 128 -7.79 -1.46 -30.68
N ARG A 129 -8.85 -2.11 -30.17
CA ARG A 129 -8.71 -2.85 -28.90
C ARG A 129 -9.67 -4.03 -28.90
N THR A 130 -9.16 -5.18 -28.46
CA THR A 130 -9.88 -6.42 -28.45
C THR A 130 -9.92 -6.97 -27.03
N SER A 131 -11.14 -7.13 -26.48
CA SER A 131 -11.33 -7.85 -25.21
C SER A 131 -11.36 -9.35 -25.50
N PRO A 132 -10.61 -10.17 -24.75
CA PRO A 132 -10.33 -11.52 -25.20
C PRO A 132 -11.28 -12.67 -24.81
N GLU A 133 -12.52 -12.34 -24.42
CA GLU A 133 -13.45 -13.36 -23.87
C GLU A 133 -13.84 -14.40 -24.92
N MET A 134 -13.77 -14.07 -26.21
CA MET A 134 -14.29 -15.01 -27.22
C MET A 134 -13.19 -15.93 -27.76
N PHE A 135 -11.99 -15.92 -27.17
CA PHE A 135 -10.90 -16.69 -27.76
C PHE A 135 -10.47 -17.85 -26.88
N GLY A 136 -10.20 -18.98 -27.55
CA GLY A 136 -9.62 -20.16 -26.94
C GLY A 136 -8.10 -20.09 -26.87
N ARG A 137 -7.49 -19.40 -27.85
CA ARG A 137 -6.04 -19.26 -27.91
C ARG A 137 -5.71 -17.85 -28.40
N VAL A 138 -4.60 -17.33 -27.91
CA VAL A 138 -4.00 -16.11 -28.43
C VAL A 138 -2.56 -16.45 -28.81
N GLU A 139 -2.29 -16.48 -30.13
CA GLU A 139 -1.05 -16.96 -30.66
C GLU A 139 -0.21 -15.79 -31.17
N VAL A 140 1.10 -15.89 -30.99
CA VAL A 140 2.04 -14.91 -31.46
C VAL A 140 3.12 -15.62 -32.28
N LEU A 141 3.39 -15.06 -33.47
CA LEU A 141 4.54 -15.46 -34.26
C LEU A 141 5.43 -14.22 -34.41
N LYS A 142 6.66 -14.32 -33.95
CA LYS A 142 7.53 -13.17 -33.85
C LYS A 142 8.27 -12.95 -35.18
N GLY A 143 8.38 -11.66 -35.53
CA GLY A 143 9.03 -11.23 -36.76
C GLY A 143 8.06 -11.23 -37.94
N PRO A 144 8.50 -10.73 -39.10
CA PRO A 144 7.64 -10.61 -40.27
C PRO A 144 7.33 -11.99 -40.86
N SER A 145 6.28 -12.06 -41.68
CA SER A 145 5.80 -13.34 -42.14
C SER A 145 5.06 -13.22 -43.48
N ALA A 146 5.52 -12.37 -44.41
CA ALA A 146 4.72 -12.11 -45.66
C ALA A 146 4.48 -13.41 -46.46
N LEU A 147 5.47 -14.30 -46.52
CA LEU A 147 5.26 -15.57 -47.25
C LEU A 147 4.04 -16.29 -46.67
N LEU A 148 3.98 -16.35 -45.35
CA LEU A 148 2.96 -17.14 -44.63
C LEU A 148 1.61 -16.46 -44.65
N ASN A 149 1.61 -15.10 -44.54
CA ASN A 149 0.42 -14.37 -44.14
C ASN A 149 0.02 -13.28 -45.13
N GLY A 150 0.90 -12.97 -46.10
CA GLY A 150 0.66 -11.81 -46.95
C GLY A 150 0.84 -10.51 -46.19
N MET A 151 0.30 -9.43 -46.75
CA MET A 151 0.48 -8.14 -46.18
C MET A 151 -0.81 -7.76 -45.47
N PRO A 152 -0.81 -7.65 -44.13
CA PRO A 152 -2.03 -7.23 -43.43
C PRO A 152 -2.32 -5.74 -43.64
N PRO A 153 -3.52 -5.27 -43.26
CA PRO A 153 -4.00 -3.97 -43.72
C PRO A 153 -3.14 -2.75 -43.36
N ALA A 154 -2.45 -2.76 -42.20
CA ALA A 154 -1.63 -1.61 -41.80
C ALA A 154 -0.15 -1.81 -42.17
N GLY A 155 0.18 -2.95 -42.75
CA GLY A 155 1.57 -3.21 -43.21
C GLY A 155 2.60 -3.24 -42.09
N SER A 156 2.21 -3.59 -40.86
CA SER A 156 3.17 -3.68 -39.77
C SER A 156 3.94 -5.01 -39.89
N VAL A 157 5.16 -5.07 -39.35
CA VAL A 157 6.10 -6.17 -39.61
C VAL A 157 6.67 -6.81 -38.34
N GLY A 158 6.27 -6.37 -37.15
CA GLY A 158 6.94 -6.85 -35.94
C GLY A 158 6.61 -8.33 -35.63
N GLY A 159 5.36 -8.72 -35.90
CA GLY A 159 4.92 -10.10 -35.68
C GLY A 159 3.44 -10.26 -35.99
N THR A 160 2.94 -11.47 -35.88
CA THR A 160 1.53 -11.72 -36.13
C THR A 160 0.89 -12.30 -34.87
N VAL A 161 -0.22 -11.69 -34.49
CA VAL A 161 -1.07 -12.13 -33.42
C VAL A 161 -2.31 -12.78 -34.04
N ASN A 162 -2.51 -14.06 -33.74
CA ASN A 162 -3.62 -14.83 -34.30
C ASN A 162 -4.56 -15.24 -33.16
N LEU A 163 -5.82 -14.83 -33.26
CA LEU A 163 -6.81 -15.09 -32.23
C LEU A 163 -7.70 -16.24 -32.69
N VAL A 164 -7.68 -17.32 -31.91
CA VAL A 164 -8.41 -18.54 -32.23
C VAL A 164 -9.70 -18.53 -31.40
N THR A 165 -10.84 -18.59 -32.08
CA THR A 165 -12.14 -18.44 -31.42
C THR A 165 -12.51 -19.74 -30.69
N LYS A 166 -13.49 -19.62 -29.80
CA LYS A 166 -14.01 -20.75 -29.01
C LYS A 166 -15.12 -21.48 -29.79
N TYR A 167 -15.07 -22.81 -29.76
CA TYR A 167 -16.17 -23.66 -30.24
C TYR A 167 -16.62 -24.61 -29.12
N ALA A 168 -17.80 -25.20 -29.29
CA ALA A 168 -18.42 -26.01 -28.24
C ALA A 168 -17.63 -27.31 -28.02
N ALA A 169 -17.24 -27.53 -26.77
CA ALA A 169 -16.75 -28.84 -26.33
C ALA A 169 -17.90 -29.87 -26.32
N ASP A 170 -17.53 -31.14 -26.18
CA ASP A 170 -18.47 -32.28 -26.26
C ASP A 170 -19.52 -32.19 -25.14
N GLU A 171 -19.05 -31.89 -23.93
CA GLU A 171 -19.91 -31.80 -22.75
C GLU A 171 -20.52 -30.42 -22.63
N PRO A 172 -21.84 -30.32 -22.35
CA PRO A 172 -22.50 -29.03 -22.21
C PRO A 172 -21.81 -28.18 -21.13
N PHE A 173 -21.80 -26.86 -21.34
CA PHE A 173 -20.96 -25.97 -20.56
C PHE A 173 -21.70 -24.66 -20.35
N ALA A 174 -21.67 -24.14 -19.11
CA ALA A 174 -22.20 -22.83 -18.84
C ALA A 174 -21.47 -22.22 -17.64
N ARG A 175 -20.83 -21.07 -17.86
CA ARG A 175 -20.00 -20.45 -16.84
C ARG A 175 -20.37 -18.97 -16.77
N LEU A 176 -20.64 -18.50 -15.55
CA LEU A 176 -20.80 -17.10 -15.28
C LEU A 176 -19.60 -16.61 -14.46
N THR A 177 -19.07 -15.44 -14.85
CA THR A 177 -17.98 -14.77 -14.16
C THR A 177 -18.40 -13.32 -13.88
N THR A 178 -18.23 -12.87 -12.63
N THR A 178 -18.17 -12.89 -12.63
CA THR A 178 -18.42 -11.47 -12.32
CA THR A 178 -18.38 -11.53 -12.22
C THR A 178 -17.03 -10.85 -12.08
C THR A 178 -17.01 -10.85 -12.07
N THR A 179 -16.90 -9.57 -12.43
CA THR A 179 -15.62 -8.88 -12.41
C THR A 179 -15.77 -7.54 -11.70
N TYR A 180 -14.65 -7.16 -11.07
CA TYR A 180 -14.41 -5.84 -10.56
C TYR A 180 -12.99 -5.41 -11.00
N MET A 181 -12.87 -4.13 -11.31
CA MET A 181 -11.58 -3.49 -11.44
C MET A 181 -11.68 -2.13 -10.77
N SER A 182 -10.64 -1.77 -10.02
CA SER A 182 -10.62 -0.48 -9.32
C SER A 182 -10.67 0.66 -10.34
N ASP A 183 -11.31 1.78 -9.99
CA ASP A 183 -11.92 2.06 -8.68
C ASP A 183 -13.34 1.48 -8.58
N ALA A 184 -14.11 1.45 -9.67
CA ALA A 184 -15.53 1.05 -9.57
C ALA A 184 -16.07 0.46 -10.88
N GLN A 185 -15.26 -0.38 -11.54
CA GLN A 185 -15.71 -1.02 -12.76
C GLN A 185 -16.27 -2.41 -12.43
N PHE A 186 -17.54 -2.63 -12.77
CA PHE A 186 -18.17 -3.90 -12.53
C PHE A 186 -18.57 -4.52 -13.86
N GLY A 187 -18.55 -5.85 -13.91
CA GLY A 187 -18.97 -6.52 -15.13
C GLY A 187 -19.34 -7.96 -14.91
N GLY A 188 -19.73 -8.59 -16.01
CA GLY A 188 -19.95 -9.99 -16.01
C GLY A 188 -19.72 -10.57 -17.39
N HIS A 189 -19.51 -11.88 -17.41
CA HIS A 189 -19.22 -12.63 -18.59
C HIS A 189 -19.89 -13.99 -18.49
N VAL A 190 -20.73 -14.30 -19.50
N VAL A 190 -20.74 -14.29 -19.49
CA VAL A 190 -21.34 -15.60 -19.65
CA VAL A 190 -21.33 -15.61 -19.61
C VAL A 190 -20.71 -16.31 -20.84
C VAL A 190 -20.73 -16.32 -20.84
N ASP A 191 -20.40 -17.60 -20.63
CA ASP A 191 -19.80 -18.47 -21.63
C ASP A 191 -20.60 -19.77 -21.62
N VAL A 192 -21.29 -20.09 -22.73
CA VAL A 192 -22.17 -21.27 -22.78
C VAL A 192 -21.91 -22.04 -24.08
N GLY A 193 -21.82 -23.37 -23.96
CA GLY A 193 -21.65 -24.22 -25.13
C GLY A 193 -22.48 -25.49 -25.03
N ARG A 194 -22.88 -26.00 -26.20
CA ARG A 194 -23.54 -27.29 -26.31
C ARG A 194 -23.38 -27.79 -27.75
N ARG A 195 -23.27 -29.10 -27.88
CA ARG A 195 -23.24 -29.75 -29.20
C ARG A 195 -24.56 -30.49 -29.46
N PHE A 196 -24.91 -30.65 -30.73
CA PHE A 196 -26.20 -31.18 -31.17
C PHE A 196 -25.99 -32.22 -32.26
N GLY A 197 -27.04 -33.01 -32.51
CA GLY A 197 -27.02 -34.07 -33.51
C GLY A 197 -26.58 -35.38 -32.87
N GLU A 198 -26.86 -36.49 -33.57
CA GLU A 198 -26.69 -37.82 -33.01
C GLU A 198 -25.22 -38.08 -32.73
N ASN A 199 -24.32 -37.48 -33.52
CA ASN A 199 -22.87 -37.68 -33.32
C ASN A 199 -22.20 -36.38 -32.85
N LYS A 200 -23.01 -35.45 -32.33
CA LYS A 200 -22.52 -34.15 -31.81
C LYS A 200 -21.71 -33.44 -32.91
N GLU A 201 -22.25 -33.46 -34.13
CA GLU A 201 -21.55 -32.99 -35.30
C GLU A 201 -21.71 -31.47 -35.42
N PHE A 202 -22.69 -30.90 -34.70
CA PHE A 202 -22.92 -29.46 -34.65
C PHE A 202 -22.55 -28.90 -33.28
N GLY A 203 -21.97 -27.70 -33.27
CA GLY A 203 -21.61 -27.02 -32.02
C GLY A 203 -22.05 -25.57 -32.03
N VAL A 204 -22.53 -25.09 -30.87
CA VAL A 204 -22.86 -23.71 -30.65
C VAL A 204 -22.14 -23.24 -29.37
N ARG A 205 -21.40 -22.12 -29.48
CA ARG A 205 -20.68 -21.53 -28.32
C ARG A 205 -20.94 -20.02 -28.30
N ILE A 206 -21.47 -19.51 -27.18
CA ILE A 206 -21.90 -18.14 -27.10
C ILE A 206 -21.17 -17.47 -25.92
N ASN A 207 -20.65 -16.26 -26.14
CA ASN A 207 -20.07 -15.47 -25.06
C ASN A 207 -20.75 -14.12 -25.05
N GLY A 208 -21.06 -13.63 -23.84
CA GLY A 208 -21.56 -12.30 -23.64
C GLY A 208 -20.86 -11.65 -22.45
N MET A 209 -20.41 -10.41 -22.65
CA MET A 209 -19.65 -9.69 -21.62
C MET A 209 -20.06 -8.23 -21.63
N TYR A 210 -20.18 -7.67 -20.43
CA TYR A 210 -20.41 -6.26 -20.25
C TYR A 210 -19.63 -5.82 -19.03
N ARG A 211 -18.94 -4.68 -19.12
CA ARG A 211 -18.42 -4.06 -17.92
C ARG A 211 -18.41 -2.56 -18.10
N ASP A 212 -18.52 -1.84 -16.98
CA ASP A 212 -18.62 -0.41 -17.03
C ASP A 212 -18.28 0.16 -15.65
N GLY A 213 -17.67 1.34 -15.67
CA GLY A 213 -17.46 2.12 -14.46
C GLY A 213 -16.08 2.75 -14.42
N ASP A 214 -15.84 3.48 -13.32
CA ASP A 214 -14.61 4.18 -13.06
C ASP A 214 -13.44 3.20 -13.04
N ALA A 215 -12.37 3.59 -13.72
CA ALA A 215 -11.14 2.79 -13.79
C ALA A 215 -10.13 3.36 -12.80
N ALA A 216 -8.86 2.96 -12.96
CA ALA A 216 -7.86 3.23 -11.93
C ALA A 216 -7.23 4.61 -12.10
N VAL A 217 -7.36 5.19 -13.29
CA VAL A 217 -6.89 6.53 -13.54
C VAL A 217 -7.95 7.53 -13.07
N ASN A 218 -7.52 8.68 -12.55
CA ASN A 218 -8.45 9.76 -12.16
C ASN A 218 -9.37 10.14 -13.34
N ASP A 219 -10.68 10.18 -13.07
CA ASP A 219 -11.69 10.69 -14.01
C ASP A 219 -11.70 9.88 -15.32
N GLN A 220 -11.23 8.63 -15.26
CA GLN A 220 -11.29 7.74 -16.42
C GLN A 220 -12.29 6.63 -16.11
N SER A 221 -13.19 6.36 -17.05
N SER A 221 -13.19 6.36 -17.06
CA SER A 221 -14.10 5.25 -16.96
CA SER A 221 -14.11 5.27 -16.97
C SER A 221 -14.04 4.43 -18.24
C SER A 221 -14.05 4.43 -18.25
N LYS A 222 -14.24 3.12 -18.11
CA LYS A 222 -14.05 2.17 -19.19
C LYS A 222 -15.30 1.30 -19.32
N GLU A 223 -15.89 1.29 -20.52
CA GLU A 223 -17.02 0.46 -20.85
C GLU A 223 -16.65 -0.49 -21.99
N SER A 224 -16.87 -1.78 -21.78
CA SER A 224 -16.70 -2.79 -22.81
C SER A 224 -17.97 -3.61 -22.93
N ARG A 225 -18.22 -4.10 -24.14
CA ARG A 225 -19.32 -5.02 -24.38
C ARG A 225 -18.90 -5.98 -25.49
N LEU A 226 -19.32 -7.23 -25.36
CA LEU A 226 -19.07 -8.24 -26.39
C LEU A 226 -20.22 -9.24 -26.42
N PHE A 227 -20.62 -9.60 -27.64
CA PHE A 227 -21.46 -10.75 -27.88
C PHE A 227 -20.84 -11.52 -29.05
N SER A 228 -20.58 -12.80 -28.83
CA SER A 228 -19.93 -13.64 -29.84
C SER A 228 -20.66 -14.97 -30.00
N LEU A 229 -20.53 -15.53 -31.19
N LEU A 229 -20.62 -15.49 -31.22
CA LEU A 229 -21.09 -16.82 -31.56
CA LEU A 229 -21.12 -16.82 -31.60
C LEU A 229 -20.04 -17.60 -32.34
C LEU A 229 -19.99 -17.58 -32.30
N GLY A 230 -19.75 -18.81 -31.87
CA GLY A 230 -18.91 -19.78 -32.57
C GLY A 230 -19.71 -21.03 -32.92
N LEU A 231 -19.96 -21.24 -34.22
CA LEU A 231 -20.73 -22.38 -34.75
C LEU A 231 -19.78 -23.28 -35.54
N ASP A 232 -20.00 -24.59 -35.45
CA ASP A 232 -19.24 -25.50 -36.26
C ASP A 232 -20.09 -26.70 -36.65
N TRP A 233 -19.71 -27.28 -37.79
CA TRP A 233 -20.24 -28.57 -38.28
C TRP A 233 -19.08 -29.46 -38.70
N GLN A 234 -18.98 -30.63 -38.09
CA GLN A 234 -17.97 -31.61 -38.41
C GLN A 234 -18.61 -32.73 -39.22
N GLY A 235 -18.31 -32.78 -40.52
CA GLY A 235 -18.74 -33.86 -41.40
C GLY A 235 -17.65 -34.91 -41.53
N GLU A 236 -17.93 -35.95 -42.34
CA GLU A 236 -16.99 -37.04 -42.51
C GLU A 236 -15.74 -36.56 -43.25
N ASN A 237 -15.97 -35.82 -44.35
CA ASN A 237 -14.88 -35.38 -45.23
C ASN A 237 -14.90 -33.86 -45.40
N ALA A 238 -15.73 -33.16 -44.62
CA ALA A 238 -15.91 -31.74 -44.74
C ALA A 238 -16.19 -31.15 -43.35
N ARG A 239 -15.85 -29.87 -43.18
CA ARG A 239 -16.03 -29.13 -41.91
C ARG A 239 -16.33 -27.67 -42.22
N VAL A 240 -17.23 -27.06 -41.44
CA VAL A 240 -17.54 -25.64 -41.57
C VAL A 240 -17.49 -24.98 -40.17
N PHE A 241 -16.87 -23.80 -40.11
CA PHE A 241 -16.76 -23.00 -38.87
C PHE A 241 -17.25 -21.59 -39.16
N VAL A 242 -18.20 -21.09 -38.35
CA VAL A 242 -18.70 -19.76 -38.49
C VAL A 242 -18.48 -19.02 -37.17
N ASP A 243 -18.04 -17.77 -37.26
CA ASP A 243 -17.83 -16.90 -36.11
C ASP A 243 -18.45 -15.54 -36.39
N ALA A 244 -19.07 -14.95 -35.37
CA ALA A 244 -19.56 -13.59 -35.47
C ALA A 244 -19.46 -12.92 -34.10
N TYR A 245 -19.28 -11.59 -34.10
CA TYR A 245 -19.24 -10.86 -32.86
C TYR A 245 -19.69 -9.44 -33.08
N ASP A 246 -20.10 -8.81 -31.97
CA ASP A 246 -20.46 -7.42 -31.91
C ASP A 246 -19.82 -6.87 -30.64
N ALA A 247 -18.98 -5.83 -30.79
CA ALA A 247 -18.15 -5.33 -29.66
C ALA A 247 -18.28 -3.82 -29.56
N LEU A 248 -18.09 -3.32 -28.33
CA LEU A 248 -18.02 -1.91 -28.03
C LEU A 248 -16.84 -1.70 -27.07
N ASP A 249 -16.08 -0.65 -27.32
CA ASP A 249 -15.01 -0.17 -26.44
C ASP A 249 -15.20 1.33 -26.29
N HIS A 250 -15.31 1.80 -25.04
N HIS A 250 -15.27 1.82 -25.04
CA HIS A 250 -15.56 3.20 -24.76
CA HIS A 250 -15.58 3.20 -24.76
C HIS A 250 -14.76 3.63 -23.53
C HIS A 250 -14.79 3.65 -23.52
N VAL A 251 -14.01 4.72 -23.68
CA VAL A 251 -13.25 5.30 -22.56
C VAL A 251 -13.64 6.77 -22.44
N ASP A 252 -14.13 7.14 -21.26
CA ASP A 252 -14.25 8.54 -20.86
C ASP A 252 -12.99 8.91 -20.07
N GLY A 253 -12.41 10.07 -20.37
CA GLY A 253 -11.11 10.43 -19.88
C GLY A 253 -10.02 9.63 -20.58
N VAL A 254 -10.11 9.58 -21.90
CA VAL A 254 -9.14 8.84 -22.73
C VAL A 254 -7.77 9.53 -22.61
N THR A 255 -6.70 8.73 -22.62
N THR A 255 -6.72 8.70 -22.64
CA THR A 255 -5.35 9.26 -22.54
CA THR A 255 -5.32 9.11 -22.63
C THR A 255 -4.75 9.36 -23.96
C THR A 255 -4.83 9.37 -24.06
N ARG A 256 -4.36 10.59 -24.32
CA ARG A 256 -3.83 10.96 -25.65
C ARG A 256 -2.30 11.10 -25.60
N GLY A 257 -1.77 11.47 -24.42
CA GLY A 257 -0.35 11.76 -24.25
C GLY A 257 0.04 13.18 -24.60
N VAL A 258 1.31 13.49 -24.35
CA VAL A 258 1.79 14.85 -24.40
C VAL A 258 3.12 14.87 -25.16
N ASN A 259 3.43 16.05 -25.67
CA ASN A 259 4.66 16.33 -26.43
C ASN A 259 5.63 17.15 -25.56
N VAL A 260 6.92 16.96 -25.83
CA VAL A 260 7.99 17.65 -25.16
C VAL A 260 8.95 18.18 -26.23
N SER A 261 9.76 19.16 -25.84
CA SER A 261 10.85 19.70 -26.68
C SER A 261 12.17 19.53 -25.97
N THR A 262 13.26 19.65 -26.74
CA THR A 262 14.59 19.65 -26.16
C THR A 262 14.81 20.94 -25.36
N ALA A 263 14.20 22.05 -25.81
CA ALA A 263 14.35 23.36 -25.14
C ALA A 263 13.83 23.28 -23.70
N VAL A 264 12.70 22.58 -23.52
CA VAL A 264 12.05 22.57 -22.21
C VAL A 264 12.48 21.33 -21.43
N GLY A 265 12.52 20.17 -22.10
CA GLY A 265 12.90 18.93 -21.47
C GLY A 265 11.70 18.18 -20.89
N ILE A 266 11.99 17.02 -20.30
CA ILE A 266 10.99 16.13 -19.73
C ILE A 266 10.98 16.33 -18.22
N PRO A 267 9.91 16.87 -17.64
CA PRO A 267 9.83 17.01 -16.19
C PRO A 267 9.48 15.67 -15.54
N LYS A 268 9.69 15.60 -14.23
CA LYS A 268 9.38 14.41 -13.49
C LYS A 268 7.91 14.05 -13.65
N PRO A 269 7.59 12.74 -13.80
CA PRO A 269 6.22 12.31 -13.99
C PRO A 269 5.38 12.63 -12.76
N PRO A 270 4.16 13.17 -12.97
CA PRO A 270 3.14 13.25 -11.92
C PRO A 270 2.82 11.85 -11.41
N LYS A 271 2.03 11.77 -10.35
CA LYS A 271 1.68 10.46 -9.80
C LYS A 271 0.94 9.65 -10.87
N ALA A 272 1.03 8.32 -10.72
CA ALA A 272 0.71 7.39 -11.79
C ALA A 272 -0.78 7.45 -12.19
N ASP A 273 -1.67 7.89 -11.29
CA ASP A 273 -3.10 7.88 -11.59
C ASP A 273 -3.57 9.23 -12.18
N THR A 274 -2.64 10.10 -12.55
CA THR A 274 -2.95 11.38 -13.15
C THR A 274 -3.43 11.17 -14.59
N LEU A 275 -4.46 11.92 -14.99
CA LEU A 275 -4.89 11.98 -16.38
C LEU A 275 -4.45 13.33 -16.95
N LEU A 276 -3.60 13.29 -17.98
CA LEU A 276 -3.01 14.50 -18.55
C LEU A 276 -3.74 14.94 -19.84
N SER A 277 -4.91 14.38 -20.08
CA SER A 277 -5.78 14.76 -21.18
C SER A 277 -7.10 15.22 -20.59
N PRO A 278 -7.97 15.89 -21.38
CA PRO A 278 -9.23 16.41 -20.85
C PRO A 278 -10.09 15.34 -20.16
N ASP A 279 -10.61 15.67 -18.96
CA ASP A 279 -11.48 14.78 -18.22
C ASP A 279 -12.74 14.50 -19.03
N TRP A 280 -13.15 15.45 -19.88
CA TRP A 280 -14.36 15.27 -20.70
C TRP A 280 -14.08 14.51 -22.00
N GLY A 281 -12.80 14.26 -22.31
CA GLY A 281 -12.43 13.61 -23.60
C GLY A 281 -12.91 12.17 -23.64
N SER A 282 -13.34 11.69 -24.80
CA SER A 282 -13.81 10.34 -24.88
C SER A 282 -13.51 9.74 -26.26
N VAL A 283 -13.44 8.41 -26.26
CA VAL A 283 -13.26 7.64 -27.45
C VAL A 283 -14.28 6.51 -27.41
N GLU A 284 -14.80 6.15 -28.57
CA GLU A 284 -15.70 5.00 -28.67
C GLU A 284 -15.42 4.29 -29.99
N THR A 285 -15.26 2.96 -29.92
CA THR A 285 -15.13 2.13 -31.12
C THR A 285 -16.18 1.02 -31.06
N LYS A 286 -16.95 0.92 -32.13
CA LYS A 286 -17.84 -0.20 -32.34
C LYS A 286 -17.29 -1.07 -33.46
N ASP A 287 -17.13 -2.36 -33.20
CA ASP A 287 -16.64 -3.31 -34.15
C ASP A 287 -17.64 -4.45 -34.26
N LYS A 288 -17.94 -4.85 -35.49
CA LYS A 288 -18.79 -6.02 -35.77
C LYS A 288 -18.10 -6.84 -36.84
N GLY A 289 -18.01 -8.15 -36.63
CA GLY A 289 -17.33 -9.03 -37.58
C GLY A 289 -18.01 -10.37 -37.74
N ALA A 290 -17.72 -11.05 -38.85
CA ALA A 290 -18.24 -12.38 -39.10
C ALA A 290 -17.35 -13.06 -40.14
N MET A 291 -17.10 -14.34 -39.94
CA MET A 291 -16.31 -15.10 -40.90
C MET A 291 -16.80 -16.55 -40.98
N ILE A 292 -16.52 -17.16 -42.13
CA ILE A 292 -16.84 -18.55 -42.35
C ILE A 292 -15.62 -19.21 -42.99
N ARG A 293 -15.35 -20.41 -42.52
CA ARG A 293 -14.29 -21.24 -43.03
C ARG A 293 -14.88 -22.61 -43.40
N GLY A 294 -14.51 -23.10 -44.57
CA GLY A 294 -14.91 -24.44 -45.03
C GLY A 294 -13.70 -25.23 -45.46
N GLU A 295 -13.71 -26.53 -45.14
CA GLU A 295 -12.66 -27.45 -45.56
C GLU A 295 -13.31 -28.68 -46.21
N TYR A 296 -12.64 -29.21 -47.24
CA TYR A 296 -13.10 -30.42 -47.94
C TYR A 296 -11.91 -31.32 -48.23
N ASP A 297 -11.96 -32.54 -47.68
CA ASP A 297 -10.91 -33.53 -47.88
C ASP A 297 -11.24 -34.37 -49.11
N PHE A 298 -10.51 -34.16 -50.21
CA PHE A 298 -10.65 -34.96 -51.41
C PHE A 298 -10.10 -36.37 -51.16
N SER A 299 -9.00 -36.44 -50.42
CA SER A 299 -8.31 -37.66 -50.05
C SER A 299 -7.39 -37.32 -48.88
N ASP A 300 -6.61 -38.29 -48.41
CA ASP A 300 -5.63 -38.04 -47.37
C ASP A 300 -4.42 -37.28 -47.95
N GLN A 301 -4.43 -36.98 -49.26
CA GLN A 301 -3.28 -36.33 -49.90
C GLN A 301 -3.64 -34.94 -50.46
N LEU A 302 -4.92 -34.57 -50.40
CA LEU A 302 -5.38 -33.33 -50.99
C LEU A 302 -6.62 -32.83 -50.25
N MET A 303 -6.59 -31.54 -49.91
CA MET A 303 -7.74 -30.89 -49.28
C MET A 303 -7.86 -29.47 -49.83
N ALA A 304 -9.09 -28.97 -49.89
CA ALA A 304 -9.36 -27.59 -50.22
C ALA A 304 -9.88 -26.88 -48.98
N TYR A 305 -9.72 -25.56 -48.96
CA TYR A 305 -10.30 -24.73 -47.92
C TYR A 305 -10.65 -23.36 -48.51
N ALA A 306 -11.65 -22.73 -47.89
CA ALA A 306 -12.00 -21.38 -48.21
C ALA A 306 -12.44 -20.67 -46.93
N ALA A 307 -12.06 -19.40 -46.82
CA ALA A 307 -12.47 -18.52 -45.71
C ALA A 307 -12.90 -17.17 -46.30
N TYR A 308 -14.02 -16.66 -45.80
CA TYR A 308 -14.53 -15.38 -46.15
C TYR A 308 -14.99 -14.68 -44.86
N GLY A 309 -14.80 -13.37 -44.83
CA GLY A 309 -15.25 -12.58 -43.70
C GLY A 309 -15.46 -11.14 -44.05
N GLN A 310 -16.10 -10.42 -43.12
CA GLN A 310 -16.31 -9.02 -43.21
C GLN A 310 -16.38 -8.42 -41.80
N SER A 311 -16.12 -7.12 -41.71
CA SER A 311 -16.24 -6.44 -40.46
C SER A 311 -16.50 -4.97 -40.74
N THR A 312 -17.04 -4.28 -39.73
CA THR A 312 -17.20 -2.87 -39.76
C THR A 312 -16.66 -2.29 -38.45
N THR A 313 -16.07 -1.11 -38.57
CA THR A 313 -15.58 -0.32 -37.47
C THR A 313 -16.20 1.06 -37.55
N GLU A 314 -16.68 1.56 -36.41
CA GLU A 314 -17.07 2.95 -36.27
C GLU A 314 -16.32 3.55 -35.09
N TYR A 315 -15.43 4.50 -35.39
CA TYR A 315 -14.56 5.14 -34.43
C TYR A 315 -14.98 6.59 -34.26
N LYS A 316 -14.98 7.04 -33.00
CA LYS A 316 -15.24 8.43 -32.68
C LYS A 316 -14.35 8.89 -31.53
N TYR A 317 -13.78 10.08 -31.66
CA TYR A 317 -12.86 10.64 -30.68
C TYR A 317 -13.15 12.13 -30.54
N ASN A 318 -13.34 12.57 -29.29
CA ASN A 318 -13.53 13.98 -28.96
C ASN A 318 -12.63 14.30 -27.77
N GLY A 319 -11.63 15.15 -27.95
CA GLY A 319 -10.66 15.38 -26.89
C GLY A 319 -9.48 16.20 -27.36
N ALA A 320 -8.35 16.01 -26.69
CA ALA A 320 -7.15 16.71 -27.07
C ALA A 320 -6.59 16.07 -28.36
N SER A 321 -6.02 16.89 -29.24
CA SER A 321 -5.20 16.30 -30.33
C SER A 321 -3.76 16.13 -29.84
N ALA A 322 -3.28 17.09 -29.04
CA ALA A 322 -2.02 16.95 -28.32
C ALA A 322 -1.94 17.98 -27.17
N GLY A 323 -1.34 17.54 -26.07
CA GLY A 323 -0.84 18.41 -25.07
C GLY A 323 0.66 18.59 -25.23
N THR A 324 1.12 19.82 -25.03
CA THR A 324 2.53 20.14 -25.10
C THR A 324 3.01 20.70 -23.76
N ILE A 325 4.08 20.10 -23.22
CA ILE A 325 4.69 20.63 -22.00
C ILE A 325 5.60 21.81 -22.38
N THR A 326 5.21 23.01 -21.92
CA THR A 326 5.85 24.24 -22.36
C THR A 326 6.74 24.86 -21.29
N SER A 327 6.77 24.28 -20.09
N SER A 327 6.79 24.26 -20.10
CA SER A 327 7.71 24.75 -19.04
CA SER A 327 7.73 24.75 -19.07
C SER A 327 8.12 23.60 -18.13
C SER A 327 8.12 23.61 -18.13
N SER A 328 9.31 23.72 -17.53
CA SER A 328 9.76 22.79 -16.51
C SER A 328 8.93 22.93 -15.23
N THR A 329 8.11 23.98 -15.13
CA THR A 329 7.18 24.08 -13.99
C THR A 329 5.99 23.14 -14.17
N GLY A 330 5.79 22.65 -15.39
CA GLY A 330 4.72 21.70 -15.68
C GLY A 330 3.58 22.27 -16.53
N THR A 331 3.76 23.51 -17.04
CA THR A 331 2.74 24.11 -17.89
C THR A 331 2.45 23.22 -19.11
N LEU A 332 1.17 22.99 -19.37
CA LEU A 332 0.68 22.15 -20.46
C LEU A 332 -0.30 22.95 -21.32
N SER A 333 -0.07 22.93 -22.62
CA SER A 333 -0.92 23.59 -23.61
C SER A 333 -1.53 22.51 -24.50
N SER A 334 -2.86 22.39 -24.46
CA SER A 334 -3.57 21.34 -25.17
C SER A 334 -4.46 21.96 -26.25
N THR A 335 -4.25 21.50 -27.48
CA THR A 335 -5.17 21.80 -28.56
C THR A 335 -6.23 20.70 -28.62
N LEU A 336 -7.45 21.06 -29.01
CA LEU A 336 -8.57 20.16 -29.03
C LEU A 336 -8.87 19.76 -30.47
N GLY A 337 -9.38 18.54 -30.66
CA GLY A 337 -9.71 18.01 -31.99
C GLY A 337 -10.79 16.95 -31.92
N GLN A 338 -11.41 16.68 -33.06
CA GLN A 338 -12.42 15.64 -33.20
C GLN A 338 -12.10 14.81 -34.44
N LEU A 339 -12.31 13.51 -34.33
CA LEU A 339 -12.10 12.59 -35.44
C LEU A 339 -13.16 11.51 -35.39
N ALA A 340 -13.69 11.14 -36.55
CA ALA A 340 -14.52 9.96 -36.66
C ALA A 340 -14.19 9.30 -37.99
N PHE A 341 -14.24 7.96 -37.99
CA PHE A 341 -14.16 7.26 -39.27
C PHE A 341 -14.99 5.99 -39.17
N ASP A 342 -15.53 5.61 -40.34
CA ASP A 342 -16.29 4.39 -40.52
C ASP A 342 -15.59 3.58 -41.60
N VAL A 343 -15.37 2.29 -41.36
CA VAL A 343 -14.69 1.47 -42.35
C VAL A 343 -15.41 0.12 -42.48
N ASP A 344 -15.66 -0.26 -43.73
N ASP A 344 -15.66 -0.26 -43.73
CA ASP A 344 -16.26 -1.54 -44.10
CA ASP A 344 -16.24 -1.54 -44.09
C ASP A 344 -15.18 -2.41 -44.78
C ASP A 344 -15.18 -2.41 -44.78
N LYS A 345 -14.98 -3.61 -44.25
CA LYS A 345 -13.90 -4.49 -44.65
C LYS A 345 -14.50 -5.80 -45.17
N LYS A 346 -13.81 -6.40 -46.15
CA LYS A 346 -14.08 -7.76 -46.60
C LYS A 346 -12.75 -8.46 -46.87
N SER A 347 -12.71 -9.77 -46.62
CA SER A 347 -11.47 -10.49 -46.76
C SER A 347 -11.74 -11.96 -47.09
N ALA A 348 -10.78 -12.57 -47.75
CA ALA A 348 -10.92 -13.95 -48.18
C ALA A 348 -9.55 -14.59 -48.29
N ASP A 349 -9.53 -15.92 -48.13
CA ASP A 349 -8.35 -16.73 -48.23
C ASP A 349 -8.81 -18.14 -48.59
N ALA A 350 -8.42 -18.62 -49.76
CA ALA A 350 -8.82 -19.95 -50.26
C ALA A 350 -7.60 -20.64 -50.87
N GLY A 351 -7.55 -21.97 -50.77
CA GLY A 351 -6.45 -22.70 -51.33
C GLY A 351 -6.61 -24.20 -51.23
N PHE A 352 -5.48 -24.86 -51.47
CA PHE A 352 -5.35 -26.28 -51.42
C PHE A 352 -4.14 -26.60 -50.58
N LYS A 353 -4.19 -27.77 -49.94
CA LYS A 353 -3.04 -28.34 -49.27
C LYS A 353 -2.95 -29.80 -49.70
N GLY A 354 -1.73 -30.34 -49.73
CA GLY A 354 -1.55 -31.72 -50.14
C GLY A 354 -0.26 -32.31 -49.65
N LYS A 355 -0.04 -33.58 -50.01
CA LYS A 355 1.15 -34.32 -49.64
C LYS A 355 1.54 -35.29 -50.76
N PHE A 356 2.84 -35.53 -50.89
CA PHE A 356 3.38 -36.54 -51.78
C PHE A 356 4.79 -36.86 -51.28
N GLU A 357 5.38 -37.94 -51.83
CA GLU A 357 6.68 -38.38 -51.44
C GLU A 357 7.55 -38.56 -52.70
N THR A 358 8.82 -38.17 -52.57
CA THR A 358 9.82 -38.40 -53.58
C THR A 358 10.95 -39.19 -52.95
N GLY A 359 10.98 -40.51 -53.21
CA GLY A 359 11.86 -41.40 -52.49
C GLY A 359 11.60 -41.34 -51.00
N SER A 360 12.65 -41.06 -50.22
CA SER A 360 12.56 -41.01 -48.77
C SER A 360 12.23 -39.59 -48.26
N VAL A 361 11.85 -38.68 -49.16
CA VAL A 361 11.55 -37.27 -48.81
C VAL A 361 10.04 -37.05 -48.89
N LYS A 362 9.44 -36.60 -47.77
CA LYS A 362 8.04 -36.32 -47.71
C LYS A 362 7.81 -34.82 -47.99
N HIS A 363 6.75 -34.54 -48.74
CA HIS A 363 6.37 -33.18 -49.15
C HIS A 363 4.99 -32.86 -48.58
N GLN A 364 4.89 -31.67 -47.96
CA GLN A 364 3.62 -31.11 -47.54
C GLN A 364 3.56 -29.68 -48.08
N TRP A 365 2.59 -29.40 -48.94
CA TRP A 365 2.56 -28.15 -49.68
C TRP A 365 1.22 -27.46 -49.46
N VAL A 366 1.21 -26.15 -49.75
CA VAL A 366 0.03 -25.37 -49.72
C VAL A 366 0.11 -24.29 -50.81
N ALA A 367 -1.05 -23.97 -51.38
CA ALA A 367 -1.16 -22.90 -52.35
C ALA A 367 -2.43 -22.12 -52.03
N ASN A 368 -2.35 -20.79 -52.04
CA ASN A 368 -3.51 -20.02 -51.70
C ASN A 368 -3.57 -18.71 -52.48
N ALA A 369 -4.77 -18.13 -52.43
CA ALA A 369 -5.07 -16.81 -52.92
C ALA A 369 -5.79 -16.05 -51.82
N THR A 370 -5.41 -14.77 -51.62
CA THR A 370 -6.03 -13.94 -50.58
C THR A 370 -6.50 -12.63 -51.22
N TYR A 371 -7.50 -12.03 -50.56
CA TYR A 371 -8.08 -10.75 -50.96
C TYR A 371 -8.46 -9.98 -49.69
N TYR A 372 -8.26 -8.67 -49.73
CA TYR A 372 -8.77 -7.76 -48.69
C TYR A 372 -9.18 -6.44 -49.36
N ASN A 373 -10.35 -5.93 -48.99
N ASN A 373 -10.34 -5.92 -48.96
CA ASN A 373 -10.80 -4.64 -49.46
CA ASN A 373 -10.84 -4.65 -49.47
C ASN A 373 -11.46 -3.89 -48.30
C ASN A 373 -11.46 -3.89 -48.31
N HIS A 374 -11.20 -2.58 -48.21
CA HIS A 374 -12.00 -1.74 -47.33
C HIS A 374 -12.37 -0.45 -48.04
N THR A 375 -13.51 0.11 -47.61
CA THR A 375 -13.92 1.45 -47.93
C THR A 375 -14.11 2.19 -46.61
N GLN A 376 -13.72 3.47 -46.60
CA GLN A 376 -13.66 4.25 -45.38
C GLN A 376 -14.15 5.67 -45.66
N ASP A 377 -14.82 6.26 -44.66
CA ASP A 377 -15.09 7.67 -44.60
C ASP A 377 -14.46 8.25 -43.34
N ASP A 378 -13.75 9.38 -43.50
CA ASP A 378 -13.17 10.12 -42.42
C ASP A 378 -13.94 11.44 -42.23
N TYR A 379 -14.03 11.86 -40.96
CA TYR A 379 -14.63 13.10 -40.53
C TYR A 379 -13.70 13.72 -39.48
N GLY A 380 -13.62 15.04 -39.43
CA GLY A 380 -12.88 15.63 -38.33
C GLY A 380 -12.80 17.14 -38.33
N TYR A 381 -12.40 17.66 -37.18
CA TYR A 381 -11.90 19.02 -37.01
C TYR A 381 -10.47 18.97 -36.51
N ARG A 382 -9.58 19.66 -37.22
CA ARG A 382 -8.29 20.02 -36.70
C ARG A 382 -8.44 21.21 -35.75
N ILE A 383 -9.33 22.13 -36.11
CA ILE A 383 -9.67 23.29 -35.26
C ILE A 383 -11.19 23.28 -35.06
N ILE A 384 -11.62 23.09 -33.81
CA ILE A 384 -13.03 23.02 -33.51
C ILE A 384 -13.57 24.45 -33.41
N PRO A 385 -14.62 24.81 -34.17
CA PRO A 385 -15.23 26.13 -34.07
C PRO A 385 -15.67 26.45 -32.63
N GLY A 386 -15.17 27.57 -32.10
CA GLY A 386 -15.51 28.00 -30.74
C GLY A 386 -14.55 27.47 -29.70
N PHE A 387 -13.61 26.63 -30.13
CA PHE A 387 -12.70 25.92 -29.20
C PHE A 387 -11.29 25.92 -29.76
N SER A 388 -10.94 27.04 -30.41
CA SER A 388 -9.73 27.13 -31.19
C SER A 388 -8.55 27.50 -30.31
N ASP A 389 -8.81 28.12 -29.16
CA ASP A 389 -7.72 28.48 -28.26
C ASP A 389 -7.27 27.22 -27.53
N PRO A 390 -5.96 27.04 -27.31
CA PRO A 390 -5.47 25.90 -26.52
C PRO A 390 -5.88 26.06 -25.05
N VAL A 391 -6.13 24.93 -24.39
CA VAL A 391 -6.43 24.89 -22.98
C VAL A 391 -5.10 24.80 -22.22
N ILE A 392 -4.91 25.72 -21.26
CA ILE A 392 -3.66 25.82 -20.53
C ILE A 392 -3.88 25.24 -19.13
N THR A 393 -3.13 24.19 -18.81
CA THR A 393 -3.20 23.55 -17.50
C THR A 393 -1.78 23.40 -16.97
N ASN A 394 -1.64 22.65 -15.89
CA ASN A 394 -0.33 22.26 -15.38
C ASN A 394 -0.39 20.77 -15.06
N ILE A 395 0.65 20.01 -15.44
CA ILE A 395 0.59 18.55 -15.28
C ILE A 395 0.53 18.16 -13.80
N TYR A 396 1.01 19.01 -12.90
CA TYR A 396 1.00 18.70 -11.49
C TYR A 396 -0.26 19.22 -10.78
N ASP A 397 -1.15 19.92 -11.48
CA ASP A 397 -2.38 20.45 -10.84
C ASP A 397 -3.31 19.28 -10.54
N PRO A 398 -3.82 19.18 -9.28
CA PRO A 398 -4.76 18.11 -8.95
C PRO A 398 -6.17 18.44 -9.44
N ASN A 399 -6.42 19.70 -9.83
CA ASN A 399 -7.75 20.10 -10.23
C ASN A 399 -7.67 20.96 -11.49
N PRO A 400 -7.20 20.40 -12.63
CA PRO A 400 -7.10 21.20 -13.85
C PRO A 400 -8.48 21.63 -14.37
N ASN A 401 -8.53 22.80 -14.98
CA ASN A 401 -9.76 23.27 -15.61
C ASN A 401 -9.68 22.99 -17.12
N TRP A 402 -10.39 21.96 -17.58
CA TRP A 402 -10.32 21.52 -18.98
C TRP A 402 -11.35 22.26 -19.84
N GLY A 403 -12.18 23.10 -19.22
CA GLY A 403 -13.16 23.88 -19.96
C GLY A 403 -14.36 23.03 -20.40
N PRO A 404 -15.31 23.61 -21.15
CA PRO A 404 -16.50 22.85 -21.55
C PRO A 404 -16.18 21.81 -22.64
N LYS A 405 -17.01 20.76 -22.67
CA LYS A 405 -16.94 19.72 -23.65
C LYS A 405 -17.56 20.21 -24.95
N PRO A 406 -16.82 20.24 -26.08
CA PRO A 406 -17.42 20.63 -27.35
C PRO A 406 -18.41 19.57 -27.81
N GLU A 407 -19.50 20.02 -28.44
CA GLU A 407 -20.42 19.13 -29.08
C GLU A 407 -19.67 18.37 -30.19
N PHE A 408 -20.12 17.16 -30.49
CA PHE A 408 -19.43 16.30 -31.44
C PHE A 408 -20.14 16.36 -32.79
N THR A 409 -19.59 17.14 -33.72
CA THR A 409 -20.17 17.32 -35.07
C THR A 409 -19.06 17.40 -36.13
N PRO A 410 -18.08 16.48 -36.17
CA PRO A 410 -16.97 16.63 -37.12
C PRO A 410 -17.49 16.51 -38.56
N PRO A 411 -17.15 17.45 -39.47
CA PRO A 411 -17.60 17.36 -40.86
C PRO A 411 -16.85 16.27 -41.66
N PHE A 412 -17.50 15.78 -42.72
CA PHE A 412 -16.92 14.83 -43.65
C PHE A 412 -15.66 15.40 -44.31
N LEU A 413 -14.59 14.59 -44.34
CA LEU A 413 -13.33 15.03 -44.91
C LEU A 413 -13.08 14.32 -46.25
N PHE A 414 -13.07 12.99 -46.27
CA PHE A 414 -12.71 12.27 -47.52
C PHE A 414 -13.11 10.79 -47.40
N HIS A 415 -13.31 10.19 -48.57
CA HIS A 415 -13.54 8.80 -48.76
C HIS A 415 -12.19 8.17 -49.17
N SER A 416 -11.92 6.95 -48.71
CA SER A 416 -10.67 6.26 -49.07
C SER A 416 -10.94 4.77 -49.20
N THR A 417 -10.06 4.08 -49.93
CA THR A 417 -10.17 2.65 -50.12
C THR A 417 -8.76 2.05 -50.06
N LEU A 418 -8.72 0.76 -49.71
CA LEU A 418 -7.54 -0.04 -49.75
C LEU A 418 -7.93 -1.42 -50.26
N SER A 419 -7.14 -1.93 -51.20
N SER A 419 -7.11 -1.95 -51.15
CA SER A 419 -7.34 -3.23 -51.80
CA SER A 419 -7.35 -3.22 -51.79
C SER A 419 -6.01 -3.97 -51.86
C SER A 419 -6.03 -3.98 -51.90
N THR A 420 -6.02 -5.24 -51.45
CA THR A 420 -4.83 -6.08 -51.52
C THR A 420 -5.21 -7.47 -52.00
N SER A 421 -4.30 -8.10 -52.73
CA SER A 421 -4.53 -9.49 -53.14
C SER A 421 -3.17 -10.19 -53.21
N SER A 422 -3.17 -11.51 -52.99
CA SER A 422 -1.92 -12.25 -53.10
C SER A 422 -2.19 -13.68 -53.60
N PHE A 423 -1.09 -14.30 -54.05
CA PHE A 423 -1.08 -15.70 -54.42
C PHE A 423 0.22 -16.25 -53.86
N GLY A 424 0.11 -17.38 -53.16
CA GLY A 424 1.27 -17.94 -52.52
C GLY A 424 1.36 -19.45 -52.66
N LEU A 425 2.60 -19.94 -52.55
CA LEU A 425 2.90 -21.36 -52.67
C LEU A 425 4.06 -21.67 -51.72
N ALA A 426 3.96 -22.80 -51.00
CA ALA A 426 5.07 -23.29 -50.21
C ALA A 426 5.06 -24.83 -50.17
N ASP A 427 6.27 -25.37 -50.00
CA ASP A 427 6.47 -26.79 -49.81
C ASP A 427 7.42 -26.97 -48.63
N THR A 428 7.07 -27.93 -47.75
CA THR A 428 7.96 -28.36 -46.71
C THR A 428 8.42 -29.78 -47.05
N LEU A 429 9.73 -29.93 -47.27
CA LEU A 429 10.37 -31.18 -47.57
C LEU A 429 10.94 -31.73 -46.26
N SER A 430 10.56 -32.97 -45.91
CA SER A 430 11.04 -33.65 -44.68
C SER A 430 11.91 -34.86 -45.05
N PHE A 431 13.19 -34.77 -44.67
CA PHE A 431 14.25 -35.75 -44.91
C PHE A 431 14.52 -36.53 -43.62
N ALA A 432 15.06 -37.74 -43.77
CA ALA A 432 15.73 -38.49 -42.67
C ALA A 432 14.74 -38.76 -41.55
N GLN A 433 13.60 -39.34 -41.91
CA GLN A 433 12.54 -39.67 -40.96
C GLN A 433 12.11 -38.42 -40.20
N ASP A 434 11.93 -37.33 -40.96
CA ASP A 434 11.28 -36.11 -40.49
C ASP A 434 12.19 -35.34 -39.53
N LYS A 435 13.49 -35.64 -39.52
CA LYS A 435 14.42 -34.96 -38.61
C LYS A 435 14.95 -33.65 -39.24
N VAL A 436 14.85 -33.54 -40.57
CA VAL A 436 15.31 -32.33 -41.27
C VAL A 436 14.16 -31.84 -42.15
N GLN A 437 13.71 -30.61 -41.90
CA GLN A 437 12.50 -30.08 -42.53
C GLN A 437 12.82 -28.72 -43.17
N LEU A 438 12.77 -28.68 -44.51
CA LEU A 438 13.10 -27.47 -45.29
C LEU A 438 11.81 -26.93 -45.91
N THR A 439 11.49 -25.67 -45.57
CA THR A 439 10.31 -25.00 -46.11
C THR A 439 10.80 -23.92 -47.09
N LEU A 440 10.21 -23.91 -48.28
CA LEU A 440 10.51 -22.94 -49.35
C LEU A 440 9.18 -22.42 -49.87
N GLY A 441 9.13 -21.14 -50.22
CA GLY A 441 7.94 -20.63 -50.85
C GLY A 441 8.12 -19.24 -51.41
N LEU A 442 7.09 -18.81 -52.15
CA LEU A 442 7.01 -17.42 -52.53
C LEU A 442 5.56 -16.96 -52.54
N ARG A 443 5.39 -15.63 -52.45
CA ARG A 443 4.10 -15.01 -52.53
C ARG A 443 4.21 -13.74 -53.39
N HIS A 444 3.21 -13.54 -54.24
CA HIS A 444 3.12 -12.36 -55.07
C HIS A 444 1.96 -11.53 -54.51
N GLN A 445 2.27 -10.29 -54.17
CA GLN A 445 1.38 -9.41 -53.42
C GLN A 445 1.09 -8.15 -54.25
N THR A 446 -0.18 -7.76 -54.30
CA THR A 446 -0.58 -6.52 -54.92
C THR A 446 -1.30 -5.63 -53.90
N VAL A 447 -1.25 -4.31 -54.10
CA VAL A 447 -1.94 -3.34 -53.25
C VAL A 447 -2.29 -2.10 -54.07
N LYS A 448 -3.46 -1.53 -53.76
CA LYS A 448 -3.86 -0.26 -54.29
C LYS A 448 -4.65 0.51 -53.22
N ALA A 449 -4.31 1.80 -53.07
CA ALA A 449 -5.06 2.73 -52.21
C ALA A 449 -5.62 3.88 -53.05
N THR A 450 -6.77 4.39 -52.62
CA THR A 450 -7.34 5.61 -53.19
C THR A 450 -7.80 6.54 -52.07
N SER A 451 -7.89 7.83 -52.41
CA SER A 451 -8.49 8.85 -51.55
C SER A 451 -9.22 9.89 -52.41
N SER A 452 -10.42 10.28 -51.99
CA SER A 452 -11.27 11.20 -52.76
C SER A 452 -10.69 12.61 -52.78
N VAL A 453 -9.67 12.92 -51.97
CA VAL A 453 -9.06 14.24 -52.01
C VAL A 453 -7.63 14.19 -52.55
N ASN A 454 -7.15 13.02 -52.97
CA ASN A 454 -5.84 12.91 -53.60
C ASN A 454 -5.98 13.40 -55.04
N THR A 455 -5.09 14.31 -55.46
CA THR A 455 -5.06 14.69 -56.88
C THR A 455 -3.95 13.92 -57.62
N LEU A 456 -3.03 13.30 -56.87
CA LEU A 456 -1.92 12.55 -57.46
C LEU A 456 -2.44 11.22 -58.00
N PRO A 457 -1.70 10.57 -58.93
CA PRO A 457 -2.18 9.34 -59.56
C PRO A 457 -2.40 8.23 -58.52
N GLU A 458 -3.35 7.35 -58.81
CA GLU A 458 -3.61 6.17 -57.97
C GLU A 458 -3.48 4.91 -58.83
N ASN A 459 -2.51 4.07 -58.50
CA ASN A 459 -2.20 2.86 -59.32
C ASN A 459 -1.84 1.72 -58.36
N ALA A 460 -2.21 0.51 -58.77
CA ALA A 460 -1.80 -0.74 -58.06
C ALA A 460 -0.30 -0.96 -58.25
N LYS A 461 0.33 -1.52 -57.22
CA LYS A 461 1.73 -1.91 -57.28
C LYS A 461 1.86 -3.31 -56.69
N SER A 462 2.95 -3.99 -57.01
CA SER A 462 3.11 -5.41 -56.68
C SER A 462 4.53 -5.64 -56.21
N ALA A 463 4.72 -6.76 -55.50
CA ALA A 463 6.01 -7.28 -55.18
C ALA A 463 5.92 -8.80 -55.02
N THR A 464 7.08 -9.44 -55.11
CA THR A 464 7.20 -10.88 -54.93
C THR A 464 8.18 -11.14 -53.78
N THR A 465 7.72 -11.94 -52.81
CA THR A 465 8.42 -12.15 -51.57
C THR A 465 8.71 -13.65 -51.39
N PRO A 466 9.98 -14.03 -51.18
CA PRO A 466 10.31 -15.42 -50.89
C PRO A 466 10.41 -15.67 -49.37
N GLY A 467 10.43 -16.95 -48.99
CA GLY A 467 10.79 -17.35 -47.65
C GLY A 467 11.43 -18.73 -47.68
N VAL A 468 12.39 -18.94 -46.78
CA VAL A 468 12.99 -20.24 -46.62
C VAL A 468 13.26 -20.47 -45.12
N ALA A 469 12.99 -21.69 -44.66
CA ALA A 469 13.24 -22.04 -43.28
C ALA A 469 13.75 -23.48 -43.22
N LEU A 470 14.66 -23.72 -42.27
CA LEU A 470 15.23 -25.04 -42.08
C LEU A 470 15.13 -25.38 -40.60
N LEU A 471 14.61 -26.58 -40.32
CA LEU A 471 14.53 -27.08 -38.98
C LEU A 471 15.19 -28.48 -38.89
N ILE A 472 16.08 -28.64 -37.92
CA ILE A 472 16.74 -29.91 -37.64
C ILE A 472 16.37 -30.36 -36.21
N LYS A 473 15.74 -31.54 -36.13
CA LYS A 473 15.47 -32.18 -34.85
C LYS A 473 16.71 -32.94 -34.42
N ALA A 474 17.57 -32.28 -33.64
CA ALA A 474 18.81 -32.86 -33.17
C ALA A 474 18.52 -34.07 -32.28
N THR A 475 17.45 -33.97 -31.48
CA THR A 475 16.86 -35.10 -30.76
C THR A 475 15.35 -34.94 -30.79
N ASP A 476 14.64 -35.84 -30.10
N ASP A 476 14.63 -35.84 -30.10
CA ASP A 476 13.20 -35.78 -29.91
CA ASP A 476 13.19 -35.74 -29.98
C ASP A 476 12.81 -34.55 -29.07
C ASP A 476 12.80 -34.56 -29.06
N LYS A 477 13.79 -33.95 -28.39
CA LYS A 477 13.53 -32.86 -27.43
C LYS A 477 14.11 -31.51 -27.88
N ILE A 478 15.06 -31.55 -28.83
CA ILE A 478 15.88 -30.40 -29.20
C ILE A 478 15.73 -30.15 -30.69
N SER A 479 15.40 -28.90 -31.05
CA SER A 479 15.36 -28.47 -32.44
C SER A 479 16.27 -27.27 -32.63
N VAL A 480 16.97 -27.23 -33.77
N VAL A 480 16.98 -27.24 -33.76
CA VAL A 480 17.70 -26.05 -34.20
CA VAL A 480 17.72 -26.07 -34.21
C VAL A 480 17.06 -25.57 -35.51
C VAL A 480 17.06 -25.58 -35.50
N TYR A 481 16.98 -24.25 -35.70
CA TYR A 481 16.27 -23.72 -36.86
C TYR A 481 16.90 -22.43 -37.36
N ALA A 482 16.59 -22.11 -38.61
CA ALA A 482 16.97 -20.84 -39.22
C ALA A 482 15.89 -20.44 -40.22
N ASN A 483 15.74 -19.14 -40.45
CA ASN A 483 14.82 -18.71 -41.47
C ASN A 483 15.33 -17.42 -42.12
N TYR A 484 14.86 -17.21 -43.34
CA TYR A 484 14.85 -15.91 -44.00
C TYR A 484 13.43 -15.68 -44.47
N ILE A 485 12.87 -14.53 -44.09
CA ILE A 485 11.51 -14.19 -44.48
C ILE A 485 11.37 -12.67 -44.46
N GLU A 486 10.37 -12.18 -45.20
CA GLU A 486 10.19 -10.76 -45.38
C GLU A 486 8.85 -10.33 -44.79
N GLY A 487 8.71 -9.01 -44.60
CA GLY A 487 7.45 -8.37 -44.38
C GLY A 487 7.25 -7.27 -45.39
N LEU A 488 5.98 -7.01 -45.72
CA LEU A 488 5.66 -6.02 -46.74
C LEU A 488 4.87 -4.87 -46.13
N THR A 489 5.12 -3.67 -46.65
CA THR A 489 4.41 -2.47 -46.29
C THR A 489 4.13 -1.71 -47.60
N LYS A 490 2.90 -1.24 -47.74
CA LYS A 490 2.47 -0.44 -48.91
C LYS A 490 3.48 0.67 -49.14
N GLY A 491 3.85 0.89 -50.40
CA GLY A 491 4.79 1.94 -50.72
C GLY A 491 4.20 3.33 -50.51
N ASP A 492 5.04 4.26 -50.11
CA ASP A 492 4.66 5.67 -50.00
C ASP A 492 4.61 6.30 -51.40
N GLN A 493 3.99 7.48 -51.47
CA GLN A 493 3.87 8.25 -52.72
C GLN A 493 4.65 9.56 -52.58
N ALA A 494 5.49 9.84 -53.58
CA ALA A 494 6.30 11.05 -53.61
C ALA A 494 5.37 12.26 -53.72
N PRO A 495 5.59 13.32 -52.92
CA PRO A 495 4.77 14.52 -53.01
C PRO A 495 4.98 15.32 -54.31
N ALA A 496 4.12 16.31 -54.56
CA ALA A 496 4.16 17.17 -55.76
C ALA A 496 5.43 18.03 -55.82
N THR A 497 6.13 18.15 -54.68
CA THR A 497 7.34 18.98 -54.55
C THR A 497 8.61 18.22 -54.97
N ALA A 498 8.50 16.91 -55.23
CA ALA A 498 9.68 16.07 -55.50
C ALA A 498 10.08 16.16 -56.99
N SER A 499 11.29 15.72 -57.31
CA SER A 499 11.73 15.55 -58.70
C SER A 499 10.91 14.46 -59.40
N ASN A 500 10.40 13.52 -58.60
CA ASN A 500 9.66 12.35 -59.09
C ASN A 500 8.24 12.42 -58.56
N PRO A 501 7.53 13.54 -58.79
CA PRO A 501 6.24 13.77 -58.12
C PRO A 501 5.22 12.67 -58.45
N GLY A 502 4.53 12.16 -57.43
CA GLY A 502 3.44 11.24 -57.59
C GLY A 502 3.90 9.79 -57.80
N GLU A 503 5.21 9.54 -57.81
CA GLU A 503 5.71 8.16 -57.92
C GLU A 503 5.22 7.37 -56.69
N ILE A 504 4.60 6.22 -56.95
CA ILE A 504 4.19 5.28 -55.88
C ILE A 504 5.18 4.12 -55.82
N PHE A 505 5.89 3.98 -54.70
CA PHE A 505 6.82 2.89 -54.52
C PHE A 505 6.04 1.57 -54.41
N PRO A 506 6.64 0.45 -54.87
CA PRO A 506 6.04 -0.86 -54.70
C PRO A 506 6.03 -1.21 -53.21
N PRO A 507 5.37 -2.31 -52.81
CA PRO A 507 5.45 -2.79 -51.44
C PRO A 507 6.92 -2.92 -51.03
N GLN A 508 7.23 -2.40 -49.84
CA GLN A 508 8.57 -2.28 -49.32
C GLN A 508 8.90 -3.50 -48.45
N LYS A 509 10.11 -4.06 -48.66
CA LYS A 509 10.48 -5.33 -48.05
C LYS A 509 11.29 -5.10 -46.77
N THR A 510 10.66 -5.46 -45.65
CA THR A 510 11.35 -5.74 -44.41
C THR A 510 11.97 -7.14 -44.54
N LYS A 511 13.19 -7.32 -44.04
CA LYS A 511 13.90 -8.60 -44.24
C LYS A 511 14.44 -9.10 -42.90
N GLN A 512 14.15 -10.37 -42.61
CA GLN A 512 14.62 -11.03 -41.41
C GLN A 512 15.51 -12.22 -41.77
N GLN A 513 16.60 -12.34 -41.03
CA GLN A 513 17.29 -13.62 -40.85
C GLN A 513 17.25 -13.97 -39.36
N GLU A 514 17.08 -15.27 -39.07
CA GLU A 514 16.92 -15.75 -37.71
C GLU A 514 17.63 -17.11 -37.58
N LEU A 515 18.23 -17.32 -36.41
CA LEU A 515 18.78 -18.62 -35.98
C LEU A 515 18.27 -18.91 -34.56
N GLY A 516 17.82 -20.13 -34.32
CA GLY A 516 17.23 -20.43 -33.02
C GLY A 516 17.47 -21.86 -32.56
N LEU A 517 17.13 -22.08 -31.29
CA LEU A 517 17.23 -23.36 -30.60
C LEU A 517 16.01 -23.48 -29.70
N LYS A 518 15.33 -24.63 -29.77
CA LYS A 518 14.22 -24.94 -28.90
C LYS A 518 14.50 -26.27 -28.17
N VAL A 519 14.20 -26.29 -26.87
CA VAL A 519 14.37 -27.47 -26.03
C VAL A 519 13.08 -27.69 -25.23
N ASP A 520 12.46 -28.86 -25.43
CA ASP A 520 11.31 -29.29 -24.64
C ASP A 520 11.79 -30.37 -23.67
N LEU A 521 11.97 -30.00 -22.40
CA LEU A 521 12.49 -30.94 -21.38
C LEU A 521 11.39 -31.91 -20.94
N GLY A 522 10.13 -31.65 -21.31
CA GLY A 522 8.99 -32.47 -20.96
C GLY A 522 7.83 -31.65 -20.42
N THR A 523 8.05 -30.99 -19.27
CA THR A 523 7.03 -30.13 -18.66
C THR A 523 7.51 -28.66 -18.65
N PHE A 524 8.73 -28.43 -19.12
CA PHE A 524 9.31 -27.10 -19.19
C PHE A 524 10.07 -26.98 -20.51
N ALA A 525 9.95 -25.82 -21.17
CA ALA A 525 10.51 -25.59 -22.50
C ALA A 525 11.24 -24.24 -22.54
N HIS A 526 12.29 -24.21 -23.36
CA HIS A 526 13.12 -23.03 -23.61
C HIS A 526 13.19 -22.73 -25.11
N THR A 527 13.32 -21.44 -25.44
CA THR A 527 13.67 -20.97 -26.79
C THR A 527 14.81 -19.97 -26.67
N LEU A 528 15.83 -20.12 -27.53
CA LEU A 528 16.89 -19.18 -27.64
C LEU A 528 16.99 -18.77 -29.12
N SER A 529 16.78 -17.49 -29.43
CA SER A 529 16.86 -17.07 -30.83
C SER A 529 17.57 -15.72 -30.99
N ALA A 530 18.18 -15.58 -32.18
CA ALA A 530 18.87 -14.40 -32.58
C ALA A 530 18.35 -14.00 -33.96
N PHE A 531 18.18 -12.69 -34.17
CA PHE A 531 17.61 -12.22 -35.40
C PHE A 531 18.24 -10.90 -35.80
N GLU A 532 18.18 -10.63 -37.11
CA GLU A 532 18.44 -9.33 -37.65
C GLU A 532 17.32 -9.00 -38.63
N ILE A 533 16.67 -7.86 -38.41
CA ILE A 533 15.54 -7.46 -39.25
C ILE A 533 15.84 -6.04 -39.73
N THR A 534 15.81 -5.85 -41.06
CA THR A 534 15.93 -4.52 -41.64
C THR A 534 14.58 -4.08 -42.17
N LYS A 535 14.24 -2.81 -41.89
CA LYS A 535 12.98 -2.25 -42.36
C LYS A 535 13.27 -0.94 -43.09
N PRO A 536 12.82 -0.81 -44.35
CA PRO A 536 13.07 0.41 -45.10
C PRO A 536 12.10 1.54 -44.74
N SER A 537 12.52 2.79 -45.01
CA SER A 537 11.64 3.93 -44.94
C SER A 537 11.99 4.87 -46.11
N SER A 538 11.03 5.74 -46.40
CA SER A 538 11.11 6.62 -47.56
C SER A 538 11.11 8.08 -47.08
N TYR A 539 11.79 8.97 -47.81
CA TYR A 539 11.80 10.39 -47.49
C TYR A 539 12.27 11.22 -48.69
N LEU A 540 12.07 12.52 -48.60
CA LEU A 540 12.53 13.52 -49.57
C LEU A 540 13.99 13.86 -49.27
N ASP A 541 14.91 13.51 -50.19
CA ASP A 541 16.35 13.68 -50.04
C ASP A 541 16.83 14.96 -50.74
N PRO A 542 17.22 16.02 -50.00
CA PRO A 542 17.65 17.28 -50.63
C PRO A 542 19.06 17.22 -51.24
N SER A 543 19.80 16.15 -50.96
CA SER A 543 21.14 15.96 -51.49
C SER A 543 21.10 15.35 -52.91
N LYS A 544 19.95 14.78 -53.30
CA LYS A 544 19.85 14.05 -54.55
C LYS A 544 18.94 14.82 -55.50
N LEU A 545 19.58 15.70 -56.30
CA LEU A 545 18.87 16.65 -57.14
C LEU A 545 18.69 16.03 -58.52
N VAL A 546 17.46 16.09 -59.00
CA VAL A 546 17.06 15.74 -60.33
C VAL A 546 16.17 16.89 -60.84
N ASN A 547 16.58 17.49 -61.97
CA ASN A 547 15.98 18.73 -62.44
C ASN A 547 16.00 19.77 -61.32
N ASN A 548 17.10 19.81 -60.57
CA ASN A 548 17.35 20.81 -59.54
C ASN A 548 16.29 20.70 -58.43
N LEU A 549 15.67 19.51 -58.29
CA LEU A 549 14.66 19.29 -57.25
C LEU A 549 15.08 18.13 -56.36
N PRO A 550 14.68 18.15 -55.07
CA PRO A 550 14.92 17.01 -54.18
C PRO A 550 14.15 15.77 -54.69
N THR A 551 14.73 14.59 -54.46
CA THR A 551 14.17 13.34 -54.95
C THR A 551 13.66 12.49 -53.76
N PHE A 552 12.45 11.96 -53.90
CA PHE A 552 11.83 11.05 -52.94
C PHE A 552 12.43 9.64 -53.11
N VAL A 553 13.03 9.12 -52.04
CA VAL A 553 13.81 7.89 -52.10
C VAL A 553 13.32 6.90 -51.03
N SER A 554 13.62 5.61 -51.24
CA SER A 554 13.24 4.52 -50.34
C SER A 554 14.50 3.96 -49.67
N ASP A 555 15.43 4.88 -49.36
CA ASP A 555 16.80 4.64 -48.92
C ASP A 555 16.91 4.52 -47.39
N GLY A 556 15.88 4.92 -46.66
CA GLY A 556 16.00 4.91 -45.20
C GLY A 556 16.03 3.48 -44.70
N GLU A 557 16.59 3.28 -43.50
CA GLU A 557 16.62 1.95 -42.93
C GLU A 557 16.70 2.03 -41.40
N GLN A 558 15.98 1.08 -40.79
CA GLN A 558 16.16 0.70 -39.41
C GLN A 558 16.57 -0.78 -39.38
N ARG A 559 17.54 -1.10 -38.54
CA ARG A 559 18.03 -2.46 -38.38
C ARG A 559 17.93 -2.85 -36.91
N ASN A 560 17.10 -3.86 -36.65
CA ASN A 560 16.93 -4.41 -35.31
C ASN A 560 17.64 -5.76 -35.23
N ARG A 561 18.65 -5.82 -34.36
CA ARG A 561 19.33 -7.04 -34.04
C ARG A 561 18.94 -7.42 -32.61
N GLY A 562 18.68 -8.69 -32.39
CA GLY A 562 18.22 -9.10 -31.08
C GLY A 562 18.62 -10.51 -30.74
N ILE A 563 18.63 -10.77 -29.43
N ILE A 563 18.65 -10.77 -29.43
CA ILE A 563 18.78 -12.09 -28.86
CA ILE A 563 18.78 -12.11 -28.90
C ILE A 563 17.69 -12.25 -27.79
C ILE A 563 17.75 -12.28 -27.78
N GLU A 564 17.03 -13.42 -27.82
N GLU A 564 17.00 -13.40 -27.84
CA GLU A 564 15.86 -13.74 -26.98
CA GLU A 564 15.94 -13.69 -26.89
C GLU A 564 16.11 -15.08 -26.28
C GLU A 564 16.17 -15.07 -26.26
N TRP A 565 15.97 -15.12 -24.94
CA TRP A 565 15.86 -16.37 -24.20
C TRP A 565 14.53 -16.37 -23.46
N SER A 566 13.65 -17.32 -23.80
CA SER A 566 12.37 -17.39 -23.11
C SER A 566 12.03 -18.84 -22.76
N PHE A 567 11.04 -19.01 -21.88
CA PHE A 567 10.71 -20.33 -21.35
C PHE A 567 9.28 -20.30 -20.87
N PHE A 568 8.68 -21.51 -20.78
CA PHE A 568 7.35 -21.64 -20.23
C PHE A 568 7.17 -23.05 -19.69
N GLY A 569 6.14 -23.22 -18.85
CA GLY A 569 5.75 -24.53 -18.37
C GLY A 569 5.90 -24.65 -16.87
N SER A 570 6.17 -25.88 -16.43
CA SER A 570 6.23 -26.23 -15.04
C SER A 570 7.58 -26.86 -14.75
N PRO A 571 8.55 -26.11 -14.20
CA PRO A 571 9.90 -26.63 -14.02
C PRO A 571 9.97 -27.64 -12.86
N ILE A 572 8.99 -27.59 -11.95
CA ILE A 572 8.83 -28.60 -10.88
C ILE A 572 7.35 -28.64 -10.51
N GLU A 573 6.93 -29.72 -9.84
CA GLU A 573 5.51 -29.90 -9.57
C GLU A 573 5.00 -28.75 -8.70
N HIS A 574 3.78 -28.30 -9.04
CA HIS A 574 3.03 -27.26 -8.34
C HIS A 574 3.58 -25.86 -8.61
N VAL A 575 4.52 -25.74 -9.55
CA VAL A 575 5.08 -24.44 -9.93
C VAL A 575 4.93 -24.26 -11.45
N ARG A 576 4.57 -23.03 -11.83
CA ARG A 576 4.58 -22.61 -13.21
C ARG A 576 5.47 -21.37 -13.34
N LEU A 577 6.22 -21.30 -14.44
CA LEU A 577 7.14 -20.21 -14.70
C LEU A 577 7.12 -19.88 -16.19
N MET A 578 6.93 -18.60 -16.52
N MET A 578 7.04 -18.59 -16.51
CA MET A 578 6.94 -18.08 -17.91
CA MET A 578 7.02 -18.12 -17.90
C MET A 578 7.70 -16.75 -17.93
C MET A 578 7.67 -16.74 -17.96
N GLY A 579 8.59 -16.57 -18.90
CA GLY A 579 9.28 -15.32 -19.05
C GLY A 579 10.52 -15.46 -19.88
N GLY A 580 11.42 -14.50 -19.71
CA GLY A 580 12.65 -14.48 -20.46
C GLY A 580 13.36 -13.14 -20.38
N PHE A 581 14.43 -13.08 -21.16
CA PHE A 581 15.34 -11.94 -21.24
C PHE A 581 15.59 -11.66 -22.73
N THR A 582 15.63 -10.38 -23.09
CA THR A 582 16.02 -9.99 -24.44
C THR A 582 17.01 -8.83 -24.40
N TYR A 583 17.94 -8.85 -25.36
CA TYR A 583 18.73 -7.71 -25.74
C TYR A 583 18.37 -7.33 -27.18
N LEU A 584 18.04 -6.05 -27.38
CA LEU A 584 17.67 -5.51 -28.68
C LEU A 584 18.58 -4.33 -28.99
N ASP A 585 19.05 -4.30 -30.24
CA ASP A 585 19.81 -3.18 -30.76
C ASP A 585 19.05 -2.61 -31.96
N PRO A 586 18.15 -1.64 -31.74
CA PRO A 586 17.32 -1.09 -32.81
C PRO A 586 17.97 0.19 -33.34
N GLU A 587 18.69 0.05 -34.46
CA GLU A 587 19.56 1.13 -34.93
C GLU A 587 18.97 1.78 -36.18
N LEU A 588 19.00 3.12 -36.21
CA LEU A 588 18.63 3.88 -37.39
C LEU A 588 19.88 3.98 -38.28
N THR A 589 19.99 3.04 -39.23
CA THR A 589 21.24 2.89 -39.99
C THR A 589 21.32 3.93 -41.12
N LYS A 590 20.17 4.29 -41.70
CA LYS A 590 20.16 5.27 -42.78
C LYS A 590 18.95 6.20 -42.58
N THR A 591 19.23 7.50 -42.48
CA THR A 591 18.26 8.52 -42.16
C THR A 591 18.46 9.71 -43.11
N LYS A 592 17.42 10.52 -43.25
CA LYS A 592 17.43 11.74 -44.08
C LYS A 592 18.63 12.63 -43.74
N SER A 593 19.47 12.86 -44.76
CA SER A 593 20.69 13.68 -44.72
C SER A 593 21.76 13.08 -43.81
N GLY A 594 21.58 11.83 -43.35
CA GLY A 594 22.56 11.21 -42.49
C GLY A 594 22.50 11.70 -41.04
N GLY A 595 21.58 12.62 -40.76
CA GLY A 595 21.57 13.35 -39.47
C GLY A 595 21.48 12.43 -38.24
N ASN A 596 20.69 11.37 -38.34
CA ASN A 596 20.45 10.50 -37.18
C ASN A 596 21.04 9.11 -37.42
N ASP A 597 21.98 9.01 -38.36
CA ASP A 597 22.61 7.70 -38.63
C ASP A 597 23.32 7.19 -37.39
N GLY A 598 23.11 5.90 -37.07
CA GLY A 598 23.76 5.27 -35.96
C GLY A 598 23.05 5.54 -34.63
N HIS A 599 21.96 6.30 -34.67
CA HIS A 599 21.18 6.55 -33.43
C HIS A 599 20.30 5.33 -33.11
N THR A 600 19.80 5.30 -31.88
CA THR A 600 18.90 4.25 -31.42
C THR A 600 17.47 4.67 -31.74
N ALA A 601 16.65 3.73 -32.23
CA ALA A 601 15.25 3.99 -32.53
C ALA A 601 14.52 4.42 -31.26
N VAL A 602 13.45 5.19 -31.46
CA VAL A 602 12.66 5.71 -30.34
C VAL A 602 11.82 4.58 -29.72
N ALA A 603 11.40 4.81 -28.47
CA ALA A 603 10.23 4.20 -27.82
C ALA A 603 10.60 2.89 -27.14
N VAL A 604 11.41 2.05 -27.80
CA VAL A 604 11.64 0.69 -27.34
C VAL A 604 12.87 0.63 -26.44
N PRO A 605 12.85 -0.24 -25.41
CA PRO A 605 14.02 -0.45 -24.57
C PRO A 605 14.98 -1.43 -25.24
N LYS A 606 16.26 -1.34 -24.90
CA LYS A 606 17.25 -2.29 -25.41
C LYS A 606 17.26 -3.58 -24.57
N ASN A 607 16.89 -3.48 -23.30
CA ASN A 607 16.94 -4.66 -22.41
C ASN A 607 15.54 -4.87 -21.81
N GLN A 608 15.10 -6.14 -21.75
CA GLN A 608 13.91 -6.51 -21.02
C GLN A 608 14.16 -7.81 -20.27
N ALA A 609 13.60 -7.89 -19.06
CA ALA A 609 13.57 -9.11 -18.29
C ALA A 609 12.18 -9.24 -17.66
N LYS A 610 11.51 -10.35 -17.94
CA LYS A 610 10.18 -10.58 -17.46
C LYS A 610 10.12 -11.99 -16.85
N LEU A 611 9.39 -12.11 -15.74
N LEU A 611 9.42 -12.11 -15.71
CA LEU A 611 9.17 -13.42 -15.14
CA LEU A 611 9.19 -13.41 -15.10
C LEU A 611 7.81 -13.42 -14.44
C LEU A 611 7.80 -13.41 -14.45
N GLY A 612 6.99 -14.41 -14.80
CA GLY A 612 5.75 -14.69 -14.13
C GLY A 612 5.80 -16.09 -13.53
N ALA A 613 5.51 -16.17 -12.23
CA ALA A 613 5.58 -17.43 -11.51
C ALA A 613 4.26 -17.64 -10.81
N GLU A 614 3.89 -18.93 -10.66
CA GLU A 614 2.74 -19.32 -9.88
C GLU A 614 3.14 -20.54 -9.03
N TRP A 615 2.57 -20.62 -7.82
CA TRP A 615 2.84 -21.72 -6.88
C TRP A 615 1.51 -22.18 -6.28
N ASP A 616 1.24 -23.49 -6.39
CA ASP A 616 0.00 -24.10 -5.94
C ASP A 616 0.21 -24.85 -4.60
N THR A 617 -0.77 -24.77 -3.71
N THR A 617 -0.79 -24.76 -3.73
CA THR A 617 -0.79 -25.61 -2.49
CA THR A 617 -0.85 -25.50 -2.47
C THR A 617 -2.25 -25.93 -2.18
C THR A 617 -2.30 -25.96 -2.25
N GLN A 618 -2.48 -27.14 -1.63
CA GLN A 618 -3.84 -27.58 -1.25
C GLN A 618 -4.29 -26.85 0.03
N VAL A 619 -5.48 -26.26 -0.01
CA VAL A 619 -6.07 -25.63 1.19
C VAL A 619 -7.51 -26.09 1.28
N ALA A 620 -7.85 -26.78 2.38
CA ALA A 620 -9.18 -27.33 2.55
C ALA A 620 -9.49 -28.19 1.32
N GLN A 621 -10.68 -28.00 0.73
CA GLN A 621 -11.09 -28.74 -0.44
C GLN A 621 -10.91 -27.88 -1.70
N GLY A 622 -9.67 -27.46 -1.95
CA GLY A 622 -9.35 -26.70 -3.16
C GLY A 622 -7.87 -26.42 -3.30
N THR A 623 -7.53 -25.66 -4.34
CA THR A 623 -6.15 -25.34 -4.63
C THR A 623 -5.97 -23.82 -4.56
N LEU A 624 -5.05 -23.40 -3.70
CA LEU A 624 -4.65 -22.03 -3.60
C LEU A 624 -3.43 -21.82 -4.50
N THR A 625 -3.51 -20.81 -5.37
CA THR A 625 -2.38 -20.39 -6.18
C THR A 625 -1.96 -18.97 -5.78
N LEU A 626 -0.66 -18.77 -5.57
CA LEU A 626 -0.09 -17.46 -5.41
C LEU A 626 0.71 -17.14 -6.67
N SER A 627 0.62 -15.90 -7.11
CA SER A 627 1.31 -15.51 -8.35
C SER A 627 2.08 -14.21 -8.12
N GLY A 628 3.14 -14.06 -8.90
CA GLY A 628 3.88 -12.80 -8.98
C GLY A 628 4.50 -12.64 -10.36
N ASN A 629 4.65 -11.37 -10.76
CA ASN A 629 5.29 -10.98 -11.99
C ASN A 629 6.25 -9.83 -11.73
N ILE A 630 7.40 -9.88 -12.41
CA ILE A 630 8.29 -8.75 -12.51
C ILE A 630 8.54 -8.44 -13.99
N ASN A 631 8.64 -7.15 -14.28
CA ASN A 631 8.79 -6.63 -15.63
C ASN A 631 9.79 -5.48 -15.55
N ALA A 632 11.03 -5.73 -15.97
CA ALA A 632 12.12 -4.78 -15.87
C ALA A 632 12.61 -4.41 -17.27
N VAL A 633 12.64 -3.12 -17.56
CA VAL A 633 13.17 -2.64 -18.84
C VAL A 633 14.16 -1.51 -18.59
N SER A 634 15.01 -1.28 -19.60
CA SER A 634 15.99 -0.21 -19.61
C SER A 634 15.41 1.03 -20.30
N LYS A 635 16.25 2.05 -20.47
CA LYS A 635 15.76 3.36 -20.91
C LYS A 635 15.25 3.30 -22.36
N GLN A 636 14.44 4.29 -22.72
CA GLN A 636 13.98 4.45 -24.10
C GLN A 636 14.22 5.89 -24.54
N TYR A 637 14.62 6.05 -25.80
CA TYR A 637 14.73 7.36 -26.39
C TYR A 637 13.36 7.86 -26.83
N ILE A 638 13.20 9.18 -26.71
CA ILE A 638 11.94 9.83 -27.01
C ILE A 638 12.01 10.50 -28.39
N ASN A 639 13.22 10.83 -28.85
CA ASN A 639 13.38 11.40 -30.21
C ASN A 639 14.55 10.72 -30.92
N ALA A 640 14.51 10.79 -32.26
CA ALA A 640 15.46 10.07 -33.11
C ALA A 640 16.83 10.72 -33.03
N GLU A 641 16.87 12.00 -32.61
CA GLU A 641 18.13 12.72 -32.32
C GLU A 641 18.80 12.15 -31.07
N ASN A 642 18.04 11.38 -30.27
CA ASN A 642 18.52 10.75 -29.05
C ASN A 642 19.02 11.79 -28.04
N THR A 643 18.37 12.97 -28.02
CA THR A 643 18.70 14.01 -27.03
C THR A 643 17.65 14.02 -25.90
N LEU A 644 16.57 13.25 -26.05
CA LEU A 644 15.58 13.10 -24.99
C LEU A 644 15.37 11.60 -24.76
N SER A 645 15.31 11.21 -23.48
CA SER A 645 15.06 9.83 -23.10
C SER A 645 14.29 9.78 -21.78
N VAL A 646 13.71 8.61 -21.51
CA VAL A 646 13.13 8.29 -20.23
C VAL A 646 13.82 7.06 -19.70
N PRO A 647 13.92 6.94 -18.35
CA PRO A 647 14.67 5.84 -17.75
C PRO A 647 13.90 4.52 -17.87
N GLY A 648 14.61 3.43 -17.59
CA GLY A 648 13.96 2.15 -17.37
C GLY A 648 13.02 2.21 -16.17
N ARG A 649 12.15 1.21 -16.07
CA ARG A 649 11.37 1.02 -14.85
C ARG A 649 11.15 -0.48 -14.64
N THR A 650 10.90 -0.83 -13.39
CA THR A 650 10.64 -2.20 -12.98
C THR A 650 9.28 -2.22 -12.29
N LEU A 651 8.37 -3.04 -12.81
CA LEU A 651 7.01 -3.13 -12.28
C LEU A 651 6.80 -4.51 -11.66
N LEU A 652 6.04 -4.54 -10.57
CA LEU A 652 5.69 -5.76 -9.88
C LEU A 652 4.17 -5.95 -9.96
N ASP A 653 3.76 -7.21 -10.07
CA ASP A 653 2.36 -7.59 -9.97
C ASP A 653 2.27 -8.78 -9.00
N VAL A 654 1.12 -8.91 -8.34
CA VAL A 654 0.88 -10.09 -7.49
C VAL A 654 -0.56 -10.54 -7.67
N GLY A 655 -0.80 -11.81 -7.34
CA GLY A 655 -2.14 -12.32 -7.40
C GLY A 655 -2.34 -13.54 -6.52
N ALA A 656 -3.61 -13.88 -6.32
CA ALA A 656 -3.97 -15.14 -5.69
C ALA A 656 -5.22 -15.68 -6.37
N ARG A 657 -5.30 -17.01 -6.42
CA ARG A 657 -6.41 -17.71 -6.99
C ARG A 657 -6.80 -18.87 -6.05
N TYR A 658 -8.10 -19.10 -5.92
CA TYR A 658 -8.60 -20.23 -5.16
C TYR A 658 -9.65 -20.96 -5.99
N SER A 659 -9.36 -22.22 -6.31
N SER A 659 -9.37 -22.21 -6.30
CA SER A 659 -10.27 -23.06 -7.10
CA SER A 659 -10.25 -23.06 -7.10
C SER A 659 -10.80 -24.20 -6.23
C SER A 659 -10.80 -24.20 -6.23
N THR A 660 -12.13 -24.32 -6.21
CA THR A 660 -12.81 -25.29 -5.35
C THR A 660 -14.13 -25.71 -6.02
N LYS A 661 -14.97 -26.44 -5.29
CA LYS A 661 -16.33 -26.73 -5.70
C LYS A 661 -17.31 -26.40 -4.57
N VAL A 662 -18.48 -25.90 -4.96
CA VAL A 662 -19.59 -25.67 -4.06
C VAL A 662 -20.75 -26.54 -4.56
N GLU A 663 -21.06 -27.59 -3.78
CA GLU A 663 -22.08 -28.58 -4.15
C GLU A 663 -21.71 -29.22 -5.49
N ASP A 664 -20.41 -29.48 -5.66
CA ASP A 664 -19.87 -30.11 -6.86
C ASP A 664 -19.86 -29.16 -8.08
N HIS A 665 -20.24 -27.89 -7.92
CA HIS A 665 -20.05 -26.89 -9.01
C HIS A 665 -18.68 -26.21 -8.91
N PRO A 666 -17.82 -26.30 -9.95
CA PRO A 666 -16.53 -25.59 -9.94
C PRO A 666 -16.72 -24.09 -9.72
N VAL A 667 -15.95 -23.54 -8.78
CA VAL A 667 -15.91 -22.12 -8.47
C VAL A 667 -14.44 -21.69 -8.37
N THR A 668 -14.10 -20.55 -9.01
CA THR A 668 -12.76 -19.99 -8.92
C THR A 668 -12.84 -18.50 -8.56
N PHE A 669 -12.08 -18.14 -7.54
CA PHE A 669 -11.88 -16.77 -7.08
C PHE A 669 -10.50 -16.28 -7.53
N ARG A 670 -10.43 -15.05 -8.04
CA ARG A 670 -9.17 -14.48 -8.51
C ARG A 670 -9.05 -13.05 -7.99
N ALA A 671 -7.83 -12.72 -7.57
CA ALA A 671 -7.48 -11.40 -7.12
C ALA A 671 -6.12 -11.07 -7.72
N ASN A 672 -6.00 -9.85 -8.29
CA ASN A 672 -4.74 -9.41 -8.92
C ASN A 672 -4.53 -7.93 -8.61
N ILE A 673 -3.28 -7.58 -8.32
CA ILE A 673 -2.83 -6.20 -8.26
C ILE A 673 -1.73 -6.05 -9.30
N TYR A 674 -1.93 -5.12 -10.24
CA TYR A 674 -0.92 -4.76 -11.23
C TYR A 674 -0.26 -3.44 -10.82
N ASN A 675 1.01 -3.27 -11.20
CA ASN A 675 1.82 -2.15 -10.79
C ASN A 675 1.64 -1.92 -9.28
N LEU A 676 1.98 -2.94 -8.50
CA LEU A 676 1.68 -2.92 -7.07
C LEU A 676 2.46 -1.82 -6.34
N THR A 677 3.62 -1.41 -6.87
CA THR A 677 4.38 -0.31 -6.24
C THR A 677 3.88 1.07 -6.67
N ASN A 678 2.91 1.10 -7.59
CA ASN A 678 2.31 2.35 -8.11
C ASN A 678 3.38 3.27 -8.67
N LYS A 679 4.33 2.68 -9.40
CA LYS A 679 5.39 3.43 -10.03
C LYS A 679 4.81 4.38 -11.06
N ALA A 680 5.23 5.65 -10.97
CA ALA A 680 4.94 6.68 -11.99
C ALA A 680 6.07 6.66 -13.03
N TYR A 681 5.72 6.47 -14.29
CA TYR A 681 6.73 6.52 -15.36
C TYR A 681 6.13 7.06 -16.64
N TRP A 682 7.00 7.74 -17.41
CA TRP A 682 6.73 8.14 -18.80
C TRP A 682 7.12 6.99 -19.72
N ALA A 683 6.36 6.82 -20.80
CA ALA A 683 6.77 5.97 -21.92
C ALA A 683 6.11 6.53 -23.19
N GLN A 684 6.50 6.01 -24.36
CA GLN A 684 6.11 6.66 -25.60
C GLN A 684 4.91 5.93 -26.18
N PRO A 685 3.77 6.62 -26.33
CA PRO A 685 2.61 6.06 -27.03
C PRO A 685 2.72 6.33 -28.54
N GLN A 686 1.66 5.96 -29.27
CA GLN A 686 1.50 6.40 -30.66
C GLN A 686 1.10 7.87 -30.74
N LEU A 687 1.67 8.55 -31.74
CA LEU A 687 1.29 9.89 -32.25
C LEU A 687 1.78 11.04 -31.36
N THR A 688 1.97 10.81 -30.05
CA THR A 688 2.50 11.85 -29.16
C THR A 688 3.74 11.29 -28.46
N ASN A 689 4.51 12.15 -27.80
CA ASN A 689 5.85 11.80 -27.32
C ASN A 689 5.80 10.92 -26.05
N LEU A 690 4.87 11.21 -25.12
CA LEU A 690 4.88 10.62 -23.80
C LEU A 690 3.46 10.36 -23.32
N ALA A 691 3.31 9.33 -22.49
CA ALA A 691 2.12 9.11 -21.72
C ALA A 691 2.53 8.39 -20.42
N LEU A 692 1.78 8.64 -19.35
CA LEU A 692 2.03 7.96 -18.10
C LEU A 692 1.57 6.49 -18.19
N GLY A 693 2.36 5.61 -17.58
CA GLY A 693 2.00 4.22 -17.41
C GLY A 693 0.81 4.08 -16.46
N ALA A 694 0.11 2.95 -16.58
CA ALA A 694 -1.05 2.65 -15.77
C ALA A 694 -0.64 2.63 -14.29
N PRO A 695 -1.50 3.16 -13.40
CA PRO A 695 -1.23 3.10 -11.96
C PRO A 695 -1.50 1.70 -11.37
N ARG A 696 -1.26 1.57 -10.07
CA ARG A 696 -1.68 0.37 -9.33
C ARG A 696 -3.15 0.11 -9.62
N THR A 697 -3.48 -1.13 -9.97
CA THR A 697 -4.81 -1.48 -10.42
C THR A 697 -5.19 -2.80 -9.74
N TYR A 698 -6.37 -2.80 -9.10
CA TYR A 698 -6.90 -3.99 -8.40
C TYR A 698 -7.95 -4.67 -9.30
N MET A 699 -7.90 -5.99 -9.40
CA MET A 699 -8.90 -6.76 -10.17
C MET A 699 -9.38 -7.96 -9.35
N LEU A 700 -10.70 -8.14 -9.29
CA LEU A 700 -11.32 -9.32 -8.67
C LEU A 700 -12.24 -10.00 -9.67
N SER A 701 -12.28 -11.34 -9.63
CA SER A 701 -13.29 -12.05 -10.36
C SER A 701 -13.71 -13.32 -9.59
N VAL A 702 -14.95 -13.74 -9.87
N VAL A 702 -14.96 -13.73 -9.80
CA VAL A 702 -15.51 -14.98 -9.35
CA VAL A 702 -15.41 -15.04 -9.36
C VAL A 702 -16.24 -15.67 -10.49
C VAL A 702 -16.22 -15.68 -10.48
N SER A 703 -15.93 -16.96 -10.72
CA SER A 703 -16.60 -17.75 -11.72
C SER A 703 -17.32 -18.93 -11.07
N TYR A 704 -18.47 -19.28 -11.66
CA TYR A 704 -19.29 -20.41 -11.26
C TYR A 704 -19.72 -21.19 -12.52
N ASP A 705 -19.50 -22.51 -12.49
CA ASP A 705 -19.92 -23.41 -13.57
C ASP A 705 -21.25 -24.09 -13.21
N PHE A 706 -22.26 -23.89 -14.06
CA PHE A 706 -23.59 -24.47 -13.86
C PHE A 706 -23.58 -25.96 -14.25
N ASP B 36 -29.38 -16.78 22.33
CA ASP B 36 -30.30 -16.28 21.25
C ASP B 36 -29.47 -15.80 20.04
N THR B 37 -28.42 -16.53 19.71
CA THR B 37 -27.47 -16.11 18.64
C THR B 37 -27.73 -16.93 17.37
N TYR B 38 -27.77 -16.27 16.22
CA TYR B 38 -27.98 -16.94 14.96
C TYR B 38 -26.69 -17.61 14.49
N ALA B 39 -26.82 -18.55 13.54
CA ALA B 39 -25.68 -19.25 12.95
C ALA B 39 -24.65 -18.22 12.51
N GLY B 40 -23.39 -18.42 12.91
CA GLY B 40 -22.31 -17.49 12.61
C GLY B 40 -21.88 -16.68 13.83
N GLY B 41 -22.81 -16.49 14.80
CA GLY B 41 -22.49 -15.86 16.07
C GLY B 41 -22.40 -14.33 16.00
N GLN B 42 -22.77 -13.72 14.88
CA GLN B 42 -22.56 -12.28 14.70
C GLN B 42 -23.88 -11.50 14.78
N VAL B 43 -25.01 -12.20 14.64
CA VAL B 43 -26.33 -11.59 14.67
C VAL B 43 -27.20 -12.37 15.66
N ALA B 44 -28.06 -11.66 16.39
CA ALA B 44 -28.98 -12.27 17.35
C ALA B 44 -30.36 -12.48 16.71
N THR B 45 -31.19 -13.32 17.34
CA THR B 45 -32.46 -13.75 16.75
C THR B 45 -33.64 -12.96 17.33
N SER B 46 -33.40 -12.11 18.32
N SER B 46 -33.39 -12.10 18.32
CA SER B 46 -34.45 -11.22 18.82
CA SER B 46 -34.41 -11.25 18.92
C SER B 46 -33.89 -9.81 19.03
C SER B 46 -33.89 -9.82 19.08
N SER B 47 -34.81 -8.86 19.21
CA SER B 47 -34.46 -7.49 19.56
C SER B 47 -35.61 -6.83 20.31
N ASN B 48 -35.31 -5.69 20.92
CA ASN B 48 -36.26 -4.91 21.69
C ASN B 48 -37.08 -4.04 20.73
N VAL B 49 -38.40 -4.23 20.73
CA VAL B 49 -39.25 -3.50 19.83
C VAL B 49 -39.96 -2.40 20.64
N GLY B 50 -39.15 -1.41 21.05
CA GLY B 50 -39.60 -0.36 21.97
C GLY B 50 -40.35 -0.98 23.14
N PHE B 51 -41.50 -0.39 23.51
CA PHE B 51 -42.19 -0.84 24.74
C PHE B 51 -42.96 -2.15 24.52
N LEU B 52 -42.94 -2.71 23.30
CA LEU B 52 -43.45 -4.07 23.08
C LEU B 52 -42.49 -5.13 23.64
N GLY B 53 -41.27 -4.71 23.99
CA GLY B 53 -40.26 -5.60 24.53
C GLY B 53 -39.63 -6.52 23.50
N SER B 54 -39.01 -7.58 24.00
CA SER B 54 -38.24 -8.51 23.18
C SER B 54 -39.17 -9.31 22.25
N LYS B 55 -38.82 -9.34 20.96
CA LYS B 55 -39.54 -10.13 19.96
C LYS B 55 -38.53 -10.80 19.03
N LYS B 56 -38.88 -12.01 18.58
CA LYS B 56 -38.08 -12.77 17.64
C LYS B 56 -38.21 -12.17 16.24
N PHE B 57 -37.16 -12.41 15.43
CA PHE B 57 -37.07 -12.01 14.01
C PHE B 57 -38.40 -12.26 13.26
N LEU B 58 -38.89 -13.51 13.28
CA LEU B 58 -40.06 -13.87 12.45
C LEU B 58 -41.37 -13.37 13.07
N ASP B 59 -41.32 -12.89 14.31
CA ASP B 59 -42.51 -12.38 15.01
C ASP B 59 -42.56 -10.84 15.01
N THR B 60 -41.61 -10.19 14.34
CA THR B 60 -41.46 -8.74 14.42
C THR B 60 -41.89 -8.11 13.11
N PRO B 61 -42.98 -7.32 13.09
CA PRO B 61 -43.47 -6.67 11.87
C PRO B 61 -42.78 -5.33 11.59
N PHE B 62 -41.45 -5.37 11.71
CA PHE B 62 -40.54 -4.26 11.43
C PHE B 62 -39.24 -4.88 10.94
N ASN B 63 -38.46 -4.10 10.18
CA ASN B 63 -37.15 -4.52 9.71
C ASN B 63 -36.14 -4.20 10.80
N THR B 64 -35.66 -5.27 11.45
CA THR B 64 -34.78 -5.18 12.62
C THR B 64 -33.55 -6.03 12.38
N ILE B 65 -32.44 -5.62 12.99
N ILE B 65 -32.45 -5.64 13.02
CA ILE B 65 -31.25 -6.45 13.06
CA ILE B 65 -31.22 -6.41 13.03
C ILE B 65 -30.56 -6.16 14.39
C ILE B 65 -30.52 -6.15 14.37
N SER B 66 -29.98 -7.22 14.96
CA SER B 66 -29.21 -7.09 16.19
C SER B 66 -27.84 -7.73 16.01
N TYR B 67 -26.80 -6.92 16.22
CA TYR B 67 -25.41 -7.36 16.12
C TYR B 67 -24.93 -7.76 17.51
N THR B 68 -24.12 -8.83 17.56
CA THR B 68 -23.52 -9.28 18.81
C THR B 68 -22.19 -8.58 19.08
N ASP B 69 -21.77 -8.70 20.34
CA ASP B 69 -20.46 -8.24 20.77
C ASP B 69 -19.33 -8.99 20.03
N LYS B 70 -19.56 -10.23 19.59
CA LYS B 70 -18.57 -10.96 18.75
C LYS B 70 -18.38 -10.23 17.42
N TYR B 71 -19.47 -9.80 16.79
CA TYR B 71 -19.37 -9.02 15.55
C TYR B 71 -18.61 -7.71 15.79
N ILE B 72 -18.92 -7.01 16.89
CA ILE B 72 -18.26 -5.75 17.22
C ILE B 72 -16.74 -5.99 17.31
N GLU B 73 -16.34 -7.04 18.01
CA GLU B 73 -14.91 -7.30 18.19
C GLU B 73 -14.30 -7.72 16.84
N ASP B 74 -15.07 -8.45 16.03
CA ASP B 74 -14.55 -8.95 14.75
C ASP B 74 -14.29 -7.78 13.77
N LYS B 75 -15.08 -6.71 13.87
CA LYS B 75 -14.88 -5.53 13.03
C LYS B 75 -13.83 -4.59 13.63
N GLN B 76 -13.47 -4.81 14.89
CA GLN B 76 -12.66 -3.88 15.68
C GLN B 76 -13.33 -2.50 15.63
N ALA B 77 -14.66 -2.49 15.79
CA ALA B 77 -15.48 -1.29 15.69
C ALA B 77 -15.06 -0.28 16.77
N LYS B 78 -14.85 0.96 16.34
CA LYS B 78 -14.43 2.03 17.25
C LYS B 78 -15.63 2.91 17.64
N ASP B 79 -16.73 2.81 16.90
CA ASP B 79 -17.94 3.57 17.17
C ASP B 79 -19.14 2.79 16.65
N ILE B 80 -20.34 3.34 16.84
CA ILE B 80 -21.53 2.59 16.53
C ILE B 80 -21.69 2.49 15.01
N THR B 81 -21.30 3.55 14.30
CA THR B 81 -21.34 3.56 12.85
C THR B 81 -20.63 2.32 12.28
N GLU B 82 -19.45 2.02 12.82
CA GLU B 82 -18.60 0.91 12.30
C GLU B 82 -19.28 -0.44 12.56
N VAL B 83 -20.29 -0.47 13.45
CA VAL B 83 -21.09 -1.67 13.63
C VAL B 83 -22.25 -1.71 12.65
N ILE B 84 -23.03 -0.62 12.59
CA ILE B 84 -24.36 -0.73 12.00
C ILE B 84 -24.33 -0.41 10.50
N ALA B 85 -23.31 0.32 10.03
CA ALA B 85 -23.28 0.77 8.65
C ALA B 85 -22.57 -0.25 7.74
N ALA B 86 -21.75 -1.12 8.31
CA ALA B 86 -20.78 -1.88 7.48
C ALA B 86 -21.51 -2.72 6.41
N THR B 87 -22.57 -3.43 6.80
CA THR B 87 -23.22 -4.38 5.91
C THR B 87 -24.67 -4.02 5.60
N ASP B 88 -25.19 -2.96 6.23
CA ASP B 88 -26.62 -2.66 6.14
C ASP B 88 -26.86 -1.65 5.05
N PRO B 89 -27.49 -2.05 3.92
CA PRO B 89 -27.68 -1.16 2.78
C PRO B 89 -28.74 -0.08 3.03
N SER B 90 -29.46 -0.13 4.15
CA SER B 90 -30.42 0.91 4.50
C SER B 90 -29.79 1.97 5.42
N ILE B 91 -28.50 1.80 5.74
CA ILE B 91 -27.82 2.79 6.54
C ILE B 91 -26.69 3.41 5.71
N TYR B 92 -26.61 4.73 5.78
CA TYR B 92 -25.59 5.46 5.02
C TYR B 92 -24.81 6.37 5.97
N THR B 93 -23.47 6.34 5.84
CA THR B 93 -22.61 7.34 6.49
C THR B 93 -21.74 8.02 5.43
N ASN B 94 -21.39 9.28 5.68
CA ASN B 94 -20.43 10.00 4.85
C ASN B 94 -19.01 9.46 5.09
N GLY B 95 -18.77 8.78 6.21
CA GLY B 95 -17.57 7.97 6.40
C GLY B 95 -16.30 8.73 6.71
N ALA B 96 -16.43 9.99 7.15
CA ALA B 96 -15.25 10.81 7.54
C ALA B 96 -14.60 10.23 8.80
N SER B 97 -13.29 10.46 8.93
CA SER B 97 -12.52 10.10 10.12
C SER B 97 -12.40 11.30 11.05
N GLY B 98 -12.67 11.11 12.33
CA GLY B 98 -12.39 12.12 13.34
C GLY B 98 -13.28 13.34 13.22
N GLY B 99 -14.54 13.13 12.84
CA GLY B 99 -15.54 14.18 12.96
C GLY B 99 -15.86 14.51 14.42
N TRP B 100 -16.62 15.58 14.61
CA TRP B 100 -17.05 15.99 15.96
C TRP B 100 -18.22 15.11 16.45
N SER B 101 -18.86 14.36 15.55
CA SER B 101 -19.83 13.35 15.95
C SER B 101 -19.83 12.23 14.90
N GLU B 102 -20.53 11.14 15.24
CA GLU B 102 -20.95 10.15 14.26
C GLU B 102 -22.03 10.77 13.37
N ASN B 103 -22.20 10.23 12.16
CA ASN B 103 -23.21 10.71 11.28
C ASN B 103 -23.72 9.57 10.42
N TYR B 104 -25.00 9.22 10.57
CA TYR B 104 -25.57 8.16 9.74
C TYR B 104 -27.06 8.42 9.50
N TYR B 105 -27.53 7.92 8.36
CA TYR B 105 -28.90 7.96 7.92
C TYR B 105 -29.46 6.54 7.94
N ILE B 106 -30.75 6.42 8.27
CA ILE B 106 -31.45 5.16 8.21
C ILE B 106 -32.70 5.36 7.34
N ARG B 107 -32.85 4.52 6.29
CA ARG B 107 -33.91 4.68 5.31
C ARG B 107 -33.92 6.10 4.73
N GLY B 108 -32.72 6.68 4.61
CA GLY B 108 -32.55 7.95 3.92
C GLY B 108 -32.89 9.18 4.74
N TYR B 109 -33.13 8.99 6.04
CA TYR B 109 -33.36 10.09 6.97
C TYR B 109 -32.32 10.08 8.08
N ALA B 110 -31.94 11.25 8.54
CA ALA B 110 -30.99 11.40 9.66
C ALA B 110 -31.49 10.58 10.85
N SER B 111 -30.55 9.90 11.52
CA SER B 111 -30.78 9.29 12.82
C SER B 111 -29.72 9.81 13.77
N SER B 112 -30.14 10.69 14.69
CA SER B 112 -29.24 11.45 15.54
C SER B 112 -28.58 10.50 16.56
N THR B 113 -27.30 10.75 16.82
CA THR B 113 -26.59 10.11 17.90
C THR B 113 -27.27 10.40 19.25
N ASN B 114 -27.90 11.57 19.36
CA ASN B 114 -28.62 11.98 20.57
C ASN B 114 -29.80 11.04 20.86
N ASP B 115 -30.23 10.27 19.86
CA ASP B 115 -31.50 9.55 19.91
C ASP B 115 -31.32 8.03 20.09
N MET B 116 -30.13 7.59 20.46
CA MET B 116 -29.92 6.19 20.76
C MET B 116 -30.52 5.85 22.12
N SER B 117 -30.98 4.61 22.30
CA SER B 117 -31.43 4.17 23.58
C SER B 117 -30.41 3.21 24.19
N MET B 118 -30.40 3.13 25.53
CA MET B 118 -29.61 2.15 26.26
C MET B 118 -30.56 1.26 27.07
N ASN B 119 -30.62 -0.02 26.71
CA ASN B 119 -31.58 -0.96 27.31
C ASN B 119 -32.99 -0.35 27.25
N GLY B 120 -33.29 0.31 26.11
CA GLY B 120 -34.64 0.82 25.83
C GLY B 120 -34.92 2.23 26.36
N LEU B 121 -33.96 2.82 27.09
CA LEU B 121 -34.14 4.16 27.68
C LEU B 121 -33.33 5.22 26.91
N PHE B 122 -33.98 6.34 26.60
N PHE B 122 -34.00 6.32 26.54
CA PHE B 122 -33.36 7.44 25.86
CA PHE B 122 -33.39 7.48 25.86
C PHE B 122 -32.72 8.44 26.84
C PHE B 122 -32.67 8.40 26.86
N GLY B 123 -31.72 9.19 26.36
CA GLY B 123 -31.10 10.25 27.15
C GLY B 123 -29.97 9.81 28.07
N ILE B 124 -29.43 8.60 27.85
CA ILE B 124 -28.40 8.02 28.69
C ILE B 124 -27.04 7.94 27.95
N THR B 125 -27.10 7.57 26.66
CA THR B 125 -25.93 7.24 25.85
C THR B 125 -25.08 8.49 25.63
N PRO B 126 -23.80 8.32 25.23
CA PRO B 126 -22.96 9.46 24.88
C PRO B 126 -23.64 10.32 23.81
N PHE B 127 -23.42 11.62 23.87
CA PHE B 127 -24.14 12.57 23.09
C PHE B 127 -23.84 12.44 21.58
N TYR B 128 -22.55 12.31 21.22
CA TYR B 128 -22.14 12.46 19.80
C TYR B 128 -21.37 11.25 19.25
N ARG B 129 -20.65 10.51 20.09
CA ARG B 129 -19.95 9.31 19.63
C ARG B 129 -19.86 8.32 20.78
N THR B 130 -20.08 7.05 20.47
CA THR B 130 -20.13 5.98 21.44
C THR B 130 -19.19 4.85 21.00
N SER B 131 -18.19 4.56 21.84
CA SER B 131 -17.35 3.39 21.64
C SER B 131 -18.06 2.16 22.20
N PRO B 132 -18.13 1.05 21.46
CA PRO B 132 -19.08 -0.03 21.78
C PRO B 132 -18.64 -1.14 22.73
N GLU B 133 -17.58 -0.94 23.52
CA GLU B 133 -17.00 -1.98 24.35
C GLU B 133 -17.98 -2.45 25.45
N MET B 134 -18.92 -1.61 25.86
CA MET B 134 -19.77 -1.98 27.01
C MET B 134 -21.08 -2.64 26.58
N PHE B 135 -21.22 -3.00 25.29
CA PHE B 135 -22.50 -3.50 24.81
C PHE B 135 -22.41 -4.97 24.38
N GLY B 136 -23.42 -5.75 24.78
CA GLY B 136 -23.60 -7.13 24.33
C GLY B 136 -24.28 -7.21 22.98
N ARG B 137 -25.15 -6.23 22.70
CA ARG B 137 -25.86 -6.16 21.45
C ARG B 137 -25.91 -4.69 21.01
N VAL B 138 -25.96 -4.52 19.69
CA VAL B 138 -26.33 -3.25 19.08
C VAL B 138 -27.47 -3.53 18.12
N GLU B 139 -28.66 -3.01 18.47
CA GLU B 139 -29.89 -3.32 17.76
C GLU B 139 -30.34 -2.12 16.94
N VAL B 140 -30.80 -2.39 15.72
CA VAL B 140 -31.39 -1.36 14.88
C VAL B 140 -32.82 -1.74 14.52
N LEU B 141 -33.71 -0.76 14.66
CA LEU B 141 -35.06 -0.84 14.13
C LEU B 141 -35.21 0.25 13.08
N LYS B 142 -35.53 -0.15 11.85
CA LYS B 142 -35.51 0.75 10.73
C LYS B 142 -36.86 1.46 10.60
N GLY B 143 -36.79 2.76 10.35
CA GLY B 143 -37.98 3.59 10.19
C GLY B 143 -38.42 4.20 11.53
N PRO B 144 -39.38 5.12 11.49
CA PRO B 144 -39.84 5.81 12.69
C PRO B 144 -40.59 4.86 13.64
N SER B 145 -40.74 5.27 14.90
CA SER B 145 -41.24 4.34 15.91
C SER B 145 -41.88 5.05 17.11
N ALA B 146 -42.57 6.18 16.89
CA ALA B 146 -43.06 6.99 17.99
C ALA B 146 -44.06 6.19 18.88
N LEU B 147 -44.88 5.34 18.27
CA LEU B 147 -45.78 4.50 19.12
C LEU B 147 -44.95 3.72 20.14
N LEU B 148 -43.85 3.12 19.66
CA LEU B 148 -43.07 2.19 20.43
C LEU B 148 -42.20 2.91 21.45
N ASN B 149 -41.64 4.07 21.05
CA ASN B 149 -40.46 4.64 21.71
C ASN B 149 -40.73 6.06 22.22
N GLY B 150 -41.80 6.70 21.72
CA GLY B 150 -41.98 8.11 21.95
C GLY B 150 -40.97 8.91 21.13
N MET B 151 -40.89 10.20 21.43
CA MET B 151 -40.05 11.10 20.67
C MET B 151 -38.73 11.26 21.42
N PRO B 152 -37.61 10.78 20.85
CA PRO B 152 -36.30 10.99 21.47
C PRO B 152 -35.86 12.44 21.37
N PRO B 153 -34.78 12.83 22.09
CA PRO B 153 -34.48 14.23 22.33
C PRO B 153 -34.23 15.10 21.09
N ALA B 154 -33.68 14.54 20.00
CA ALA B 154 -33.39 15.33 18.81
C ALA B 154 -34.51 15.19 17.76
N GLY B 155 -35.48 14.33 18.01
CA GLY B 155 -36.63 14.22 17.11
C GLY B 155 -36.29 13.68 15.73
N SER B 156 -35.26 12.83 15.66
CA SER B 156 -34.91 12.23 14.38
C SER B 156 -35.82 11.02 14.14
N VAL B 157 -35.99 10.62 12.87
CA VAL B 157 -37.07 9.66 12.52
C VAL B 157 -36.57 8.49 11.64
N GLY B 158 -35.27 8.45 11.30
CA GLY B 158 -34.78 7.40 10.38
C GLY B 158 -34.91 5.97 10.93
N GLY B 159 -34.59 5.81 12.21
CA GLY B 159 -34.62 4.50 12.88
C GLY B 159 -34.14 4.60 14.31
N THR B 160 -34.29 3.53 15.09
CA THR B 160 -33.80 3.54 16.46
C THR B 160 -32.66 2.56 16.63
N VAL B 161 -31.58 3.05 17.23
CA VAL B 161 -30.45 2.26 17.63
C VAL B 161 -30.54 2.05 19.13
N ASN B 162 -30.64 0.78 19.53
CA ASN B 162 -30.77 0.37 20.94
C ASN B 162 -29.51 -0.38 21.33
N LEU B 163 -28.81 0.12 22.36
CA LEU B 163 -27.58 -0.47 22.84
C LEU B 163 -27.88 -1.27 24.11
N VAL B 164 -27.61 -2.56 24.06
CA VAL B 164 -27.89 -3.49 25.15
C VAL B 164 -26.58 -3.72 25.91
N THR B 165 -26.57 -3.39 27.20
CA THR B 165 -25.34 -3.46 27.98
C THR B 165 -24.98 -4.91 28.32
N LYS B 166 -23.73 -5.11 28.74
CA LYS B 166 -23.20 -6.42 29.16
C LYS B 166 -23.52 -6.66 30.65
N TYR B 167 -23.97 -7.88 30.95
CA TYR B 167 -24.06 -8.34 32.34
C TYR B 167 -23.24 -9.63 32.49
N ALA B 168 -22.95 -10.02 33.74
CA ALA B 168 -22.09 -11.16 34.02
C ALA B 168 -22.77 -12.46 33.62
N ALA B 169 -22.06 -13.26 32.79
CA ALA B 169 -22.41 -14.65 32.54
C ALA B 169 -22.15 -15.51 33.79
N ASP B 170 -22.65 -16.74 33.76
CA ASP B 170 -22.61 -17.64 34.92
C ASP B 170 -21.16 -17.98 35.29
N GLU B 171 -20.33 -18.24 34.26
CA GLU B 171 -18.93 -18.59 34.46
C GLU B 171 -18.09 -17.31 34.58
N PRO B 172 -17.17 -17.26 35.56
CA PRO B 172 -16.27 -16.13 35.72
C PRO B 172 -15.50 -15.87 34.42
N PHE B 173 -15.26 -14.60 34.12
CA PHE B 173 -14.80 -14.19 32.80
C PHE B 173 -13.84 -13.03 32.93
N ALA B 174 -12.70 -13.13 32.23
CA ALA B 174 -11.78 -12.02 32.13
C ALA B 174 -11.07 -12.09 30.78
N ARG B 175 -11.17 -11.00 30.00
CA ARG B 175 -10.56 -10.91 28.70
C ARG B 175 -9.80 -9.59 28.59
N LEU B 176 -8.52 -9.68 28.18
CA LEU B 176 -7.73 -8.50 27.93
C LEU B 176 -7.40 -8.42 26.43
N THR B 177 -7.60 -7.24 25.85
CA THR B 177 -7.38 -7.00 24.43
C THR B 177 -6.45 -5.80 24.27
N THR B 178 -5.43 -5.93 23.42
N THR B 178 -5.42 -5.92 23.45
CA THR B 178 -4.58 -4.81 23.04
CA THR B 178 -4.61 -4.76 23.07
C THR B 178 -4.97 -4.40 21.62
C THR B 178 -4.92 -4.40 21.62
N THR B 179 -4.96 -3.09 21.34
CA THR B 179 -5.38 -2.59 20.05
C THR B 179 -4.34 -1.61 19.47
N TYR B 180 -4.29 -1.63 18.15
CA TYR B 180 -3.55 -0.69 17.36
C TYR B 180 -4.43 -0.25 16.20
N MET B 181 -4.34 1.04 15.87
CA MET B 181 -4.91 1.57 14.66
C MET B 181 -3.90 2.56 14.07
N SER B 182 -3.71 2.47 12.75
CA SER B 182 -2.72 3.28 12.09
C SER B 182 -3.12 4.75 12.18
N ASP B 183 -2.14 5.65 12.29
CA ASP B 183 -0.71 5.36 12.22
C ASP B 183 -0.14 4.92 13.58
N ALA B 184 -0.63 5.52 14.68
CA ALA B 184 0.08 5.36 15.94
C ALA B 184 -0.87 5.37 17.13
N GLN B 185 -2.07 4.81 16.97
CA GLN B 185 -2.99 4.73 18.08
C GLN B 185 -2.86 3.36 18.77
N PHE B 186 -2.57 3.39 20.06
CA PHE B 186 -2.43 2.19 20.85
C PHE B 186 -3.46 2.21 21.98
N GLY B 187 -3.97 1.04 22.35
CA GLY B 187 -4.92 0.99 23.43
C GLY B 187 -5.10 -0.39 24.00
N GLY B 188 -6.02 -0.48 24.94
CA GLY B 188 -6.33 -1.72 25.57
C GLY B 188 -7.74 -1.70 26.13
N HIS B 189 -8.28 -2.90 26.31
CA HIS B 189 -9.63 -3.11 26.80
C HIS B 189 -9.63 -4.32 27.73
N VAL B 190 -10.14 -4.12 28.95
N VAL B 190 -10.15 -4.12 28.93
CA VAL B 190 -10.35 -5.20 29.90
CA VAL B 190 -10.36 -5.24 29.85
C VAL B 190 -11.86 -5.40 30.05
C VAL B 190 -11.86 -5.40 30.08
N ASP B 191 -12.30 -6.67 30.03
CA ASP B 191 -13.68 -7.06 30.25
C ASP B 191 -13.69 -8.18 31.30
N VAL B 192 -14.31 -7.94 32.46
N VAL B 192 -14.34 -7.92 32.42
CA VAL B 192 -14.27 -8.93 33.58
CA VAL B 192 -14.40 -8.89 33.50
C VAL B 192 -15.67 -9.05 34.19
C VAL B 192 -15.86 -9.12 33.85
N GLY B 193 -16.11 -10.30 34.40
CA GLY B 193 -17.41 -10.59 34.98
C GLY B 193 -17.33 -11.74 35.96
N ARG B 194 -18.20 -11.69 36.96
CA ARG B 194 -18.39 -12.75 37.92
C ARG B 194 -19.78 -12.60 38.54
N ARG B 195 -20.38 -13.74 38.90
CA ARG B 195 -21.66 -13.78 39.60
C ARG B 195 -21.45 -14.26 41.04
N PHE B 196 -22.34 -13.82 41.94
CA PHE B 196 -22.18 -13.99 43.38
C PHE B 196 -23.51 -14.44 43.99
N GLY B 197 -23.45 -14.93 45.24
CA GLY B 197 -24.59 -15.50 45.95
C GLY B 197 -24.71 -16.99 45.66
N GLU B 198 -25.49 -17.68 46.50
CA GLU B 198 -25.55 -19.14 46.48
C GLU B 198 -26.16 -19.61 45.15
N ASN B 199 -27.06 -18.81 44.57
CA ASN B 199 -27.71 -19.18 43.32
C ASN B 199 -27.25 -18.25 42.18
N LYS B 200 -26.13 -17.57 42.38
CA LYS B 200 -25.54 -16.67 41.37
C LYS B 200 -26.58 -15.61 40.96
N GLU B 201 -27.28 -15.08 41.97
CA GLU B 201 -28.42 -14.21 41.72
C GLU B 201 -27.93 -12.77 41.49
N PHE B 202 -26.67 -12.49 41.87
CA PHE B 202 -26.05 -11.18 41.66
C PHE B 202 -24.96 -11.29 40.58
N GLY B 203 -24.85 -10.25 39.74
CA GLY B 203 -23.78 -10.21 38.71
C GLY B 203 -23.09 -8.85 38.67
N VAL B 204 -21.77 -8.88 38.42
CA VAL B 204 -20.96 -7.70 38.24
C VAL B 204 -20.14 -7.88 36.95
N ARG B 205 -20.28 -6.94 36.03
CA ARG B 205 -19.50 -6.92 34.76
C ARG B 205 -18.86 -5.53 34.56
N ILE B 206 -17.55 -5.49 34.39
CA ILE B 206 -16.79 -4.27 34.36
C ILE B 206 -16.01 -4.24 33.02
N ASN B 207 -16.08 -3.11 32.31
CA ASN B 207 -15.25 -2.89 31.14
C ASN B 207 -14.43 -1.62 31.36
N GLY B 208 -13.16 -1.67 30.96
CA GLY B 208 -12.33 -0.49 30.94
C GLY B 208 -11.54 -0.46 29.66
N MET B 209 -11.50 0.72 29.02
CA MET B 209 -10.86 0.87 27.69
C MET B 209 -10.18 2.24 27.61
N TYR B 210 -8.98 2.25 27.03
CA TYR B 210 -8.29 3.49 26.77
C TYR B 210 -7.53 3.31 25.46
N ARG B 211 -7.59 4.31 24.60
CA ARG B 211 -6.70 4.33 23.44
C ARG B 211 -6.39 5.77 23.05
N ASP B 212 -5.17 5.96 22.54
CA ASP B 212 -4.68 7.29 22.26
C ASP B 212 -3.57 7.19 21.21
N GLY B 213 -3.56 8.19 20.33
CA GLY B 213 -2.43 8.43 19.43
C GLY B 213 -2.89 8.85 18.04
N ASP B 214 -1.93 9.11 17.16
CA ASP B 214 -2.19 9.53 15.80
C ASP B 214 -3.06 8.51 15.06
N ALA B 215 -4.03 9.05 14.34
CA ALA B 215 -4.94 8.30 13.54
C ALA B 215 -4.44 8.28 12.09
N ALA B 216 -5.29 7.89 11.16
CA ALA B 216 -4.88 7.61 9.80
C ALA B 216 -4.86 8.89 8.95
N VAL B 217 -5.55 9.93 9.42
CA VAL B 217 -5.57 11.22 8.76
C VAL B 217 -4.36 12.03 9.23
N ASN B 218 -3.74 12.79 8.32
CA ASN B 218 -2.64 13.69 8.67
C ASN B 218 -3.01 14.61 9.83
N ASP B 219 -2.11 14.72 10.81
CA ASP B 219 -2.21 15.66 11.90
C ASP B 219 -3.50 15.44 12.73
N GLN B 220 -4.05 14.23 12.68
CA GLN B 220 -5.25 13.92 13.47
C GLN B 220 -4.88 12.83 14.50
N SER B 221 -5.28 13.06 15.75
N SER B 221 -5.35 13.03 15.73
CA SER B 221 -5.09 12.08 16.80
CA SER B 221 -5.08 12.14 16.84
C SER B 221 -6.42 11.84 17.50
C SER B 221 -6.41 11.85 17.52
N LYS B 222 -6.63 10.61 17.96
CA LYS B 222 -7.89 10.19 18.57
C LYS B 222 -7.62 9.56 19.93
N GLU B 223 -8.33 10.06 20.94
CA GLU B 223 -8.25 9.53 22.29
C GLU B 223 -9.65 9.14 22.76
N SER B 224 -9.77 7.90 23.23
CA SER B 224 -11.04 7.40 23.76
C SER B 224 -10.78 6.76 25.12
N ARG B 225 -11.76 6.87 26.01
CA ARG B 225 -11.67 6.23 27.32
C ARG B 225 -13.09 5.82 27.73
N LEU B 226 -13.18 4.66 28.38
CA LEU B 226 -14.45 4.17 28.87
C LEU B 226 -14.21 3.37 30.15
N PHE B 227 -15.09 3.60 31.13
CA PHE B 227 -15.21 2.73 32.27
C PHE B 227 -16.71 2.47 32.48
N SER B 228 -17.09 1.19 32.49
CA SER B 228 -18.50 0.81 32.62
C SER B 228 -18.69 -0.26 33.70
N LEU B 229 -19.89 -0.27 34.27
N LEU B 229 -19.85 -0.21 34.35
CA LEU B 229 -20.31 -1.23 35.26
CA LEU B 229 -20.36 -1.22 35.28
C LEU B 229 -21.73 -1.69 34.93
C LEU B 229 -21.73 -1.69 34.81
N GLY B 230 -21.92 -3.01 34.81
CA GLY B 230 -23.21 -3.62 34.62
C GLY B 230 -23.51 -4.56 35.79
N LEU B 231 -24.51 -4.20 36.59
CA LEU B 231 -24.87 -4.93 37.81
C LEU B 231 -26.28 -5.48 37.64
N ASP B 232 -26.51 -6.69 38.15
CA ASP B 232 -27.85 -7.22 38.10
C ASP B 232 -28.13 -8.07 39.34
N TRP B 233 -29.42 -8.13 39.69
CA TRP B 233 -29.95 -9.04 40.72
C TRP B 233 -31.19 -9.75 40.15
N GLN B 234 -31.16 -11.09 40.14
CA GLN B 234 -32.27 -11.91 39.67
C GLN B 234 -32.99 -12.52 40.88
N GLY B 235 -34.19 -12.05 41.18
CA GLY B 235 -35.06 -12.63 42.24
C GLY B 235 -36.03 -13.63 41.64
N GLU B 236 -36.89 -14.24 42.48
CA GLU B 236 -37.87 -15.20 41.98
C GLU B 236 -38.95 -14.47 41.18
N ASN B 237 -39.41 -13.32 41.69
CA ASN B 237 -40.54 -12.59 41.09
C ASN B 237 -40.15 -11.15 40.73
N ALA B 238 -38.87 -10.82 40.91
CA ALA B 238 -38.40 -9.48 40.66
C ALA B 238 -36.97 -9.53 40.09
N ARG B 239 -36.57 -8.45 39.41
CA ARG B 239 -35.23 -8.32 38.82
C ARG B 239 -34.83 -6.84 38.80
N VAL B 240 -33.54 -6.57 39.04
CA VAL B 240 -33.02 -5.21 38.99
C VAL B 240 -31.72 -5.23 38.15
N PHE B 241 -31.59 -4.23 37.27
CA PHE B 241 -30.39 -4.05 36.40
C PHE B 241 -29.90 -2.61 36.55
N VAL B 242 -28.61 -2.46 36.88
CA VAL B 242 -28.02 -1.14 37.03
C VAL B 242 -26.85 -1.05 36.04
N ASP B 243 -26.76 0.10 35.36
CA ASP B 243 -25.65 0.36 34.42
C ASP B 243 -25.11 1.76 34.68
N ALA B 244 -23.79 1.91 34.60
CA ALA B 244 -23.17 3.19 34.71
C ALA B 244 -21.89 3.23 33.88
N TYR B 245 -21.56 4.41 33.37
CA TYR B 245 -20.34 4.55 32.58
C TYR B 245 -19.82 5.98 32.68
N ASP B 246 -18.52 6.11 32.39
CA ASP B 246 -17.82 7.33 32.28
C ASP B 246 -16.97 7.25 31.00
N ALA B 247 -17.20 8.19 30.07
CA ALA B 247 -16.57 8.12 28.73
C ALA B 247 -15.92 9.45 28.38
N LEU B 248 -14.84 9.35 27.59
CA LEU B 248 -14.19 10.52 26.98
C LEU B 248 -13.98 10.23 25.49
N ASP B 249 -14.26 11.24 24.65
CA ASP B 249 -13.92 11.21 23.24
C ASP B 249 -13.22 12.52 22.91
N HIS B 250 -12.00 12.43 22.36
N HIS B 250 -12.03 12.43 22.31
CA HIS B 250 -11.18 13.60 22.08
CA HIS B 250 -11.17 13.60 22.09
C HIS B 250 -10.47 13.43 20.73
C HIS B 250 -10.43 13.44 20.75
N VAL B 251 -10.64 14.40 19.84
CA VAL B 251 -9.95 14.41 18.55
C VAL B 251 -9.17 15.71 18.44
N ASP B 252 -7.86 15.60 18.20
CA ASP B 252 -7.03 16.70 17.76
C ASP B 252 -6.93 16.61 16.22
N GLY B 253 -7.07 17.75 15.55
CA GLY B 253 -7.24 17.75 14.11
C GLY B 253 -8.61 17.20 13.71
N VAL B 254 -9.65 17.72 14.37
CA VAL B 254 -11.03 17.30 14.13
C VAL B 254 -11.45 17.74 12.71
N THR B 255 -12.27 16.93 12.05
N THR B 255 -12.30 16.92 12.10
CA THR B 255 -12.71 17.26 10.69
CA THR B 255 -12.84 17.14 10.76
C THR B 255 -14.12 17.87 10.75
C THR B 255 -14.16 17.92 10.86
N ARG B 256 -14.21 19.10 10.23
CA ARG B 256 -15.42 19.91 10.25
C ARG B 256 -16.11 19.92 8.89
N GLY B 257 -15.32 19.78 7.81
CA GLY B 257 -15.88 19.84 6.45
C GLY B 257 -15.84 21.24 5.85
N VAL B 258 -16.22 21.33 4.57
CA VAL B 258 -16.07 22.51 3.79
C VAL B 258 -17.32 22.75 2.95
N ASN B 259 -17.52 24.02 2.61
CA ASN B 259 -18.65 24.48 1.82
C ASN B 259 -18.22 24.81 0.38
N VAL B 260 -19.15 24.63 -0.55
CA VAL B 260 -18.95 24.88 -1.96
C VAL B 260 -20.13 25.70 -2.48
N SER B 261 -19.90 26.39 -3.60
CA SER B 261 -20.94 27.15 -4.30
C SER B 261 -21.05 26.65 -5.73
N THR B 262 -22.19 26.97 -6.38
CA THR B 262 -22.36 26.64 -7.79
C THR B 262 -21.40 27.47 -8.65
N ALA B 263 -21.12 28.72 -8.26
CA ALA B 263 -20.26 29.61 -9.07
C ALA B 263 -18.86 29.02 -9.17
N VAL B 264 -18.37 28.44 -8.07
CA VAL B 264 -17.01 27.96 -8.01
C VAL B 264 -16.95 26.48 -8.39
N GLY B 265 -17.86 25.67 -7.85
CA GLY B 265 -17.90 24.26 -8.14
C GLY B 265 -17.17 23.42 -7.08
N ILE B 266 -17.26 22.10 -7.25
CA ILE B 266 -16.62 21.12 -6.39
C ILE B 266 -15.34 20.68 -7.09
N PRO B 267 -14.16 20.94 -6.50
CA PRO B 267 -12.91 20.47 -7.09
C PRO B 267 -12.67 18.99 -6.77
N LYS B 268 -11.71 18.39 -7.46
CA LYS B 268 -11.40 17.00 -7.21
C LYS B 268 -10.93 16.83 -5.77
N PRO B 269 -11.27 15.71 -5.12
CA PRO B 269 -10.83 15.49 -3.74
C PRO B 269 -9.32 15.36 -3.62
N PRO B 270 -8.70 16.02 -2.64
CA PRO B 270 -7.32 15.76 -2.27
C PRO B 270 -7.16 14.30 -1.87
N LYS B 271 -5.91 13.87 -1.66
CA LYS B 271 -5.68 12.50 -1.24
C LYS B 271 -6.38 12.25 0.10
N ALA B 272 -6.75 11.00 0.33
CA ALA B 272 -7.78 10.64 1.32
C ALA B 272 -7.34 10.96 2.75
N ASP B 273 -6.02 11.01 3.01
CA ASP B 273 -5.52 11.25 4.34
C ASP B 273 -5.28 12.75 4.60
N THR B 274 -5.81 13.61 3.73
CA THR B 274 -5.66 15.07 3.90
C THR B 274 -6.62 15.55 5.00
N LEU B 275 -6.12 16.44 5.88
CA LEU B 275 -7.01 17.12 6.86
C LEU B 275 -7.29 18.54 6.36
N LEU B 276 -8.56 18.84 6.11
CA LEU B 276 -8.96 20.12 5.53
C LEU B 276 -9.53 21.07 6.60
N SER B 277 -9.28 20.76 7.86
CA SER B 277 -9.61 21.65 8.98
C SER B 277 -8.31 21.96 9.72
N PRO B 278 -8.29 22.96 10.60
CA PRO B 278 -7.07 23.35 11.29
C PRO B 278 -6.39 22.20 12.02
N ASP B 279 -5.06 22.13 11.87
CA ASP B 279 -4.31 21.07 12.51
C ASP B 279 -4.37 21.25 14.02
N TRP B 280 -4.59 22.47 14.51
CA TRP B 280 -4.64 22.75 15.93
C TRP B 280 -6.07 22.52 16.50
N GLY B 281 -7.06 22.35 15.62
CA GLY B 281 -8.47 22.28 16.05
C GLY B 281 -8.69 21.03 16.89
N SER B 282 -9.60 21.08 17.85
CA SER B 282 -9.83 19.93 18.68
C SER B 282 -11.28 19.93 19.19
N VAL B 283 -11.77 18.71 19.44
CA VAL B 283 -13.06 18.51 20.04
C VAL B 283 -12.86 17.56 21.22
N GLU B 284 -13.65 17.77 22.27
CA GLU B 284 -13.62 16.87 23.42
C GLU B 284 -15.04 16.76 23.99
N THR B 285 -15.50 15.52 24.17
CA THR B 285 -16.82 15.26 24.79
C THR B 285 -16.61 14.31 25.96
N LYS B 286 -17.09 14.72 27.14
CA LYS B 286 -17.15 13.87 28.30
C LYS B 286 -18.61 13.53 28.58
N ASP B 287 -18.89 12.24 28.67
CA ASP B 287 -20.21 11.72 28.89
C ASP B 287 -20.15 10.81 30.13
N LYS B 288 -21.15 10.96 31.00
CA LYS B 288 -21.31 10.10 32.16
C LYS B 288 -22.79 9.79 32.30
N GLY B 289 -23.11 8.51 32.46
CA GLY B 289 -24.50 8.10 32.56
C GLY B 289 -24.70 6.96 33.54
N ALA B 290 -25.94 6.84 34.02
CA ALA B 290 -26.31 5.75 34.87
C ALA B 290 -27.82 5.51 34.73
N MET B 291 -28.22 4.24 34.76
CA MET B 291 -29.63 3.93 34.73
C MET B 291 -29.92 2.70 35.59
N ILE B 292 -31.19 2.62 36.01
CA ILE B 292 -31.66 1.45 36.78
C ILE B 292 -32.99 1.03 36.18
N ARG B 293 -33.16 -0.29 36.05
CA ARG B 293 -34.39 -0.88 35.61
C ARG B 293 -34.84 -1.90 36.66
N GLY B 294 -36.13 -1.84 37.00
CA GLY B 294 -36.72 -2.84 37.89
C GLY B 294 -37.94 -3.46 37.27
N GLU B 295 -38.14 -4.76 37.51
CA GLU B 295 -39.31 -5.48 37.07
C GLU B 295 -39.89 -6.26 38.26
N TYR B 296 -41.22 -6.33 38.31
CA TYR B 296 -41.96 -7.07 39.38
C TYR B 296 -43.09 -7.88 38.75
N ASP B 297 -43.05 -9.21 38.95
CA ASP B 297 -44.05 -10.10 38.40
C ASP B 297 -45.16 -10.29 39.45
N PHE B 298 -46.32 -9.69 39.22
CA PHE B 298 -47.51 -9.90 40.07
C PHE B 298 -48.05 -11.31 39.88
N SER B 299 -48.02 -11.77 38.62
CA SER B 299 -48.38 -13.12 38.24
C SER B 299 -47.73 -13.41 36.89
N ASP B 300 -48.06 -14.56 36.30
CA ASP B 300 -47.58 -14.90 34.98
C ASP B 300 -48.35 -14.09 33.92
N GLN B 301 -49.32 -13.27 34.36
CA GLN B 301 -50.18 -12.54 33.42
C GLN B 301 -50.05 -11.02 33.58
N LEU B 302 -49.29 -10.56 34.58
CA LEU B 302 -49.16 -9.14 34.86
C LEU B 302 -47.79 -8.85 35.48
N MET B 303 -47.13 -7.82 34.93
CA MET B 303 -45.85 -7.37 35.44
C MET B 303 -45.78 -5.85 35.37
N ALA B 304 -45.10 -5.27 36.36
CA ALA B 304 -44.78 -3.87 36.34
C ALA B 304 -43.29 -3.71 36.05
N TYR B 305 -42.93 -2.55 35.50
CA TYR B 305 -41.53 -2.22 35.31
C TYR B 305 -41.36 -0.71 35.47
N ALA B 306 -40.14 -0.32 35.80
CA ALA B 306 -39.75 1.07 35.89
C ALA B 306 -38.27 1.18 35.53
N ALA B 307 -37.93 2.21 34.75
CA ALA B 307 -36.54 2.56 34.42
C ALA B 307 -36.32 4.05 34.66
N TYR B 308 -35.22 4.38 35.32
CA TYR B 308 -34.83 5.73 35.56
C TYR B 308 -33.33 5.86 35.22
N GLY B 309 -32.97 7.02 34.66
CA GLY B 309 -31.57 7.29 34.37
C GLY B 309 -31.27 8.77 34.29
N GLN B 310 -29.97 9.08 34.33
CA GLN B 310 -29.48 10.40 34.12
C GLN B 310 -28.14 10.33 33.37
N SER B 311 -27.80 11.44 32.73
CA SER B 311 -26.48 11.56 32.11
C SER B 311 -26.09 13.03 32.06
N THR B 312 -24.78 13.25 31.94
CA THR B 312 -24.26 14.55 31.68
C THR B 312 -23.34 14.48 30.46
N THR B 313 -23.34 15.57 29.70
CA THR B 313 -22.46 15.76 28.57
C THR B 313 -21.74 17.10 28.76
N GLU B 314 -20.42 17.08 28.57
CA GLU B 314 -19.64 18.32 28.48
C GLU B 314 -18.88 18.30 27.15
N TYR B 315 -19.29 19.19 26.25
CA TYR B 315 -18.77 19.30 24.89
C TYR B 315 -17.95 20.58 24.77
N LYS B 316 -16.80 20.46 24.10
CA LYS B 316 -15.97 21.63 23.81
C LYS B 316 -15.36 21.46 22.41
N TYR B 317 -15.44 22.53 21.62
CA TYR B 317 -14.92 22.56 20.27
C TYR B 317 -14.18 23.88 20.05
N ASN B 318 -12.97 23.77 19.50
CA ASN B 318 -12.14 24.89 19.13
C ASN B 318 -11.53 24.58 17.75
N GLY B 319 -11.97 25.30 16.72
CA GLY B 319 -11.52 25.03 15.37
C GLY B 319 -12.26 25.82 14.33
N ALA B 320 -12.34 25.28 13.12
CA ALA B 320 -13.08 25.92 12.07
C ALA B 320 -14.58 25.79 12.37
N SER B 321 -15.34 26.81 12.02
CA SER B 321 -16.78 26.63 11.98
C SER B 321 -17.20 26.16 10.57
N ALA B 322 -16.46 26.61 9.56
CA ALA B 322 -16.53 26.04 8.20
C ALA B 322 -15.32 26.51 7.37
N GLY B 323 -14.89 25.64 6.45
CA GLY B 323 -14.06 26.04 5.33
C GLY B 323 -14.95 26.27 4.12
N THR B 324 -14.62 27.28 3.30
CA THR B 324 -15.30 27.50 2.05
C THR B 324 -14.27 27.41 0.92
N ILE B 325 -14.58 26.61 -0.11
CA ILE B 325 -13.75 26.54 -1.31
C ILE B 325 -14.13 27.72 -2.20
N THR B 326 -13.21 28.68 -2.34
CA THR B 326 -13.48 29.95 -2.97
C THR B 326 -12.89 30.04 -4.39
N SER B 327 -12.13 29.02 -4.81
N SER B 327 -12.14 29.02 -4.82
CA SER B 327 -11.60 28.97 -6.19
CA SER B 327 -11.67 28.98 -6.21
C SER B 327 -11.48 27.51 -6.66
C SER B 327 -11.50 27.52 -6.67
N SER B 328 -11.55 27.31 -7.98
CA SER B 328 -11.34 26.00 -8.57
C SER B 328 -9.85 25.63 -8.52
N THR B 329 -8.98 26.55 -8.09
CA THR B 329 -7.60 26.17 -7.84
C THR B 329 -7.45 25.41 -6.51
N GLY B 330 -8.48 25.46 -5.65
CA GLY B 330 -8.42 24.77 -4.38
C GLY B 330 -8.29 25.70 -3.19
N THR B 331 -8.38 27.02 -3.41
CA THR B 331 -8.32 28.01 -2.34
C THR B 331 -9.43 27.72 -1.32
N LEU B 332 -9.04 27.72 -0.06
CA LEU B 332 -9.94 27.43 1.08
C LEU B 332 -9.87 28.58 2.07
N SER B 333 -11.05 29.08 2.45
CA SER B 333 -11.20 30.16 3.41
C SER B 333 -11.95 29.62 4.64
N SER B 334 -11.26 29.54 5.77
CA SER B 334 -11.77 28.84 6.95
C SER B 334 -12.03 29.85 8.06
N THR B 335 -13.31 30.10 8.38
N THR B 335 -13.31 30.07 8.35
CA THR B 335 -13.64 30.91 9.52
CA THR B 335 -13.79 30.83 9.50
C THR B 335 -13.60 30.03 10.77
C THR B 335 -13.59 29.99 10.77
N LEU B 336 -13.18 30.65 11.88
CA LEU B 336 -12.94 29.95 13.10
C LEU B 336 -14.09 30.21 14.07
N GLY B 337 -14.33 29.25 14.97
CA GLY B 337 -15.35 29.36 15.97
C GLY B 337 -15.04 28.52 17.19
N GLN B 338 -15.73 28.83 18.29
CA GLN B 338 -15.64 28.06 19.50
C GLN B 338 -17.05 27.80 20.02
N LEU B 339 -17.23 26.60 20.58
CA LEU B 339 -18.52 26.23 21.21
C LEU B 339 -18.23 25.34 22.40
N ALA B 340 -18.94 25.59 23.50
CA ALA B 340 -18.96 24.64 24.59
C ALA B 340 -20.41 24.57 25.09
N PHE B 341 -20.84 23.36 25.45
CA PHE B 341 -22.12 23.23 26.14
C PHE B 341 -22.05 22.09 27.16
N ASP B 342 -22.83 22.29 28.22
CA ASP B 342 -22.97 21.35 29.32
C ASP B 342 -24.45 21.04 29.45
N VAL B 343 -24.77 19.74 29.45
CA VAL B 343 -26.16 19.36 29.50
C VAL B 343 -26.36 18.23 30.52
N ASP B 344 -27.35 18.46 31.39
CA ASP B 344 -27.75 17.52 32.43
C ASP B 344 -29.13 16.96 32.03
N LYS B 345 -29.21 15.63 31.96
CA LYS B 345 -30.35 14.92 31.42
C LYS B 345 -30.90 13.99 32.53
N LYS B 346 -32.22 13.82 32.52
CA LYS B 346 -32.88 12.81 33.31
C LYS B 346 -33.99 12.18 32.47
N SER B 347 -34.27 10.89 32.72
N SER B 347 -34.23 10.89 32.66
CA SER B 347 -35.12 10.14 31.84
CA SER B 347 -35.25 10.23 31.89
C SER B 347 -35.79 8.99 32.61
C SER B 347 -35.84 9.05 32.66
N ALA B 348 -37.03 8.67 32.25
CA ALA B 348 -37.76 7.62 32.93
C ALA B 348 -38.79 7.02 32.00
N ASP B 349 -39.07 5.74 32.24
CA ASP B 349 -40.05 4.97 31.52
C ASP B 349 -40.59 3.91 32.49
N ALA B 350 -41.90 3.95 32.76
CA ALA B 350 -42.51 3.00 33.72
C ALA B 350 -43.87 2.56 33.15
N GLY B 351 -44.26 1.32 33.46
CA GLY B 351 -45.55 0.85 33.01
C GLY B 351 -45.88 -0.55 33.49
N PHE B 352 -46.89 -1.11 32.84
CA PHE B 352 -47.35 -2.44 33.11
C PHE B 352 -47.41 -3.19 31.78
N LYS B 353 -47.22 -4.49 31.85
CA LYS B 353 -47.46 -5.37 30.75
C LYS B 353 -48.32 -6.54 31.25
N GLY B 354 -49.16 -7.06 30.37
CA GLY B 354 -49.96 -8.21 30.77
C GLY B 354 -50.41 -9.04 29.59
N LYS B 355 -51.05 -10.17 29.91
CA LYS B 355 -51.63 -11.01 28.87
C LYS B 355 -52.86 -11.73 29.43
N PHE B 356 -53.82 -11.96 28.54
CA PHE B 356 -55.07 -12.65 28.83
C PHE B 356 -55.63 -13.14 27.50
N GLU B 357 -56.62 -14.04 27.58
CA GLU B 357 -57.26 -14.61 26.40
C GLU B 357 -58.76 -14.34 26.44
N THR B 358 -59.32 -13.96 25.29
CA THR B 358 -60.72 -13.76 25.10
C THR B 358 -61.15 -14.64 23.95
N GLY B 359 -61.86 -15.72 24.26
CA GLY B 359 -62.23 -16.68 23.23
C GLY B 359 -60.97 -17.29 22.63
N SER B 360 -60.85 -17.24 21.31
CA SER B 360 -59.68 -17.81 20.63
C SER B 360 -58.59 -16.76 20.39
N VAL B 361 -58.72 -15.57 21.00
CA VAL B 361 -57.76 -14.46 20.76
C VAL B 361 -56.91 -14.23 22.00
N LYS B 362 -55.59 -14.28 21.83
CA LYS B 362 -54.65 -13.94 22.90
C LYS B 362 -54.26 -12.46 22.81
N HIS B 363 -54.21 -11.81 23.97
CA HIS B 363 -53.82 -10.41 24.11
C HIS B 363 -52.51 -10.34 24.88
N GLN B 364 -51.57 -9.54 24.34
CA GLN B 364 -50.38 -9.14 25.04
C GLN B 364 -50.30 -7.60 24.96
N TRP B 365 -50.47 -6.92 26.09
CA TRP B 365 -50.68 -5.48 26.10
C TRP B 365 -49.61 -4.82 26.98
N VAL B 366 -49.45 -3.52 26.76
CA VAL B 366 -48.54 -2.71 27.54
C VAL B 366 -49.12 -1.30 27.64
N ALA B 367 -48.88 -0.68 28.79
CA ALA B 367 -49.22 0.69 29.05
C ALA B 367 -48.03 1.35 29.73
N ASN B 368 -47.59 2.53 29.24
CA ASN B 368 -46.43 3.15 29.85
C ASN B 368 -46.55 4.67 29.85
N ALA B 369 -45.69 5.26 30.68
CA ALA B 369 -45.47 6.68 30.73
C ALA B 369 -43.95 6.92 30.66
N THR B 370 -43.56 7.95 29.91
CA THR B 370 -42.16 8.32 29.78
C THR B 370 -42.00 9.80 30.09
N TYR B 371 -40.77 10.17 30.48
CA TYR B 371 -40.40 11.52 30.83
C TYR B 371 -38.92 11.70 30.44
N TYR B 372 -38.62 12.87 29.88
CA TYR B 372 -37.23 13.29 29.64
C TYR B 372 -37.13 14.78 29.94
N ASN B 373 -36.05 15.18 30.61
CA ASN B 373 -35.78 16.57 30.85
C ASN B 373 -34.28 16.80 30.69
N HIS B 374 -33.90 17.92 30.07
CA HIS B 374 -32.53 18.38 30.18
C HIS B 374 -32.50 19.88 30.46
N THR B 375 -31.41 20.27 31.11
CA THR B 375 -31.01 21.64 31.24
C THR B 375 -29.62 21.78 30.63
N GLN B 376 -29.39 22.89 29.94
CA GLN B 376 -28.20 23.07 29.13
C GLN B 376 -27.73 24.52 29.26
N ASP B 377 -26.40 24.67 29.30
CA ASP B 377 -25.76 25.96 29.13
C ASP B 377 -24.87 25.91 27.89
N ASP B 378 -25.00 26.94 27.06
CA ASP B 378 -24.20 27.12 25.85
C ASP B 378 -23.25 28.31 26.04
N TYR B 379 -22.05 28.13 25.50
CA TYR B 379 -20.98 29.09 25.48
C TYR B 379 -20.40 29.12 24.08
N GLY B 380 -20.02 30.29 23.58
CA GLY B 380 -19.37 30.25 22.28
C GLY B 380 -19.00 31.60 21.73
N TYR B 381 -18.19 31.53 20.66
CA TYR B 381 -17.92 32.64 19.76
C TYR B 381 -18.26 32.20 18.34
N ARG B 382 -19.17 32.94 17.69
CA ARG B 382 -19.28 32.89 16.25
C ARG B 382 -18.13 33.67 15.62
N ILE B 383 -17.76 34.79 16.26
CA ILE B 383 -16.61 35.58 15.85
C ILE B 383 -15.63 35.63 17.03
N ILE B 384 -14.48 34.97 16.88
CA ILE B 384 -13.49 34.92 17.94
C ILE B 384 -12.68 36.21 17.90
N PRO B 385 -12.61 37.00 18.99
CA PRO B 385 -11.82 38.22 18.99
C PRO B 385 -10.35 37.95 18.65
N GLY B 386 -9.84 38.67 17.65
CA GLY B 386 -8.46 38.48 17.19
C GLY B 386 -8.35 37.40 16.12
N PHE B 387 -9.46 36.67 15.88
CA PHE B 387 -9.44 35.55 14.91
C PHE B 387 -10.70 35.59 14.05
N SER B 388 -11.13 36.79 13.67
CA SER B 388 -12.33 36.93 12.87
C SER B 388 -11.99 36.79 11.38
N ASP B 389 -10.74 37.08 10.99
CA ASP B 389 -10.37 36.89 9.60
C ASP B 389 -10.23 35.39 9.35
N PRO B 390 -10.73 34.89 8.21
CA PRO B 390 -10.61 33.47 7.91
C PRO B 390 -9.17 33.16 7.54
N VAL B 391 -8.76 31.93 7.86
CA VAL B 391 -7.48 31.43 7.50
C VAL B 391 -7.53 30.93 6.05
N ILE B 392 -6.60 31.40 5.22
CA ILE B 392 -6.60 31.08 3.80
C ILE B 392 -5.54 30.01 3.54
N THR B 393 -5.97 28.87 3.02
CA THR B 393 -5.08 27.77 2.65
C THR B 393 -5.47 27.33 1.24
N ASN B 394 -4.88 26.20 0.81
CA ASN B 394 -5.29 25.54 -0.41
C ASN B 394 -5.47 24.06 -0.06
N ILE B 395 -6.56 23.45 -0.53
CA ILE B 395 -6.90 22.09 -0.11
C ILE B 395 -5.84 21.09 -0.55
N TYR B 396 -5.05 21.44 -1.58
CA TYR B 396 -4.03 20.52 -2.09
C TYR B 396 -2.65 20.78 -1.47
N ASP B 397 -2.54 21.80 -0.61
CA ASP B 397 -1.23 22.15 -0.05
C ASP B 397 -0.74 21.04 0.89
N PRO B 398 0.52 20.58 0.76
CA PRO B 398 1.10 19.67 1.76
C PRO B 398 1.55 20.38 3.04
N ASN B 399 1.59 21.72 3.03
CA ASN B 399 2.07 22.47 4.13
C ASN B 399 1.17 23.66 4.40
N PRO B 400 -0.14 23.47 4.69
CA PRO B 400 -1.01 24.60 5.05
C PRO B 400 -0.54 25.32 6.30
N ASN B 401 -0.70 26.63 6.32
CA ASN B 401 -0.40 27.40 7.50
C ASN B 401 -1.72 27.77 8.18
N TRP B 402 -2.04 27.08 9.28
CA TRP B 402 -3.34 27.23 9.95
C TRP B 402 -3.30 28.33 11.00
N GLY B 403 -2.14 28.99 11.13
CA GLY B 403 -2.02 30.10 12.05
C GLY B 403 -2.00 29.65 13.50
N PRO B 404 -1.97 30.60 14.46
CA PRO B 404 -1.93 30.24 15.86
C PRO B 404 -3.28 29.71 16.37
N LYS B 405 -3.19 28.95 17.44
CA LYS B 405 -4.35 28.36 18.08
C LYS B 405 -4.94 29.38 19.02
N PRO B 406 -6.23 29.76 18.86
CA PRO B 406 -6.82 30.71 19.79
C PRO B 406 -7.01 30.03 21.16
N GLU B 407 -6.82 30.80 22.22
CA GLU B 407 -7.13 30.34 23.55
C GLU B 407 -8.63 30.05 23.62
N PHE B 408 -9.00 29.09 24.46
CA PHE B 408 -10.39 28.65 24.57
C PHE B 408 -11.05 29.32 25.78
N THR B 409 -11.83 30.37 25.53
CA THR B 409 -12.48 31.17 26.56
C THR B 409 -13.89 31.59 26.12
N PRO B 410 -14.69 30.71 25.48
CA PRO B 410 -15.97 31.12 24.92
C PRO B 410 -16.88 31.62 26.03
N PRO B 411 -17.51 32.79 25.88
CA PRO B 411 -18.38 33.32 26.93
C PRO B 411 -19.76 32.62 26.95
N PHE B 412 -20.45 32.71 28.08
CA PHE B 412 -21.79 32.19 28.26
C PHE B 412 -22.76 32.89 27.31
N LEU B 413 -23.59 32.10 26.62
CA LEU B 413 -24.54 32.63 25.67
C LEU B 413 -25.96 32.54 26.25
N PHE B 414 -26.42 31.33 26.62
CA PHE B 414 -27.81 31.17 27.05
C PHE B 414 -27.99 29.82 27.75
N HIS B 415 -29.03 29.79 28.60
CA HIS B 415 -29.51 28.62 29.27
C HIS B 415 -30.72 28.10 28.49
N SER B 416 -30.86 26.78 28.35
CA SER B 416 -32.01 26.25 27.64
C SER B 416 -32.49 24.97 28.33
N THR B 417 -33.75 24.62 28.09
CA THR B 417 -34.28 23.39 28.61
C THR B 417 -35.11 22.73 27.51
N LEU B 418 -35.27 21.41 27.70
CA LEU B 418 -36.12 20.59 26.87
C LEU B 418 -36.79 19.56 27.78
N SER B 419 -38.10 19.45 27.63
N SER B 419 -38.10 19.45 27.63
CA SER B 419 -38.91 18.54 28.44
CA SER B 419 -38.91 18.54 28.45
C SER B 419 -39.87 17.80 27.51
C SER B 419 -39.89 17.80 27.53
N THR B 420 -39.95 16.47 27.67
CA THR B 420 -40.85 15.64 26.90
C THR B 420 -41.52 14.64 27.85
N SER B 421 -42.76 14.29 27.55
CA SER B 421 -43.44 13.25 28.29
C SER B 421 -44.42 12.53 27.37
N SER B 422 -44.72 11.27 27.70
CA SER B 422 -45.65 10.54 26.89
C SER B 422 -46.43 9.54 27.76
N PHE B 423 -47.55 9.11 27.18
CA PHE B 423 -48.39 8.04 27.70
C PHE B 423 -48.77 7.17 26.51
N GLY B 424 -48.42 5.89 26.58
CA GLY B 424 -48.67 4.95 25.50
C GLY B 424 -49.47 3.73 25.94
N LEU B 425 -50.23 3.21 24.98
CA LEU B 425 -51.03 1.99 25.12
C LEU B 425 -50.85 1.18 23.83
N ALA B 426 -50.64 -0.13 23.98
CA ALA B 426 -50.72 -1.00 22.84
C ALA B 426 -51.20 -2.39 23.26
N ASP B 427 -51.75 -3.11 22.28
CA ASP B 427 -52.16 -4.49 22.44
C ASP B 427 -51.76 -5.24 21.18
N THR B 428 -51.19 -6.42 21.36
CA THR B 428 -50.99 -7.35 20.27
C THR B 428 -51.98 -8.51 20.43
N LEU B 429 -52.89 -8.62 19.45
CA LEU B 429 -53.91 -9.67 19.38
C LEU B 429 -53.39 -10.78 18.48
N SER B 430 -53.36 -12.01 19.01
CA SER B 430 -52.87 -13.20 18.32
C SER B 430 -54.04 -14.16 18.09
N PHE B 431 -54.15 -14.68 16.86
CA PHE B 431 -55.19 -15.62 16.42
C PHE B 431 -54.51 -16.82 15.78
N ALA B 432 -55.24 -17.94 15.69
CA ALA B 432 -54.88 -19.10 14.87
C ALA B 432 -53.51 -19.65 15.28
N GLN B 433 -53.38 -19.93 16.58
CA GLN B 433 -52.16 -20.51 17.14
C GLN B 433 -50.98 -19.59 16.86
N ASP B 434 -51.22 -18.27 17.01
CA ASP B 434 -50.18 -17.24 16.98
C ASP B 434 -49.64 -17.04 15.56
N LYS B 435 -50.40 -17.44 14.55
CA LYS B 435 -49.95 -17.31 13.16
C LYS B 435 -50.35 -15.94 12.61
N VAL B 436 -51.32 -15.29 13.26
CA VAL B 436 -51.75 -13.95 12.86
C VAL B 436 -51.66 -13.06 14.10
N GLN B 437 -50.85 -12.00 13.99
CA GLN B 437 -50.57 -11.11 15.13
C GLN B 437 -50.81 -9.67 14.70
N LEU B 438 -51.81 -9.03 15.33
CA LEU B 438 -52.21 -7.65 15.01
C LEU B 438 -51.88 -6.77 16.21
N THR B 439 -51.01 -5.79 15.98
CA THR B 439 -50.62 -4.85 17.01
C THR B 439 -51.31 -3.50 16.72
N LEU B 440 -51.94 -2.94 17.76
CA LEU B 440 -52.62 -1.64 17.67
C LEU B 440 -52.18 -0.81 18.87
N GLY B 441 -52.01 0.49 18.68
CA GLY B 441 -51.63 1.33 19.81
C GLY B 441 -51.70 2.82 19.48
N LEU B 442 -51.59 3.63 20.53
CA LEU B 442 -51.44 5.04 20.35
C LEU B 442 -50.66 5.61 21.54
N ARG B 443 -50.03 6.76 21.28
CA ARG B 443 -49.22 7.40 22.26
C ARG B 443 -49.51 8.90 22.19
N HIS B 444 -49.68 9.49 23.37
CA HIS B 444 -49.78 10.93 23.53
C HIS B 444 -48.40 11.46 23.88
N GLN B 445 -47.96 12.48 23.14
CA GLN B 445 -46.61 13.04 23.30
C GLN B 445 -46.71 14.54 23.56
N THR B 446 -45.99 15.00 24.59
CA THR B 446 -45.89 16.41 24.88
C THR B 446 -44.41 16.82 24.82
N VAL B 447 -44.17 18.09 24.48
CA VAL B 447 -42.82 18.63 24.42
C VAL B 447 -42.88 20.13 24.71
N LYS B 448 -41.89 20.60 25.47
CA LYS B 448 -41.68 21.99 25.68
C LYS B 448 -40.17 22.28 25.67
N ALA B 449 -39.83 23.39 24.99
CA ALA B 449 -38.47 23.92 24.95
C ALA B 449 -38.48 25.35 25.47
N THR B 450 -37.43 25.73 26.21
CA THR B 450 -37.23 27.12 26.61
C THR B 450 -35.80 27.54 26.31
N SER B 451 -35.61 28.86 26.23
CA SER B 451 -34.28 29.47 26.14
C SER B 451 -34.30 30.81 26.90
N SER B 452 -33.23 31.07 27.66
CA SER B 452 -33.12 32.28 28.47
C SER B 452 -33.04 33.54 27.60
N VAL B 453 -32.82 33.40 26.28
CA VAL B 453 -32.73 34.56 25.40
C VAL B 453 -33.88 34.58 24.40
N ASN B 454 -34.87 33.70 24.54
CA ASN B 454 -36.05 33.76 23.65
C ASN B 454 -36.98 34.85 24.20
N THR B 455 -37.44 35.72 23.31
CA THR B 455 -38.42 36.74 23.67
C THR B 455 -39.83 36.28 23.27
N LEU B 456 -39.92 35.30 22.36
CA LEU B 456 -41.22 34.80 21.89
C LEU B 456 -41.83 33.87 22.94
N PRO B 457 -43.17 33.68 22.92
CA PRO B 457 -43.84 32.80 23.87
C PRO B 457 -43.24 31.39 23.91
N GLU B 458 -43.24 30.78 25.09
CA GLU B 458 -42.83 29.41 25.26
C GLU B 458 -44.01 28.64 25.89
N ASN B 459 -44.46 27.61 25.16
CA ASN B 459 -45.62 26.81 25.53
C ASN B 459 -45.33 25.35 25.19
N ALA B 460 -45.85 24.44 26.01
CA ALA B 460 -45.89 23.02 25.69
C ALA B 460 -46.87 22.78 24.56
N LYS B 461 -46.55 21.79 23.71
CA LYS B 461 -47.44 21.35 22.66
C LYS B 461 -47.52 19.82 22.70
N SER B 462 -48.58 19.27 22.11
CA SER B 462 -48.85 17.82 22.21
C SER B 462 -49.35 17.32 20.86
N ALA B 463 -49.21 16.00 20.67
CA ALA B 463 -49.80 15.30 19.58
C ALA B 463 -50.11 13.87 20.03
N THR B 464 -50.97 13.21 19.25
CA THR B 464 -51.31 11.81 19.41
C THR B 464 -50.91 11.05 18.17
N THR B 465 -50.14 9.97 18.37
CA THR B 465 -49.58 9.21 17.29
C THR B 465 -50.05 7.75 17.41
N PRO B 466 -50.74 7.25 16.37
CA PRO B 466 -51.16 5.85 16.34
C PRO B 466 -50.16 4.96 15.61
N GLY B 467 -50.30 3.65 15.81
CA GLY B 467 -49.58 2.67 15.04
C GLY B 467 -50.37 1.39 14.92
N VAL B 468 -50.18 0.71 13.80
CA VAL B 468 -50.78 -0.60 13.58
C VAL B 468 -49.80 -1.46 12.78
N ALA B 469 -49.66 -2.71 13.20
CA ALA B 469 -48.82 -3.64 12.48
C ALA B 469 -49.53 -4.99 12.41
N LEU B 470 -49.34 -5.68 11.29
CA LEU B 470 -49.91 -7.02 11.08
C LEU B 470 -48.80 -7.96 10.63
N LEU B 471 -48.69 -9.09 11.33
CA LEU B 471 -47.77 -10.13 10.96
C LEU B 471 -48.53 -11.45 10.75
N ILE B 472 -48.22 -12.12 9.64
CA ILE B 472 -48.75 -13.44 9.33
C ILE B 472 -47.58 -14.42 9.16
N LYS B 473 -47.59 -15.48 9.97
CA LYS B 473 -46.63 -16.54 9.82
C LYS B 473 -47.16 -17.55 8.78
N ALA B 474 -46.80 -17.34 7.50
CA ALA B 474 -47.21 -18.19 6.40
C ALA B 474 -46.77 -19.64 6.67
N THR B 475 -45.55 -19.80 7.17
CA THR B 475 -45.05 -21.06 7.68
C THR B 475 -44.26 -20.76 8.94
N ASP B 476 -43.67 -21.80 9.54
CA ASP B 476 -42.83 -21.61 10.72
C ASP B 476 -41.53 -20.90 10.33
N LYS B 477 -41.26 -20.75 9.03
CA LYS B 477 -39.97 -20.19 8.52
C LYS B 477 -40.17 -18.86 7.77
N ILE B 478 -41.41 -18.54 7.41
CA ILE B 478 -41.74 -17.43 6.51
C ILE B 478 -42.80 -16.55 7.18
N SER B 479 -42.48 -15.25 7.30
CA SER B 479 -43.43 -14.27 7.82
C SER B 479 -43.65 -13.17 6.79
N VAL B 480 -44.90 -12.70 6.68
N VAL B 480 -44.89 -12.70 6.69
CA VAL B 480 -45.24 -11.54 5.90
CA VAL B 480 -45.22 -11.53 5.91
C VAL B 480 -45.79 -10.48 6.87
C VAL B 480 -45.78 -10.48 6.88
N TYR B 481 -45.46 -9.20 6.64
CA TYR B 481 -45.84 -8.15 7.60
C TYR B 481 -46.11 -6.83 6.89
N ALA B 482 -46.88 -5.99 7.58
CA ALA B 482 -47.14 -4.63 7.17
C ALA B 482 -47.25 -3.76 8.42
N ASN B 483 -46.89 -2.48 8.28
CA ASN B 483 -47.09 -1.57 9.38
C ASN B 483 -47.45 -0.18 8.84
N TYR B 484 -48.13 0.56 9.71
CA TYR B 484 -48.22 2.01 9.66
C TYR B 484 -47.77 2.54 11.02
N ILE B 485 -46.79 3.44 10.99
CA ILE B 485 -46.27 4.00 12.21
C ILE B 485 -45.68 5.39 11.89
N GLU B 486 -45.60 6.23 12.92
CA GLU B 486 -45.19 7.59 12.73
C GLU B 486 -43.91 7.86 13.52
N GLY B 487 -43.27 8.98 13.19
CA GLY B 487 -42.22 9.58 14.00
C GLY B 487 -42.56 11.02 14.27
N LEU B 488 -42.13 11.51 15.43
CA LEU B 488 -42.43 12.87 15.83
C LEU B 488 -41.14 13.70 15.90
N THR B 489 -41.31 14.99 15.59
CA THR B 489 -40.28 16.00 15.73
C THR B 489 -40.92 17.24 16.36
N LYS B 490 -40.26 17.85 17.34
CA LYS B 490 -40.72 19.09 17.97
C LYS B 490 -41.11 20.10 16.88
N GLY B 491 -42.25 20.77 17.08
CA GLY B 491 -42.68 21.79 16.14
C GLY B 491 -41.78 23.02 16.23
N ASP B 492 -41.59 23.67 15.09
CA ASP B 492 -40.86 24.95 15.01
C ASP B 492 -41.79 26.10 15.44
N GLN B 493 -41.18 27.25 15.71
CA GLN B 493 -41.87 28.48 16.10
C GLN B 493 -41.70 29.55 15.01
N ALA B 494 -42.82 30.17 14.64
CA ALA B 494 -42.86 31.20 13.62
C ALA B 494 -42.12 32.44 14.11
N PRO B 495 -41.26 33.04 13.26
CA PRO B 495 -40.50 34.22 13.66
C PRO B 495 -41.39 35.48 13.79
N ALA B 496 -40.85 36.54 14.40
CA ALA B 496 -41.57 37.82 14.62
C ALA B 496 -42.00 38.46 13.29
N THR B 497 -41.36 38.03 12.19
CA THR B 497 -41.56 38.61 10.86
C THR B 497 -42.77 37.99 10.14
N ALA B 498 -43.41 37.00 10.75
CA ALA B 498 -44.45 36.22 10.09
C ALA B 498 -45.81 36.89 10.29
N SER B 499 -46.80 36.45 9.50
CA SER B 499 -48.19 36.83 9.69
C SER B 499 -48.74 36.18 10.96
N ASN B 500 -48.14 35.04 11.35
CA ASN B 500 -48.58 34.29 12.52
C ASN B 500 -47.45 34.28 13.54
N PRO B 501 -46.94 35.46 13.96
CA PRO B 501 -45.68 35.53 14.70
C PRO B 501 -45.76 34.79 16.04
N GLY B 502 -44.72 34.00 16.34
CA GLY B 502 -44.57 33.32 17.61
C GLY B 502 -45.42 32.06 17.75
N GLU B 503 -46.17 31.70 16.71
CA GLU B 503 -46.96 30.46 16.77
C GLU B 503 -45.99 29.26 16.88
N ILE B 504 -46.27 28.34 17.80
CA ILE B 504 -45.49 27.11 17.94
C ILE B 504 -46.33 25.96 17.40
N PHE B 505 -45.79 25.25 16.41
CA PHE B 505 -46.45 24.11 15.83
C PHE B 505 -46.39 22.94 16.82
N PRO B 506 -47.40 22.05 16.80
CA PRO B 506 -47.35 20.81 17.56
C PRO B 506 -46.30 19.86 17.00
N PRO B 507 -45.96 18.79 17.73
CA PRO B 507 -45.05 17.77 17.20
C PRO B 507 -45.50 17.33 15.80
N GLN B 508 -44.53 17.28 14.89
CA GLN B 508 -44.75 17.07 13.49
C GLN B 508 -44.61 15.58 13.16
N LYS B 509 -45.55 15.06 12.36
CA LYS B 509 -45.66 13.63 12.11
C LYS B 509 -44.99 13.24 10.80
N THR B 510 -43.89 12.47 10.95
CA THR B 510 -43.37 11.63 9.90
C THR B 510 -44.26 10.38 9.84
N LYS B 511 -44.60 9.93 8.63
CA LYS B 511 -45.54 8.78 8.46
C LYS B 511 -44.94 7.73 7.55
N GLN B 512 -44.91 6.49 8.04
CA GLN B 512 -44.43 5.34 7.30
C GLN B 512 -45.56 4.34 7.03
N GLN B 513 -45.55 3.78 5.83
CA GLN B 513 -46.18 2.51 5.51
C GLN B 513 -45.11 1.56 4.98
N GLU B 514 -45.16 0.30 5.43
CA GLU B 514 -44.19 -0.69 5.11
C GLU B 514 -44.91 -2.02 4.83
N LEU B 515 -44.37 -2.78 3.87
CA LEU B 515 -44.76 -4.15 3.58
C LEU B 515 -43.48 -4.99 3.47
N GLY B 516 -43.46 -6.16 4.11
CA GLY B 516 -42.23 -6.95 4.09
C GLY B 516 -42.44 -8.45 4.15
N LEU B 517 -41.32 -9.15 3.98
CA LEU B 517 -41.23 -10.59 3.95
C LEU B 517 -39.92 -10.99 4.62
N LYS B 518 -39.99 -11.97 5.53
CA LYS B 518 -38.83 -12.53 6.18
C LYS B 518 -38.84 -14.05 6.00
N VAL B 519 -37.65 -14.60 5.73
CA VAL B 519 -37.45 -16.02 5.53
C VAL B 519 -36.23 -16.47 6.33
N ASP B 520 -36.45 -17.38 7.28
CA ASP B 520 -35.39 -18.06 7.98
C ASP B 520 -35.23 -19.47 7.40
N LEU B 521 -34.17 -19.70 6.63
CA LEU B 521 -33.93 -21.00 5.98
C LEU B 521 -33.32 -21.98 6.99
N GLY B 522 -32.86 -21.47 8.14
CA GLY B 522 -32.22 -22.30 9.15
C GLY B 522 -30.96 -21.64 9.69
N THR B 523 -29.95 -21.56 8.82
CA THR B 523 -28.67 -20.97 9.16
C THR B 523 -28.43 -19.69 8.33
N PHE B 524 -29.37 -19.38 7.43
CA PHE B 524 -29.32 -18.20 6.59
C PHE B 524 -30.70 -17.58 6.50
N ALA B 525 -30.78 -16.24 6.57
CA ALA B 525 -32.05 -15.52 6.63
C ALA B 525 -32.05 -14.35 5.65
N HIS B 526 -33.24 -14.05 5.12
CA HIS B 526 -33.49 -12.96 4.19
C HIS B 526 -34.61 -12.08 4.75
N THR B 527 -34.51 -10.78 4.46
CA THR B 527 -35.59 -9.82 4.62
C THR B 527 -35.75 -9.06 3.29
N LEU B 528 -36.99 -8.90 2.85
CA LEU B 528 -37.32 -8.04 1.73
C LEU B 528 -38.42 -7.09 2.18
N SER B 529 -38.18 -5.78 2.11
CA SER B 529 -39.18 -4.81 2.54
C SER B 529 -39.25 -3.61 1.62
N ALA B 530 -40.44 -3.00 1.59
CA ALA B 530 -40.71 -1.83 0.82
C ALA B 530 -41.41 -0.82 1.72
N PHE B 531 -41.04 0.46 1.57
CA PHE B 531 -41.57 1.47 2.46
C PHE B 531 -41.79 2.78 1.71
N GLU B 532 -42.68 3.57 2.29
CA GLU B 532 -42.84 4.95 1.96
C GLU B 532 -42.94 5.74 3.26
N ILE B 533 -42.06 6.75 3.40
CA ILE B 533 -42.00 7.57 4.58
C ILE B 533 -42.07 9.03 4.15
N THR B 534 -43.04 9.77 4.70
CA THR B 534 -43.18 11.20 4.43
C THR B 534 -42.80 11.97 5.69
N LYS B 535 -41.95 12.98 5.51
CA LYS B 535 -41.50 13.80 6.61
C LYS B 535 -41.79 15.26 6.29
N PRO B 536 -42.55 15.94 7.18
CA PRO B 536 -42.88 17.35 6.97
C PRO B 536 -41.74 18.30 7.39
N SER B 537 -41.73 19.48 6.79
CA SER B 537 -40.84 20.56 7.18
C SER B 537 -41.62 21.87 7.16
N SER B 538 -41.11 22.81 7.93
CA SER B 538 -41.75 24.10 8.15
C SER B 538 -40.86 25.21 7.58
N TYR B 539 -41.47 26.30 7.11
CA TYR B 539 -40.71 27.44 6.60
C TYR B 539 -41.61 28.67 6.48
N LEU B 540 -40.96 29.83 6.36
CA LEU B 540 -41.61 31.09 6.08
C LEU B 540 -41.90 31.20 4.57
N ASP B 541 -43.19 31.30 4.21
CA ASP B 541 -43.65 31.20 2.83
C ASP B 541 -44.12 32.57 2.33
N PRO B 542 -43.38 33.23 1.41
CA PRO B 542 -43.82 34.53 0.88
C PRO B 542 -45.00 34.46 -0.10
N SER B 543 -45.37 33.25 -0.53
CA SER B 543 -46.50 33.05 -1.47
C SER B 543 -47.84 32.99 -0.72
N LYS B 544 -47.79 32.88 0.62
CA LYS B 544 -49.00 32.91 1.43
C LYS B 544 -48.95 34.15 2.32
N LEU B 545 -49.57 35.23 1.84
CA LEU B 545 -49.60 36.51 2.51
C LEU B 545 -50.89 36.64 3.30
N VAL B 546 -50.74 36.99 4.58
CA VAL B 546 -51.83 37.31 5.48
C VAL B 546 -51.48 38.63 6.17
N ASN B 547 -52.38 39.62 6.04
CA ASN B 547 -52.09 41.01 6.42
C ASN B 547 -50.80 41.47 5.76
N ASN B 548 -50.61 41.06 4.49
CA ASN B 548 -49.50 41.52 3.66
C ASN B 548 -48.17 41.01 4.23
N LEU B 549 -48.20 39.94 5.04
CA LEU B 549 -46.98 39.38 5.67
C LEU B 549 -46.83 37.90 5.30
N PRO B 550 -45.60 37.38 5.18
CA PRO B 550 -45.39 35.97 4.89
C PRO B 550 -45.85 35.08 6.07
N THR B 551 -46.43 33.92 5.75
CA THR B 551 -46.97 33.00 6.74
C THR B 551 -46.00 31.82 6.95
N PHE B 552 -45.75 31.51 8.22
CA PHE B 552 -44.95 30.35 8.61
C PHE B 552 -45.84 29.11 8.52
N VAL B 553 -45.45 28.15 7.66
CA VAL B 553 -46.30 27.00 7.36
C VAL B 553 -45.53 25.70 7.57
N SER B 554 -46.27 24.60 7.74
CA SER B 554 -45.74 23.25 7.96
C SER B 554 -46.04 22.39 6.74
N ASP B 555 -45.92 23.02 5.56
CA ASP B 555 -46.36 22.52 4.26
C ASP B 555 -45.27 21.69 3.56
N GLY B 556 -44.01 21.86 3.98
CA GLY B 556 -42.91 21.18 3.29
C GLY B 556 -43.01 19.68 3.44
N GLU B 557 -42.47 18.94 2.49
CA GLU B 557 -42.47 17.51 2.57
C GLU B 557 -41.27 16.92 1.82
N GLN B 558 -40.73 15.86 2.42
CA GLN B 558 -39.86 14.92 1.76
C GLN B 558 -40.53 13.55 1.83
N ARG B 559 -40.41 12.80 0.73
CA ARG B 559 -40.99 11.49 0.62
C ARG B 559 -39.89 10.51 0.20
N ASN B 560 -39.59 9.55 1.08
CA ASN B 560 -38.61 8.54 0.82
C ASN B 560 -39.36 7.22 0.52
N ARG B 561 -39.19 6.71 -0.71
CA ARG B 561 -39.68 5.39 -1.09
C ARG B 561 -38.47 4.49 -1.26
N GLY B 562 -38.57 3.26 -0.78
CA GLY B 562 -37.46 2.38 -0.83
C GLY B 562 -37.86 0.91 -0.91
N ILE B 563 -36.89 0.12 -1.36
N ILE B 563 -36.93 0.11 -1.42
CA ILE B 563 -36.94 -1.32 -1.37
CA ILE B 563 -37.02 -1.34 -1.32
C ILE B 563 -35.60 -1.82 -0.85
C ILE B 563 -35.65 -1.85 -0.87
N GLU B 564 -35.67 -2.79 0.08
N GLU B 564 -35.67 -2.74 0.12
CA GLU B 564 -34.51 -3.32 0.78
CA GLU B 564 -34.46 -3.32 0.68
C GLU B 564 -34.52 -4.85 0.66
C GLU B 564 -34.54 -4.85 0.59
N TRP B 565 -33.42 -5.44 0.19
CA TRP B 565 -33.17 -6.87 0.35
C TRP B 565 -31.90 -7.06 1.17
N SER B 566 -32.00 -7.75 2.30
CA SER B 566 -30.83 -8.02 3.08
C SER B 566 -30.85 -9.45 3.62
N PHE B 567 -29.71 -9.90 4.12
CA PHE B 567 -29.53 -11.29 4.53
C PHE B 567 -28.37 -11.38 5.51
N PHE B 568 -28.36 -12.46 6.30
CA PHE B 568 -27.33 -12.73 7.24
C PHE B 568 -27.30 -14.23 7.53
N GLY B 569 -26.16 -14.68 8.03
CA GLY B 569 -25.96 -16.02 8.53
C GLY B 569 -24.90 -16.77 7.74
N SER B 570 -25.05 -18.09 7.68
CA SER B 570 -24.09 -18.99 7.07
C SER B 570 -24.77 -19.76 5.96
N PRO B 571 -24.54 -19.38 4.69
CA PRO B 571 -25.27 -19.98 3.58
C PRO B 571 -24.71 -21.37 3.22
N ILE B 572 -23.49 -21.66 3.66
CA ILE B 572 -22.85 -22.96 3.52
C ILE B 572 -21.79 -23.08 4.61
N GLU B 573 -21.32 -24.31 4.83
CA GLU B 573 -20.45 -24.56 5.94
C GLU B 573 -19.17 -23.74 5.75
N HIS B 574 -18.70 -23.15 6.87
CA HIS B 574 -17.44 -22.43 6.99
C HIS B 574 -17.49 -21.05 6.33
N VAL B 575 -18.66 -20.64 5.84
CA VAL B 575 -18.85 -19.31 5.24
C VAL B 575 -19.90 -18.53 6.05
N ARG B 576 -19.63 -17.24 6.26
CA ARG B 576 -20.64 -16.28 6.73
C ARG B 576 -20.78 -15.15 5.70
N LEU B 577 -22.03 -14.70 5.51
N LEU B 577 -22.03 -14.77 5.40
CA LEU B 577 -22.39 -13.71 4.50
CA LEU B 577 -22.31 -13.57 4.62
C LEU B 577 -23.49 -12.80 5.05
C LEU B 577 -23.27 -12.69 5.44
N MET B 578 -23.24 -11.49 4.98
N MET B 578 -23.11 -11.37 5.27
CA MET B 578 -24.18 -10.50 5.51
CA MET B 578 -24.10 -10.35 5.70
C MET B 578 -24.10 -9.25 4.64
C MET B 578 -24.09 -9.23 4.66
N GLY B 579 -25.26 -8.76 4.23
CA GLY B 579 -25.32 -7.62 3.35
C GLY B 579 -26.66 -7.50 2.70
N GLY B 580 -26.68 -6.75 1.59
CA GLY B 580 -27.87 -6.49 0.88
C GLY B 580 -27.74 -5.38 -0.14
N PHE B 581 -28.89 -5.05 -0.72
CA PHE B 581 -29.06 -4.09 -1.76
C PHE B 581 -30.27 -3.22 -1.39
N THR B 582 -30.18 -1.92 -1.66
N THR B 582 -30.18 -1.92 -1.65
CA THR B 582 -31.33 -1.04 -1.52
CA THR B 582 -31.34 -1.03 -1.49
C THR B 582 -31.41 -0.12 -2.73
C THR B 582 -31.42 -0.09 -2.69
N TYR B 583 -32.67 0.21 -3.07
CA TYR B 583 -32.99 1.34 -3.90
C TYR B 583 -33.81 2.30 -3.05
N LEU B 584 -33.45 3.58 -3.10
CA LEU B 584 -34.09 4.64 -2.36
C LEU B 584 -34.40 5.78 -3.33
N ASP B 585 -35.63 6.28 -3.25
CA ASP B 585 -36.06 7.44 -3.98
C ASP B 585 -36.44 8.53 -3.00
N PRO B 586 -35.48 9.38 -2.56
CA PRO B 586 -35.75 10.41 -1.57
C PRO B 586 -36.09 11.74 -2.25
N GLU B 587 -37.39 12.04 -2.35
CA GLU B 587 -37.86 13.13 -3.17
C GLU B 587 -38.33 14.30 -2.30
N LEU B 588 -37.95 15.50 -2.72
CA LEU B 588 -38.48 16.72 -2.10
C LEU B 588 -39.79 17.06 -2.82
N THR B 589 -40.92 16.64 -2.24
CA THR B 589 -42.21 16.72 -2.96
C THR B 589 -42.80 18.13 -2.80
N LYS B 590 -42.54 18.78 -1.68
CA LYS B 590 -43.06 20.14 -1.47
C LYS B 590 -42.00 21.00 -0.78
N THR B 591 -41.64 22.11 -1.44
CA THR B 591 -40.55 22.97 -1.03
C THR B 591 -41.00 24.43 -1.14
N LYS B 592 -40.29 25.32 -0.45
CA LYS B 592 -40.61 26.74 -0.40
C LYS B 592 -40.68 27.30 -1.83
N SER B 593 -41.85 27.87 -2.17
CA SER B 593 -42.16 28.50 -3.47
C SER B 593 -42.18 27.47 -4.61
N GLY B 594 -42.12 26.18 -4.28
CA GLY B 594 -42.13 25.13 -5.31
C GLY B 594 -40.82 25.00 -6.06
N GLY B 595 -39.81 25.80 -5.70
CA GLY B 595 -38.54 25.89 -6.46
C GLY B 595 -37.83 24.56 -6.63
N ASN B 596 -37.84 23.71 -5.59
CA ASN B 596 -37.08 22.47 -5.64
C ASN B 596 -38.01 21.26 -5.65
N ASP B 597 -39.29 21.47 -6.00
CA ASP B 597 -40.25 20.37 -6.06
C ASP B 597 -39.77 19.32 -7.06
N GLY B 598 -39.83 18.05 -6.67
CA GLY B 598 -39.45 16.95 -7.51
C GLY B 598 -37.95 16.67 -7.49
N HIS B 599 -37.17 17.49 -6.78
CA HIS B 599 -35.73 17.28 -6.71
C HIS B 599 -35.41 16.12 -5.75
N THR B 600 -34.19 15.60 -5.84
CA THR B 600 -33.71 14.54 -4.97
C THR B 600 -33.09 15.16 -3.71
N ALA B 601 -33.39 14.59 -2.55
CA ALA B 601 -32.85 15.06 -1.27
C ALA B 601 -31.32 14.98 -1.32
N VAL B 602 -30.67 15.85 -0.55
CA VAL B 602 -29.20 15.88 -0.47
C VAL B 602 -28.70 14.66 0.30
N ALA B 603 -27.41 14.40 0.07
CA ALA B 603 -26.49 13.67 0.97
C ALA B 603 -26.56 12.15 0.74
N VAL B 604 -27.76 11.62 0.53
CA VAL B 604 -27.95 10.20 0.53
C VAL B 604 -27.89 9.65 -0.91
N PRO B 605 -27.31 8.45 -1.10
CA PRO B 605 -27.32 7.80 -2.41
C PRO B 605 -28.65 7.09 -2.66
N LYS B 606 -29.00 6.92 -3.93
CA LYS B 606 -30.23 6.21 -4.27
C LYS B 606 -29.99 4.70 -4.27
N ASN B 607 -28.76 4.26 -4.56
CA ASN B 607 -28.45 2.85 -4.65
C ASN B 607 -27.32 2.53 -3.68
N GLN B 608 -27.44 1.40 -2.98
CA GLN B 608 -26.39 0.84 -2.17
C GLN B 608 -26.34 -0.67 -2.33
N ALA B 609 -25.13 -1.20 -2.38
CA ALA B 609 -24.89 -2.62 -2.35
C ALA B 609 -23.73 -2.87 -1.39
N LYS B 610 -23.97 -3.72 -0.40
CA LYS B 610 -22.98 -4.02 0.59
C LYS B 610 -22.93 -5.53 0.78
N LEU B 611 -21.73 -6.05 0.96
CA LEU B 611 -21.54 -7.47 1.23
C LEU B 611 -20.31 -7.66 2.09
N GLY B 612 -20.51 -8.36 3.21
CA GLY B 612 -19.46 -8.81 4.07
C GLY B 612 -19.42 -10.33 4.10
N ALA B 613 -18.25 -10.89 3.81
CA ALA B 613 -18.06 -12.35 3.73
C ALA B 613 -16.90 -12.76 4.61
N GLU B 614 -17.02 -13.95 5.23
CA GLU B 614 -15.95 -14.55 5.99
C GLU B 614 -15.89 -16.04 5.61
N TRP B 615 -14.68 -16.59 5.63
CA TRP B 615 -14.40 -17.98 5.26
C TRP B 615 -13.41 -18.53 6.28
N ASP B 616 -13.77 -19.67 6.88
CA ASP B 616 -12.96 -20.29 7.91
C ASP B 616 -12.21 -21.48 7.32
N THR B 617 -10.96 -21.68 7.74
N THR B 617 -10.97 -21.66 7.76
CA THR B 617 -10.26 -22.93 7.45
CA THR B 617 -10.13 -22.82 7.46
C THR B 617 -9.35 -23.25 8.64
C THR B 617 -9.38 -23.23 8.72
N GLN B 618 -9.20 -24.55 8.90
CA GLN B 618 -8.35 -25.07 9.97
C GLN B 618 -6.88 -24.89 9.59
N VAL B 619 -6.09 -24.31 10.50
CA VAL B 619 -4.67 -24.10 10.25
C VAL B 619 -3.94 -24.41 11.55
N ALA B 620 -3.12 -25.47 11.51
CA ALA B 620 -2.47 -25.99 12.69
C ALA B 620 -3.55 -26.17 13.77
N GLN B 621 -3.28 -25.69 14.98
CA GLN B 621 -4.20 -25.84 16.10
C GLN B 621 -5.02 -24.55 16.30
N GLY B 622 -5.80 -24.21 15.27
CA GLY B 622 -6.70 -23.05 15.36
C GLY B 622 -7.48 -22.85 14.07
N THR B 623 -8.31 -21.80 14.04
CA THR B 623 -9.14 -21.48 12.93
C THR B 623 -8.71 -20.15 12.34
N LEU B 624 -8.39 -20.17 11.05
CA LEU B 624 -8.05 -18.98 10.30
C LEU B 624 -9.32 -18.52 9.59
N THR B 625 -9.66 -17.25 9.78
CA THR B 625 -10.77 -16.64 9.07
C THR B 625 -10.23 -15.54 8.15
N LEU B 626 -10.65 -15.58 6.89
CA LEU B 626 -10.41 -14.50 5.96
C LEU B 626 -11.71 -13.77 5.72
N SER B 627 -11.63 -12.43 5.67
CA SER B 627 -12.80 -11.64 5.49
C SER B 627 -12.59 -10.60 4.39
N GLY B 628 -13.71 -10.24 3.77
CA GLY B 628 -13.79 -9.11 2.86
C GLY B 628 -15.14 -8.42 2.94
N ASN B 629 -15.11 -7.11 2.67
CA ASN B 629 -16.29 -6.29 2.54
C ASN B 629 -16.18 -5.44 1.28
N ILE B 630 -17.33 -5.27 0.63
CA ILE B 630 -17.52 -4.28 -0.40
C ILE B 630 -18.69 -3.38 -0.01
N ASN B 631 -18.55 -2.11 -0.36
CA ASN B 631 -19.53 -1.08 -0.06
C ASN B 631 -19.58 -0.14 -1.27
N ALA B 632 -20.62 -0.30 -2.07
CA ALA B 632 -20.78 0.41 -3.33
C ALA B 632 -22.05 1.26 -3.27
N VAL B 633 -21.89 2.57 -3.51
CA VAL B 633 -23.01 3.47 -3.57
C VAL B 633 -22.94 4.33 -4.84
N SER B 634 -24.11 4.88 -5.20
CA SER B 634 -24.30 5.78 -6.32
C SER B 634 -24.17 7.25 -5.86
N LYS B 635 -24.37 8.20 -6.78
CA LYS B 635 -24.06 9.59 -6.54
C LYS B 635 -24.98 10.21 -5.48
N GLN B 636 -24.52 11.31 -4.89
CA GLN B 636 -25.34 12.07 -3.94
C GLN B 636 -25.34 13.52 -4.37
N TYR B 637 -26.50 14.17 -4.21
CA TYR B 637 -26.62 15.58 -4.42
C TYR B 637 -26.11 16.32 -3.18
N ILE B 638 -25.53 17.50 -3.44
CA ILE B 638 -24.91 18.31 -2.40
C ILE B 638 -25.81 19.48 -2.05
N ASN B 639 -26.68 19.89 -3.00
CA ASN B 639 -27.66 20.94 -2.70
C ASN B 639 -29.05 20.52 -3.19
N ALA B 640 -30.08 21.14 -2.62
CA ALA B 640 -31.48 20.81 -2.89
C ALA B 640 -31.88 21.24 -4.30
N GLU B 641 -31.14 22.21 -4.86
CA GLU B 641 -31.29 22.64 -6.26
C GLU B 641 -30.83 21.54 -7.22
N ASN B 642 -30.05 20.57 -6.70
CA ASN B 642 -29.53 19.45 -7.44
C ASN B 642 -28.63 19.95 -8.59
N THR B 643 -27.90 21.05 -8.35
CA THR B 643 -26.93 21.55 -9.32
C THR B 643 -25.52 21.16 -8.92
N LEU B 644 -25.34 20.64 -7.70
CA LEU B 644 -24.05 20.12 -7.27
C LEU B 644 -24.26 18.68 -6.79
N SER B 645 -23.31 17.81 -7.14
CA SER B 645 -23.35 16.41 -6.77
C SER B 645 -21.93 15.89 -6.65
N VAL B 646 -21.81 14.74 -5.98
CA VAL B 646 -20.59 14.00 -5.92
C VAL B 646 -20.89 12.59 -6.43
N PRO B 647 -19.91 11.92 -7.07
CA PRO B 647 -20.18 10.62 -7.68
C PRO B 647 -20.32 9.52 -6.63
N GLY B 648 -20.83 8.37 -7.08
CA GLY B 648 -20.73 7.15 -6.29
C GLY B 648 -19.29 6.77 -6.02
N ARG B 649 -19.07 5.89 -5.04
CA ARG B 649 -17.78 5.26 -4.83
C ARG B 649 -17.97 3.84 -4.30
N THR B 650 -16.93 3.04 -4.48
CA THR B 650 -16.85 1.68 -4.03
C THR B 650 -15.64 1.55 -3.12
N LEU B 651 -15.86 1.02 -1.92
CA LEU B 651 -14.82 0.84 -0.95
C LEU B 651 -14.67 -0.65 -0.66
N LEU B 652 -13.43 -1.09 -0.47
CA LEU B 652 -13.12 -2.47 -0.14
C LEU B 652 -12.45 -2.51 1.22
N ASP B 653 -12.71 -3.62 1.95
CA ASP B 653 -12.01 -3.91 3.20
C ASP B 653 -11.61 -5.40 3.18
N VAL B 654 -10.55 -5.74 3.91
CA VAL B 654 -10.12 -7.10 4.05
C VAL B 654 -9.65 -7.31 5.47
N GLY B 655 -9.73 -8.57 5.92
CA GLY B 655 -9.24 -8.89 7.21
C GLY B 655 -8.87 -10.36 7.33
N ALA B 656 -8.15 -10.66 8.41
CA ALA B 656 -7.87 -11.99 8.80
C ALA B 656 -7.99 -12.07 10.32
N ARG B 657 -8.41 -13.25 10.78
CA ARG B 657 -8.52 -13.55 12.18
C ARG B 657 -7.97 -14.97 12.42
N TYR B 658 -7.23 -15.11 13.50
CA TYR B 658 -6.74 -16.42 13.92
C TYR B 658 -7.15 -16.65 15.37
N SER B 659 -7.94 -17.70 15.59
N SER B 659 -7.93 -17.71 15.58
CA SER B 659 -8.38 -18.08 16.93
CA SER B 659 -8.39 -18.12 16.90
C SER B 659 -7.76 -19.43 17.30
C SER B 659 -7.73 -19.44 17.28
N THR B 660 -7.10 -19.46 18.45
CA THR B 660 -6.39 -20.63 18.92
C THR B 660 -6.41 -20.63 20.46
N LYS B 661 -5.59 -21.48 21.08
CA LYS B 661 -5.38 -21.47 22.53
C LYS B 661 -3.88 -21.50 22.81
N VAL B 662 -3.47 -20.83 23.88
CA VAL B 662 -2.10 -20.89 24.38
C VAL B 662 -2.17 -21.40 25.82
N GLU B 663 -1.72 -22.65 26.02
CA GLU B 663 -1.81 -23.32 27.33
C GLU B 663 -3.29 -23.41 27.73
N ASP B 664 -4.16 -23.68 26.76
CA ASP B 664 -5.60 -23.85 26.96
C ASP B 664 -6.31 -22.50 27.22
N HIS B 665 -5.61 -21.37 27.10
CA HIS B 665 -6.28 -20.03 27.17
C HIS B 665 -6.65 -19.54 25.78
N PRO B 666 -7.94 -19.29 25.48
CA PRO B 666 -8.35 -18.72 24.20
C PRO B 666 -7.60 -17.42 23.88
N VAL B 667 -7.06 -17.36 22.65
CA VAL B 667 -6.36 -16.18 22.12
C VAL B 667 -6.87 -15.95 20.69
N THR B 668 -7.18 -14.69 20.38
CA THR B 668 -7.60 -14.31 19.05
C THR B 668 -6.76 -13.12 18.55
N PHE B 669 -6.21 -13.28 17.34
CA PHE B 669 -5.45 -12.25 16.64
C PHE B 669 -6.34 -11.74 15.51
N ARG B 670 -6.40 -10.40 15.37
CA ARG B 670 -7.26 -9.79 14.34
C ARG B 670 -6.47 -8.70 13.61
N ALA B 671 -6.58 -8.71 12.28
CA ALA B 671 -6.00 -7.70 11.42
C ALA B 671 -7.04 -7.30 10.39
N ASN B 672 -7.24 -5.97 10.24
CA ASN B 672 -8.22 -5.43 9.32
C ASN B 672 -7.61 -4.23 8.58
N ILE B 673 -7.89 -4.14 7.28
CA ILE B 673 -7.62 -2.97 6.47
C ILE B 673 -8.94 -2.46 5.93
N TYR B 674 -9.26 -1.20 6.26
CA TYR B 674 -10.46 -0.56 5.77
C TYR B 674 -10.03 0.42 4.68
N ASN B 675 -10.91 0.62 3.70
CA ASN B 675 -10.63 1.44 2.52
C ASN B 675 -9.26 1.05 1.95
N LEU B 676 -9.12 -0.22 1.60
CA LEU B 676 -7.81 -0.76 1.27
C LEU B 676 -7.23 -0.13 -0.01
N THR B 677 -8.07 0.33 -0.92
CA THR B 677 -7.57 1.04 -2.12
C THR B 677 -7.23 2.51 -1.84
N ASN B 678 -7.53 3.00 -0.64
CA ASN B 678 -7.25 4.37 -0.25
C ASN B 678 -7.95 5.35 -1.21
N LYS B 679 -9.21 5.06 -1.50
CA LYS B 679 -10.01 5.93 -2.32
C LYS B 679 -10.26 7.28 -1.64
N ALA B 680 -10.01 8.36 -2.39
CA ALA B 680 -10.36 9.74 -2.02
C ALA B 680 -11.76 10.04 -2.52
N TYR B 681 -12.67 10.45 -1.62
CA TYR B 681 -14.00 10.84 -2.04
C TYR B 681 -14.58 11.90 -1.09
N TRP B 682 -15.44 12.74 -1.66
CA TRP B 682 -16.25 13.70 -0.96
C TRP B 682 -17.56 13.00 -0.58
N ALA B 683 -18.08 13.36 0.60
CA ALA B 683 -19.45 13.03 0.95
C ALA B 683 -19.96 14.11 1.93
N GLN B 684 -21.27 14.13 2.18
CA GLN B 684 -21.83 15.26 2.89
C GLN B 684 -21.94 14.94 4.38
N PRO B 685 -21.24 15.70 5.25
CA PRO B 685 -21.41 15.59 6.69
C PRO B 685 -22.55 16.49 7.18
N GLN B 686 -22.71 16.57 8.51
CA GLN B 686 -23.61 17.55 9.14
C GLN B 686 -22.98 18.96 9.09
N LEU B 687 -23.83 19.95 8.81
CA LEU B 687 -23.62 21.38 8.99
C LEU B 687 -22.80 21.99 7.85
N THR B 688 -21.92 21.22 7.20
CA THR B 688 -21.16 21.73 6.07
C THR B 688 -21.43 20.82 4.86
N ASN B 689 -21.02 21.27 3.67
CA ASN B 689 -21.44 20.62 2.42
C ASN B 689 -20.68 19.31 2.17
N LEU B 690 -19.36 19.27 2.47
CA LEU B 690 -18.49 18.18 2.06
C LEU B 690 -17.48 17.87 3.15
N ALA B 691 -17.05 16.61 3.19
CA ALA B 691 -15.89 16.20 3.94
C ALA B 691 -15.30 14.98 3.25
N LEU B 692 -13.98 14.85 3.35
CA LEU B 692 -13.31 13.65 2.79
C LEU B 692 -13.65 12.41 3.62
N GLY B 693 -13.86 11.30 2.92
CA GLY B 693 -13.95 9.98 3.53
C GLY B 693 -12.65 9.55 4.18
N ALA B 694 -12.76 8.65 5.16
CA ALA B 694 -11.62 8.12 5.87
C ALA B 694 -10.68 7.43 4.88
N PRO B 695 -9.35 7.56 5.10
CA PRO B 695 -8.37 6.92 4.22
C PRO B 695 -8.19 5.43 4.56
N ARG B 696 -7.27 4.78 3.85
CA ARG B 696 -6.85 3.43 4.22
C ARG B 696 -6.43 3.43 5.69
N THR B 697 -6.99 2.50 6.45
CA THR B 697 -6.77 2.41 7.88
C THR B 697 -6.50 0.95 8.27
N TYR B 698 -5.40 0.72 8.98
CA TYR B 698 -5.04 -0.60 9.48
C TYR B 698 -5.45 -0.70 10.95
N MET B 699 -6.03 -1.86 11.31
CA MET B 699 -6.34 -2.13 12.71
C MET B 699 -5.84 -3.53 13.10
N LEU B 700 -5.16 -3.61 14.23
CA LEU B 700 -4.71 -4.89 14.80
C LEU B 700 -5.25 -5.02 16.22
N SER B 701 -5.58 -6.26 16.61
CA SER B 701 -5.85 -6.51 18.00
C SER B 701 -5.45 -7.94 18.38
N VAL B 702 -5.15 -8.12 19.66
N VAL B 702 -5.10 -8.12 19.65
CA VAL B 702 -4.87 -9.41 20.26
CA VAL B 702 -4.91 -9.45 20.20
C VAL B 702 -5.67 -9.50 21.56
C VAL B 702 -5.63 -9.52 21.55
N SER B 703 -6.45 -10.58 21.71
CA SER B 703 -7.18 -10.81 22.94
C SER B 703 -6.71 -12.11 23.60
N TYR B 704 -6.73 -12.10 24.93
CA TYR B 704 -6.39 -13.24 25.77
C TYR B 704 -7.46 -13.41 26.86
N ASP B 705 -7.97 -14.62 27.00
CA ASP B 705 -8.94 -14.98 28.06
C ASP B 705 -8.21 -15.66 29.22
N PHE B 706 -8.37 -15.09 30.42
CA PHE B 706 -7.75 -15.61 31.63
C PHE B 706 -8.57 -16.81 32.13
N ASP C 36 25.30 -23.16 19.14
CA ASP C 36 25.54 -21.80 19.70
C ASP C 36 24.35 -20.89 19.38
N THR C 37 23.26 -21.44 18.85
CA THR C 37 22.14 -20.64 18.37
C THR C 37 20.94 -20.83 19.32
N TYR C 38 20.22 -19.75 19.58
CA TYR C 38 19.05 -19.80 20.43
C TYR C 38 17.85 -20.27 19.60
N ALA C 39 16.81 -20.73 20.28
CA ALA C 39 15.55 -21.10 19.64
C ALA C 39 15.13 -19.98 18.67
N GLY C 40 14.83 -20.37 17.44
CA GLY C 40 14.45 -19.45 16.39
C GLY C 40 15.55 -19.27 15.36
N GLY C 41 16.81 -19.45 15.78
CA GLY C 41 17.95 -19.42 14.88
C GLY C 41 18.44 -18.01 14.51
N GLN C 42 17.87 -16.96 15.13
CA GLN C 42 18.11 -15.57 14.73
C GLN C 42 19.02 -14.85 15.74
N VAL C 43 19.18 -15.41 16.93
CA VAL C 43 20.02 -14.88 17.98
C VAL C 43 20.94 -15.97 18.49
N ALA C 44 22.18 -15.61 18.85
CA ALA C 44 23.16 -16.55 19.39
C ALA C 44 23.13 -16.52 20.91
N THR C 45 23.72 -17.54 21.54
CA THR C 45 23.62 -17.70 22.99
C THR C 45 24.82 -17.06 23.69
N SER C 46 25.85 -16.66 22.94
N SER C 46 25.83 -16.65 22.93
CA SER C 46 27.02 -16.02 23.51
CA SER C 46 27.05 -16.05 23.47
C SER C 46 27.45 -14.83 22.66
C SER C 46 27.46 -14.83 22.64
N SER C 47 28.32 -13.98 23.23
CA SER C 47 28.93 -12.91 22.50
C SER C 47 30.29 -12.59 23.13
N ASN C 48 31.05 -11.78 22.41
CA ASN C 48 32.36 -11.34 22.83
C ASN C 48 32.21 -10.15 23.79
N VAL C 49 32.75 -10.30 25.00
CA VAL C 49 32.65 -9.26 26.03
C VAL C 49 34.00 -8.56 26.12
N GLY C 50 34.33 -7.83 25.04
CA GLY C 50 35.65 -7.26 24.87
C GLY C 50 36.73 -8.29 25.16
N PHE C 51 37.75 -7.90 25.94
CA PHE C 51 38.89 -8.82 26.18
C PHE C 51 38.58 -9.92 27.18
N LEU C 52 37.36 -9.95 27.76
CA LEU C 52 36.96 -11.10 28.56
C LEU C 52 36.64 -12.29 27.64
N GLY C 53 36.51 -12.05 26.34
CA GLY C 53 36.19 -13.08 25.36
C GLY C 53 34.73 -13.51 25.39
N SER C 54 34.49 -14.71 24.85
CA SER C 54 33.18 -15.24 24.65
C SER C 54 32.52 -15.55 25.98
N LYS C 55 31.29 -15.07 26.18
CA LYS C 55 30.52 -15.40 27.38
C LYS C 55 29.07 -15.66 27.00
N LYS C 56 28.44 -16.60 27.70
CA LYS C 56 27.02 -16.90 27.53
C LYS C 56 26.16 -15.77 28.11
N PHE C 57 24.95 -15.64 27.55
CA PHE C 57 23.91 -14.69 27.97
C PHE C 57 23.82 -14.58 29.50
N LEU C 58 23.60 -15.70 30.20
CA LEU C 58 23.34 -15.67 31.66
C LEU C 58 24.63 -15.48 32.48
N ASP C 59 25.79 -15.50 31.82
CA ASP C 59 27.07 -15.28 32.47
C ASP C 59 27.59 -13.85 32.25
N THR C 60 26.83 -13.02 31.52
CA THR C 60 27.37 -11.74 31.05
C THR C 60 26.69 -10.59 31.81
N PRO C 61 27.43 -9.87 32.67
CA PRO C 61 26.83 -8.79 33.49
C PRO C 61 26.76 -7.45 32.72
N PHE C 62 26.26 -7.55 31.49
CA PHE C 62 26.08 -6.44 30.56
C PHE C 62 24.89 -6.81 29.68
N ASN C 63 24.24 -5.79 29.11
CA ASN C 63 23.12 -5.99 28.25
C ASN C 63 23.67 -6.20 26.84
N THR C 64 23.59 -7.44 26.37
CA THR C 64 24.22 -7.90 25.13
C THR C 64 23.19 -8.66 24.28
N ILE C 65 23.41 -8.60 22.96
CA ILE C 65 22.65 -9.39 22.03
C ILE C 65 23.54 -9.69 20.83
N SER C 66 23.33 -10.87 20.24
CA SER C 66 24.09 -11.28 19.07
C SER C 66 23.13 -11.84 18.02
N TYR C 67 23.11 -11.20 16.86
CA TYR C 67 22.25 -11.58 15.75
C TYR C 67 23.03 -12.50 14.80
N THR C 68 22.35 -13.52 14.28
CA THR C 68 22.98 -14.47 13.34
C THR C 68 22.88 -13.97 11.91
N ASP C 69 23.67 -14.59 11.04
CA ASP C 69 23.57 -14.36 9.62
C ASP C 69 22.20 -14.77 9.07
N LYS C 70 21.52 -15.73 9.71
N LYS C 70 21.51 -15.71 9.73
CA LYS C 70 20.16 -16.08 9.30
CA LYS C 70 20.15 -16.08 9.31
C LYS C 70 19.24 -14.86 9.49
C LYS C 70 19.18 -14.91 9.54
N TYR C 71 19.36 -14.20 10.65
CA TYR C 71 18.59 -12.99 10.90
C TYR C 71 18.87 -11.90 9.87
N ILE C 72 20.17 -11.70 9.56
CA ILE C 72 20.57 -10.71 8.58
C ILE C 72 19.89 -10.98 7.22
N GLU C 73 19.90 -12.24 6.78
N GLU C 73 19.91 -12.26 6.80
CA GLU C 73 19.29 -12.56 5.49
CA GLU C 73 19.30 -12.73 5.55
C GLU C 73 17.77 -12.44 5.59
C GLU C 73 17.78 -12.50 5.59
N ASP C 74 17.19 -12.77 6.75
CA ASP C 74 15.73 -12.71 6.95
C ASP C 74 15.24 -11.25 6.84
N LYS C 75 16.05 -10.30 7.30
CA LYS C 75 15.70 -8.87 7.22
C LYS C 75 16.04 -8.28 5.84
N GLN C 76 16.80 -9.03 5.03
CA GLN C 76 17.43 -8.51 3.81
C GLN C 76 18.20 -7.22 4.15
N ALA C 77 18.94 -7.26 5.25
CA ALA C 77 19.64 -6.10 5.76
C ALA C 77 20.74 -5.67 4.79
N LYS C 78 20.77 -4.38 4.49
CA LYS C 78 21.72 -3.78 3.57
C LYS C 78 22.86 -3.07 4.32
N ASP C 79 22.70 -2.84 5.62
CA ASP C 79 23.73 -2.20 6.44
C ASP C 79 23.55 -2.67 7.88
N ILE C 80 24.45 -2.28 8.77
CA ILE C 80 24.45 -2.77 10.11
C ILE C 80 23.23 -2.24 10.87
N THR C 81 22.88 -0.99 10.60
CA THR C 81 21.69 -0.38 11.21
C THR C 81 20.47 -1.27 11.05
N GLU C 82 20.29 -1.84 9.84
CA GLU C 82 19.12 -2.64 9.50
C GLU C 82 19.12 -3.96 10.26
N VAL C 83 20.27 -4.34 10.81
CA VAL C 83 20.34 -5.49 11.69
C VAL C 83 20.03 -5.07 13.13
N ILE C 84 20.75 -4.07 13.65
CA ILE C 84 20.79 -3.85 15.10
C ILE C 84 19.66 -2.93 15.60
N ALA C 85 19.06 -2.11 14.73
CA ALA C 85 18.06 -1.14 15.19
C ALA C 85 16.63 -1.68 15.07
N ALA C 86 16.42 -2.75 14.33
CA ALA C 86 15.07 -3.14 13.92
C ALA C 86 14.22 -3.47 15.14
N THR C 87 14.78 -4.24 16.09
CA THR C 87 13.99 -4.70 17.23
C THR C 87 14.52 -4.21 18.57
N ASP C 88 15.64 -3.47 18.58
CA ASP C 88 16.30 -3.14 19.84
C ASP C 88 15.86 -1.75 20.29
N PRO C 89 15.04 -1.64 21.36
CA PRO C 89 14.53 -0.35 21.80
C PRO C 89 15.60 0.57 22.41
N SER C 90 16.81 0.06 22.64
CA SER C 90 17.90 0.89 23.13
C SER C 90 18.77 1.43 21.99
N ILE C 91 18.39 1.16 20.74
CA ILE C 91 19.08 1.70 19.61
C ILE C 91 18.11 2.58 18.81
N TYR C 92 18.62 3.73 18.40
CA TYR C 92 17.82 4.65 17.62
C TYR C 92 18.59 5.08 16.38
N THR C 93 17.89 5.09 15.24
CA THR C 93 18.40 5.69 14.00
C THR C 93 17.38 6.74 13.50
N ASN C 94 17.87 7.77 12.82
CA ASN C 94 17.02 8.72 12.12
C ASN C 94 16.38 8.08 10.88
N GLY C 95 16.97 7.00 10.35
CA GLY C 95 16.28 6.14 9.37
C GLY C 95 16.26 6.69 7.95
N ALA C 96 17.17 7.61 7.60
CA ALA C 96 17.21 8.19 6.25
C ALA C 96 17.73 7.14 5.27
N SER C 97 17.32 7.29 4.02
CA SER C 97 17.82 6.49 2.89
C SER C 97 18.97 7.22 2.19
N GLY C 98 20.07 6.51 1.94
CA GLY C 98 21.12 7.06 1.09
C GLY C 98 21.89 8.20 1.71
N GLY C 99 22.08 8.17 3.03
CA GLY C 99 22.95 9.13 3.67
C GLY C 99 24.42 8.81 3.37
N TRP C 100 25.30 9.71 3.77
CA TRP C 100 26.74 9.54 3.55
C TRP C 100 27.37 8.61 4.59
N SER C 101 26.64 8.26 5.65
CA SER C 101 27.04 7.21 6.58
C SER C 101 25.78 6.63 7.23
N GLU C 102 25.98 5.51 7.92
CA GLU C 102 25.01 5.03 8.90
C GLU C 102 25.01 5.99 10.12
N ASN C 103 23.89 6.00 10.83
CA ASN C 103 23.78 6.85 11.99
C ASN C 103 22.89 6.15 13.03
N TYR C 104 23.46 5.81 14.19
CA TYR C 104 22.67 5.21 15.25
C TYR C 104 23.22 5.61 16.62
N TYR C 105 22.32 5.64 17.59
CA TYR C 105 22.60 5.87 18.99
C TYR C 105 22.32 4.57 19.77
N ILE C 106 23.10 4.33 20.82
CA ILE C 106 22.89 3.23 21.74
C ILE C 106 22.80 3.83 23.15
N ARG C 107 21.73 3.48 23.88
CA ARG C 107 21.44 4.07 25.19
C ARG C 107 21.50 5.60 25.13
N GLY C 108 21.06 6.14 23.98
CA GLY C 108 20.89 7.58 23.82
C GLY C 108 22.16 8.35 23.53
N TYR C 109 23.28 7.65 23.29
CA TYR C 109 24.51 8.29 22.94
C TYR C 109 24.96 7.80 21.56
N ALA C 110 25.64 8.68 20.83
CA ALA C 110 26.16 8.32 19.53
C ALA C 110 27.06 7.09 19.67
N SER C 111 26.96 6.20 18.70
CA SER C 111 27.88 5.06 18.56
C SER C 111 28.43 5.11 17.14
N SER C 112 29.68 5.59 17.01
CA SER C 112 30.25 5.92 15.69
C SER C 112 30.45 4.65 14.87
N THR C 113 30.18 4.75 13.58
CA THR C 113 30.53 3.67 12.64
C THR C 113 32.03 3.39 12.69
N ASN C 114 32.83 4.41 13.01
CA ASN C 114 34.29 4.29 13.09
C ASN C 114 34.70 3.31 14.22
N ASP C 115 33.80 3.06 15.16
CA ASP C 115 34.13 2.40 16.42
C ASP C 115 33.65 0.94 16.48
N MET C 116 33.28 0.34 15.35
CA MET C 116 32.92 -1.06 15.34
C MET C 116 34.20 -1.91 15.41
N SER C 117 34.09 -3.09 15.99
CA SER C 117 35.19 -4.04 15.97
C SER C 117 34.88 -5.19 15.01
N MET C 118 35.94 -5.80 14.47
CA MET C 118 35.84 -6.98 13.65
C MET C 118 36.61 -8.12 14.33
N ASN C 119 35.89 -9.14 14.80
CA ASN C 119 36.47 -10.21 15.59
C ASN C 119 37.25 -9.60 16.76
N GLY C 120 36.71 -8.52 17.36
CA GLY C 120 37.28 -7.96 18.56
C GLY C 120 38.32 -6.87 18.31
N LEU C 121 38.71 -6.63 17.06
CA LEU C 121 39.76 -5.67 16.72
C LEU C 121 39.16 -4.41 16.09
N PHE C 122 39.57 -3.25 16.60
N PHE C 122 39.57 -3.24 16.63
CA PHE C 122 39.07 -1.96 16.13
CA PHE C 122 39.11 -1.92 16.15
C PHE C 122 39.95 -1.45 14.98
C PHE C 122 39.94 -1.50 14.93
N GLY C 123 39.39 -0.55 14.16
CA GLY C 123 40.12 0.07 13.06
C GLY C 123 40.20 -0.74 11.77
N ILE C 124 39.35 -1.75 11.62
CA ILE C 124 39.39 -2.66 10.44
C ILE C 124 38.17 -2.46 9.53
N THR C 125 37.01 -2.26 10.16
CA THR C 125 35.72 -2.22 9.49
C THR C 125 35.60 -1.00 8.57
N PRO C 126 34.66 -1.02 7.60
CA PRO C 126 34.42 0.15 6.76
C PRO C 126 34.10 1.39 7.63
N PHE C 127 34.54 2.55 7.15
CA PHE C 127 34.54 3.75 7.91
C PHE C 127 33.11 4.24 8.26
N TYR C 128 32.20 4.19 7.29
CA TYR C 128 30.91 4.91 7.42
C TYR C 128 29.70 4.01 7.21
N ARG C 129 29.83 2.98 6.38
CA ARG C 129 28.72 2.05 6.16
C ARG C 129 29.30 0.68 5.84
N THR C 130 28.67 -0.34 6.41
CA THR C 130 29.10 -1.73 6.28
C THR C 130 27.93 -2.58 5.80
N SER C 131 28.08 -3.19 4.62
CA SER C 131 27.11 -4.19 4.16
C SER C 131 27.45 -5.52 4.85
N PRO C 132 26.46 -6.25 5.38
CA PRO C 132 26.76 -7.32 6.34
C PRO C 132 27.02 -8.74 5.79
N GLU C 133 27.27 -8.89 4.47
CA GLU C 133 27.30 -10.23 3.83
C GLU C 133 28.47 -11.10 4.37
N MET C 134 29.53 -10.48 4.89
CA MET C 134 30.70 -11.25 5.30
C MET C 134 30.66 -11.66 6.78
N PHE C 135 29.54 -11.45 7.47
CA PHE C 135 29.51 -11.70 8.90
C PHE C 135 28.59 -12.85 9.27
N GLY C 136 29.07 -13.68 10.20
CA GLY C 136 28.30 -14.73 10.79
C GLY C 136 27.46 -14.23 11.98
N ARG C 137 27.98 -13.22 12.68
CA ARG C 137 27.28 -12.64 13.83
C ARG C 137 27.45 -11.13 13.79
N VAL C 138 26.43 -10.42 14.29
CA VAL C 138 26.53 -9.01 14.59
C VAL C 138 26.15 -8.85 16.07
N GLU C 139 27.14 -8.47 16.89
CA GLU C 139 27.00 -8.44 18.32
C GLU C 139 26.92 -6.99 18.78
N VAL C 140 26.12 -6.75 19.81
CA VAL C 140 26.00 -5.44 20.43
C VAL C 140 26.20 -5.61 21.94
N LEU C 141 27.07 -4.76 22.49
CA LEU C 141 27.20 -4.58 23.92
C LEU C 141 26.83 -3.15 24.25
N LYS C 142 25.78 -3.00 25.06
CA LYS C 142 25.18 -1.68 25.34
C LYS C 142 25.95 -0.97 26.45
N GLY C 143 26.15 0.33 26.24
CA GLY C 143 26.84 1.18 27.20
C GLY C 143 28.34 1.17 26.96
N PRO C 144 29.09 2.03 27.67
CA PRO C 144 30.52 2.17 27.42
C PRO C 144 31.27 0.92 27.92
N SER C 145 32.52 0.76 27.47
CA SER C 145 33.22 -0.50 27.79
C SER C 145 34.74 -0.32 27.77
N ALA C 146 35.25 0.81 28.26
CA ALA C 146 36.70 1.11 28.16
C ALA C 146 37.56 0.02 28.82
N LEU C 147 37.13 -0.50 29.98
CA LEU C 147 37.93 -1.59 30.62
C LEU C 147 38.11 -2.73 29.62
N LEU C 148 37.03 -3.10 28.94
CA LEU C 148 36.96 -4.30 28.13
C LEU C 148 37.65 -4.06 26.78
N ASN C 149 37.46 -2.86 26.21
CA ASN C 149 37.68 -2.62 24.79
C ASN C 149 38.69 -1.48 24.54
N GLY C 150 39.04 -0.72 25.56
CA GLY C 150 39.87 0.43 25.36
C GLY C 150 39.08 1.54 24.66
N MET C 151 39.81 2.51 24.14
CA MET C 151 39.17 3.66 23.54
C MET C 151 39.19 3.48 22.03
N PRO C 152 38.04 3.31 21.37
CA PRO C 152 38.02 3.19 19.91
C PRO C 152 38.24 4.54 19.22
N PRO C 153 38.55 4.52 17.92
CA PRO C 153 39.11 5.68 17.25
C PRO C 153 38.31 6.99 17.33
N ALA C 154 36.98 6.92 17.35
CA ALA C 154 36.15 8.15 17.39
C ALA C 154 35.73 8.49 18.83
N GLY C 155 36.09 7.64 19.81
CA GLY C 155 35.82 7.96 21.20
C GLY C 155 34.33 8.00 21.55
N SER C 156 33.50 7.25 20.81
CA SER C 156 32.07 7.21 21.12
C SER C 156 31.83 6.23 22.27
N VAL C 157 30.74 6.41 23.00
CA VAL C 157 30.54 5.71 24.29
C VAL C 157 29.18 5.00 24.41
N GLY C 158 28.35 5.03 23.37
CA GLY C 158 27.01 4.47 23.49
C GLY C 158 27.00 2.94 23.63
N GLY C 159 27.89 2.27 22.89
CA GLY C 159 27.97 0.80 22.94
C GLY C 159 29.00 0.30 21.94
N THR C 160 29.20 -1.01 21.92
CA THR C 160 30.16 -1.58 20.99
C THR C 160 29.45 -2.61 20.11
N VAL C 161 29.62 -2.43 18.80
CA VAL C 161 29.16 -3.30 17.80
C VAL C 161 30.36 -4.15 17.33
N ASN C 162 30.26 -5.46 17.53
CA ASN C 162 31.34 -6.40 17.14
C ASN C 162 30.82 -7.30 16.01
N LEU C 163 31.55 -7.30 14.88
CA LEU C 163 31.19 -8.04 13.70
C LEU C 163 32.09 -9.27 13.61
N VAL C 164 31.47 -10.46 13.61
CA VAL C 164 32.17 -11.75 13.59
C VAL C 164 32.14 -12.29 12.16
N THR C 165 33.32 -12.51 11.59
CA THR C 165 33.41 -12.89 10.19
C THR C 165 33.03 -14.37 10.02
N LYS C 166 32.80 -14.76 8.76
CA LYS C 166 32.44 -16.12 8.37
C LYS C 166 33.71 -16.92 8.09
N TYR C 167 33.73 -18.17 8.56
CA TYR C 167 34.77 -19.15 8.21
C TYR C 167 34.09 -20.43 7.69
N ALA C 168 34.86 -21.29 7.02
CA ALA C 168 34.29 -22.48 6.33
C ALA C 168 33.78 -23.48 7.37
N ALA C 169 32.53 -23.90 7.19
CA ALA C 169 32.01 -25.05 7.88
C ALA C 169 32.62 -26.34 7.30
N ASP C 170 32.40 -27.46 8.00
CA ASP C 170 33.00 -28.77 7.67
C ASP C 170 32.54 -29.23 6.29
N GLU C 171 31.24 -29.08 5.99
CA GLU C 171 30.69 -29.54 4.71
C GLU C 171 30.82 -28.44 3.66
N PRO C 172 31.24 -28.78 2.42
CA PRO C 172 31.37 -27.80 1.35
C PRO C 172 30.03 -27.06 1.15
N PHE C 173 30.13 -25.78 0.81
CA PHE C 173 28.99 -24.87 0.89
C PHE C 173 29.08 -23.88 -0.26
N ALA C 174 27.96 -23.70 -0.98
CA ALA C 174 27.88 -22.69 -2.00
C ALA C 174 26.44 -22.20 -2.12
N ARG C 175 26.24 -20.90 -1.89
CA ARG C 175 24.90 -20.31 -1.88
C ARG C 175 24.92 -19.08 -2.78
N LEU C 176 23.96 -19.03 -3.71
CA LEU C 176 23.75 -17.87 -4.51
C LEU C 176 22.41 -17.24 -4.11
N THR C 177 22.44 -15.92 -3.94
CA THR C 177 21.28 -15.13 -3.58
C THR C 177 21.17 -13.98 -4.58
N THR C 178 19.96 -13.77 -5.14
CA THR C 178 19.71 -12.63 -5.98
C THR C 178 18.79 -11.69 -5.21
N THR C 179 18.97 -10.37 -5.40
CA THR C 179 18.21 -9.38 -4.64
C THR C 179 17.61 -8.33 -5.58
N TYR C 180 16.44 -7.84 -5.16
CA TYR C 180 15.80 -6.65 -5.67
C TYR C 180 15.43 -5.74 -4.48
N MET C 181 15.56 -4.45 -4.71
CA MET C 181 14.98 -3.44 -3.84
C MET C 181 14.42 -2.33 -4.71
N SER C 182 13.22 -1.85 -4.38
CA SER C 182 12.59 -0.81 -5.16
C SER C 182 13.47 0.45 -5.17
N ASP C 183 13.42 1.23 -6.26
CA ASP C 183 12.56 0.99 -7.41
C ASP C 183 13.19 0.00 -8.40
N ALA C 184 14.53 -0.02 -8.49
CA ALA C 184 15.18 -0.79 -9.56
C ALA C 184 16.62 -1.18 -9.18
N GLN C 185 16.82 -1.56 -7.92
CA GLN C 185 18.14 -1.99 -7.47
C GLN C 185 18.20 -3.52 -7.52
N PHE C 186 19.14 -4.02 -8.32
CA PHE C 186 19.33 -5.44 -8.47
C PHE C 186 20.72 -5.82 -7.97
N GLY C 187 20.82 -7.03 -7.41
CA GLY C 187 22.10 -7.48 -6.93
C GLY C 187 22.21 -8.98 -6.86
N GLY C 188 23.42 -9.43 -6.51
CA GLY C 188 23.62 -10.80 -6.18
C GLY C 188 24.72 -10.98 -5.17
N HIS C 189 24.69 -12.14 -4.53
CA HIS C 189 25.60 -12.47 -3.48
C HIS C 189 25.95 -13.96 -3.58
N VAL C 190 27.24 -14.25 -3.69
N VAL C 190 27.25 -14.24 -3.70
CA VAL C 190 27.72 -15.61 -3.64
CA VAL C 190 27.78 -15.60 -3.67
C VAL C 190 28.52 -15.81 -2.34
C VAL C 190 28.52 -15.80 -2.35
N ASP C 191 28.24 -16.93 -1.68
CA ASP C 191 28.89 -17.35 -0.45
C ASP C 191 29.36 -18.79 -0.66
N VAL C 192 30.68 -19.01 -0.60
CA VAL C 192 31.26 -20.36 -0.83
C VAL C 192 32.27 -20.69 0.25
N GLY C 193 32.20 -21.92 0.75
CA GLY C 193 33.15 -22.42 1.72
C GLY C 193 33.57 -23.86 1.41
N ARG C 194 34.82 -24.16 1.77
CA ARG C 194 35.33 -25.53 1.77
C ARG C 194 36.51 -25.61 2.74
N ARG C 195 36.66 -26.80 3.34
CA ARG C 195 37.81 -27.09 4.19
C ARG C 195 38.76 -28.08 3.48
N PHE C 196 40.03 -28.05 3.86
CA PHE C 196 41.11 -28.79 3.17
C PHE C 196 42.00 -29.46 4.22
N GLY C 197 42.79 -30.44 3.77
CA GLY C 197 43.70 -31.18 4.64
C GLY C 197 43.03 -32.42 5.18
N GLU C 198 43.86 -33.34 5.69
CA GLU C 198 43.41 -34.66 6.07
C GLU C 198 42.41 -34.57 7.22
N ASN C 199 42.56 -33.56 8.10
CA ASN C 199 41.66 -33.40 9.24
C ASN C 199 40.85 -32.09 9.09
N LYS C 200 40.75 -31.59 7.86
CA LYS C 200 39.98 -30.35 7.56
C LYS C 200 40.46 -29.21 8.47
N GLU C 201 41.79 -29.09 8.59
CA GLU C 201 42.40 -28.19 9.50
C GLU C 201 42.50 -26.81 8.85
N PHE C 202 42.33 -26.75 7.52
CA PHE C 202 42.32 -25.47 6.77
C PHE C 202 40.90 -25.15 6.29
N GLY C 203 40.54 -23.87 6.35
CA GLY C 203 39.24 -23.41 5.81
C GLY C 203 39.40 -22.18 4.93
N VAL C 204 38.60 -22.13 3.86
CA VAL C 204 38.50 -20.99 2.98
C VAL C 204 37.02 -20.66 2.80
N ARG C 205 36.67 -19.39 3.08
CA ARG C 205 35.26 -18.90 2.93
C ARG C 205 35.29 -17.56 2.19
N ILE C 206 34.57 -17.49 1.06
CA ILE C 206 34.63 -16.36 0.18
C ILE C 206 33.19 -15.83 0.01
N ASN C 207 33.05 -14.51 0.10
CA ASN C 207 31.79 -13.86 -0.20
C ASN C 207 32.05 -12.81 -1.26
N GLY C 208 31.15 -12.76 -2.25
CA GLY C 208 31.15 -11.73 -3.24
C GLY C 208 29.76 -11.15 -3.40
N MET C 209 29.66 -9.81 -3.43
CA MET C 209 28.32 -9.17 -3.53
C MET C 209 28.45 -7.92 -4.39
N TYR C 210 27.43 -7.71 -5.24
CA TYR C 210 27.31 -6.51 -6.03
C TYR C 210 25.82 -6.15 -6.07
N ARG C 211 25.51 -4.87 -5.91
CA ARG C 211 24.17 -4.40 -6.22
C ARG C 211 24.22 -2.95 -6.65
N ASP C 212 23.30 -2.58 -7.56
CA ASP C 212 23.26 -1.25 -8.07
C ASP C 212 21.88 -1.00 -8.66
N GLY C 213 21.51 0.27 -8.69
CA GLY C 213 20.32 0.74 -9.39
C GLY C 213 19.53 1.74 -8.56
N ASP C 214 18.46 2.25 -9.15
CA ASP C 214 17.62 3.27 -8.55
C ASP C 214 16.99 2.73 -7.26
N ALA C 215 17.06 3.57 -6.23
CA ALA C 215 16.56 3.24 -4.93
C ALA C 215 15.13 3.79 -4.79
N ALA C 216 14.64 3.84 -3.55
CA ALA C 216 13.22 4.15 -3.30
C ALA C 216 13.00 5.66 -3.24
N VAL C 217 14.08 6.42 -3.10
CA VAL C 217 14.01 7.87 -3.12
C VAL C 217 14.19 8.34 -4.56
N ASN C 218 13.46 9.40 -4.97
CA ASN C 218 13.63 9.97 -6.31
C ASN C 218 15.09 10.37 -6.58
N ASP C 219 15.56 10.06 -7.79
CA ASP C 219 16.87 10.44 -8.31
C ASP C 219 18.00 9.96 -7.37
N GLN C 220 17.75 8.92 -6.60
CA GLN C 220 18.80 8.34 -5.74
C GLN C 220 19.09 6.93 -6.24
N SER C 221 20.37 6.58 -6.35
CA SER C 221 20.76 5.24 -6.71
C SER C 221 21.86 4.82 -5.73
N LYS C 222 21.89 3.53 -5.43
CA LYS C 222 22.80 2.98 -4.42
C LYS C 222 23.55 1.79 -5.01
N GLU C 223 24.88 1.89 -4.93
CA GLU C 223 25.77 0.85 -5.41
C GLU C 223 26.60 0.34 -4.22
N SER C 224 26.60 -0.98 -4.06
CA SER C 224 27.47 -1.60 -3.09
C SER C 224 28.24 -2.72 -3.78
N ARG C 225 29.45 -2.97 -3.30
CA ARG C 225 30.26 -4.09 -3.74
C ARG C 225 31.09 -4.59 -2.56
N LEU C 226 31.24 -5.91 -2.46
CA LEU C 226 32.06 -6.51 -1.45
C LEU C 226 32.73 -7.77 -2.02
N PHE C 227 34.01 -7.94 -1.67
CA PHE C 227 34.70 -9.22 -1.80
C PHE C 227 35.44 -9.49 -0.49
N SER C 228 35.16 -10.64 0.12
CA SER C 228 35.73 -10.99 1.39
C SER C 228 36.30 -12.41 1.36
N LEU C 229 37.33 -12.61 2.20
N LEU C 229 37.40 -12.59 2.10
CA LEU C 229 38.00 -13.89 2.38
CA LEU C 229 38.04 -13.89 2.40
C LEU C 229 38.18 -14.13 3.87
C LEU C 229 38.09 -14.09 3.90
N GLY C 230 37.69 -15.28 4.34
CA GLY C 230 37.90 -15.76 5.69
C GLY C 230 38.68 -17.08 5.66
N LEU C 231 39.91 -17.04 6.17
CA LEU C 231 40.83 -18.20 6.14
C LEU C 231 41.10 -18.61 7.56
N ASP C 232 41.24 -19.92 7.80
CA ASP C 232 41.60 -20.35 9.10
C ASP C 232 42.45 -21.63 9.01
N TRP C 233 43.29 -21.78 10.03
CA TRP C 233 44.04 -23.03 10.31
C TRP C 233 43.84 -23.43 11.76
N GLN C 234 43.34 -24.67 11.96
CA GLN C 234 43.16 -25.23 13.29
C GLN C 234 44.25 -26.26 13.55
N GLY C 235 45.21 -25.91 14.41
CA GLY C 235 46.27 -26.80 14.83
C GLY C 235 45.93 -27.50 16.13
N GLU C 236 46.87 -28.34 16.60
CA GLU C 236 46.71 -29.08 17.83
C GLU C 236 46.67 -28.12 19.03
N ASN C 237 47.61 -27.17 19.06
CA ASN C 237 47.77 -26.29 20.21
C ASN C 237 47.52 -24.82 19.82
N ALA C 238 47.40 -24.57 18.53
CA ALA C 238 47.44 -23.23 17.99
C ALA C 238 46.38 -23.11 16.89
N ARG C 239 45.99 -21.86 16.62
CA ARG C 239 44.99 -21.54 15.60
C ARG C 239 45.36 -20.19 14.97
N VAL C 240 45.07 -20.03 13.68
CA VAL C 240 45.26 -18.77 12.99
C VAL C 240 44.00 -18.47 12.18
N PHE C 241 43.54 -17.21 12.28
CA PHE C 241 42.38 -16.72 11.49
C PHE C 241 42.82 -15.49 10.73
N VAL C 242 42.56 -15.48 9.42
CA VAL C 242 42.89 -14.36 8.56
C VAL C 242 41.61 -13.91 7.88
N ASP C 243 41.40 -12.58 7.85
CA ASP C 243 40.23 -11.98 7.19
C ASP C 243 40.70 -10.83 6.32
N ALA C 244 40.08 -10.67 5.16
CA ALA C 244 40.38 -9.56 4.29
C ALA C 244 39.14 -9.24 3.46
N TYR C 245 39.00 -7.95 3.12
CA TYR C 245 37.86 -7.53 2.33
C TYR C 245 38.21 -6.29 1.54
N ASP C 246 37.41 -6.08 0.49
CA ASP C 246 37.46 -4.93 -0.37
C ASP C 246 36.00 -4.51 -0.61
N ALA C 247 35.67 -3.28 -0.24
CA ALA C 247 34.26 -2.80 -0.25
C ALA C 247 34.16 -1.47 -0.98
N LEU C 248 32.99 -1.27 -1.60
CA LEU C 248 32.63 0.00 -2.22
C LEU C 248 31.21 0.35 -1.83
N ASP C 249 31.03 1.62 -1.44
CA ASP C 249 29.70 2.19 -1.13
C ASP C 249 29.60 3.47 -1.93
N HIS C 250 28.56 3.58 -2.77
N HIS C 250 28.57 3.59 -2.77
CA HIS C 250 28.37 4.74 -3.63
CA HIS C 250 28.39 4.75 -3.64
C HIS C 250 26.89 5.11 -3.67
C HIS C 250 26.91 5.12 -3.71
N VAL C 251 26.58 6.39 -3.41
CA VAL C 251 25.22 6.89 -3.53
C VAL C 251 25.25 8.09 -4.45
N ASP C 252 24.45 8.02 -5.52
CA ASP C 252 24.11 9.17 -6.33
C ASP C 252 22.79 9.72 -5.79
N GLY C 253 22.70 11.05 -5.67
CA GLY C 253 21.59 11.68 -4.97
C GLY C 253 21.67 11.39 -3.48
N VAL C 254 22.84 11.62 -2.91
CA VAL C 254 23.08 11.40 -1.48
C VAL C 254 22.26 12.40 -0.64
N THR C 255 21.79 11.92 0.51
N THR C 255 21.73 11.93 0.50
CA THR C 255 21.04 12.70 1.50
CA THR C 255 20.96 12.82 1.35
C THR C 255 22.00 13.41 2.45
C THR C 255 21.86 13.40 2.44
N ARG C 256 21.93 14.74 2.50
N ARG C 256 21.91 14.73 2.50
CA ARG C 256 22.76 15.55 3.39
CA ARG C 256 22.75 15.46 3.45
C ARG C 256 21.92 16.09 4.56
C ARG C 256 21.90 16.01 4.60
N GLY C 257 20.64 16.33 4.30
CA GLY C 257 19.75 16.92 5.30
C GLY C 257 19.72 18.44 5.21
N VAL C 258 18.84 19.05 6.03
CA VAL C 258 18.57 20.47 5.94
C VAL C 258 18.52 21.08 7.34
N ASN C 259 18.78 22.39 7.40
CA ASN C 259 18.79 23.17 8.64
C ASN C 259 17.53 24.03 8.75
N VAL C 260 17.10 24.21 9.99
CA VAL C 260 15.92 24.98 10.33
C VAL C 260 16.28 25.97 11.44
N SER C 261 15.47 27.02 11.56
CA SER C 261 15.65 28.05 12.61
C SER C 261 14.32 28.26 13.35
N THR C 262 14.40 28.88 14.54
CA THR C 262 13.20 29.16 15.29
C THR C 262 12.38 30.24 14.60
N ALA C 263 13.04 31.19 13.93
CA ALA C 263 12.31 32.30 13.26
C ALA C 263 11.39 31.73 12.17
N VAL C 264 11.83 30.69 11.48
CA VAL C 264 11.11 30.15 10.36
C VAL C 264 10.22 28.99 10.82
N GLY C 265 10.79 28.07 11.60
CA GLY C 265 10.07 26.88 12.07
C GLY C 265 10.26 25.70 11.11
N ILE C 266 9.71 24.53 11.51
CA ILE C 266 9.80 23.31 10.75
C ILE C 266 8.48 23.13 9.99
N PRO C 267 8.53 23.13 8.65
CA PRO C 267 7.35 22.90 7.84
C PRO C 267 7.04 21.40 7.78
N LYS C 268 5.86 21.05 7.27
CA LYS C 268 5.46 19.67 7.24
C LYS C 268 6.37 18.92 6.26
N PRO C 269 6.72 17.65 6.57
CA PRO C 269 7.62 16.90 5.70
C PRO C 269 7.01 16.64 4.33
N PRO C 270 7.75 16.89 3.24
CA PRO C 270 7.32 16.48 1.90
C PRO C 270 7.08 14.98 1.88
N LYS C 271 6.58 14.46 0.75
CA LYS C 271 6.39 13.03 0.68
C LYS C 271 7.75 12.32 0.79
N ALA C 272 7.70 11.12 1.34
CA ALA C 272 8.85 10.42 1.89
C ALA C 272 9.90 10.10 0.82
N ASP C 273 9.51 10.06 -0.46
CA ASP C 273 10.45 9.73 -1.53
C ASP C 273 11.07 10.97 -2.17
N THR C 274 10.91 12.14 -1.53
CA THR C 274 11.51 13.37 -1.96
C THR C 274 13.01 13.39 -1.59
N LEU C 275 13.85 13.86 -2.51
CA LEU C 275 15.27 14.08 -2.25
C LEU C 275 15.48 15.58 -2.11
N LEU C 276 15.97 16.00 -0.94
CA LEU C 276 16.11 17.41 -0.59
C LEU C 276 17.57 17.88 -0.66
N SER C 277 18.40 17.08 -1.34
CA SER C 277 19.76 17.45 -1.67
C SER C 277 19.93 17.39 -3.19
N PRO C 278 21.01 17.95 -3.77
CA PRO C 278 21.16 17.98 -5.23
C PRO C 278 21.06 16.58 -5.86
N ASP C 279 20.33 16.49 -6.99
CA ASP C 279 20.21 15.25 -7.72
C ASP C 279 21.58 14.78 -8.22
N TRP C 280 22.48 15.72 -8.48
CA TRP C 280 23.80 15.42 -9.02
C TRP C 280 24.79 15.08 -7.89
N GLY C 281 24.42 15.29 -6.63
CA GLY C 281 25.35 15.07 -5.52
C GLY C 281 25.69 13.60 -5.39
N SER C 282 26.90 13.28 -4.91
CA SER C 282 27.24 11.89 -4.74
C SER C 282 28.27 11.74 -3.64
N VAL C 283 28.27 10.52 -3.10
CA VAL C 283 29.27 10.12 -2.14
C VAL C 283 29.81 8.75 -2.56
N GLU C 284 31.10 8.53 -2.29
CA GLU C 284 31.73 7.27 -2.59
C GLU C 284 32.76 6.97 -1.50
N THR C 285 32.66 5.77 -0.91
CA THR C 285 33.65 5.32 0.08
C THR C 285 34.20 3.98 -0.38
N LYS C 286 35.53 3.89 -0.46
CA LYS C 286 36.22 2.64 -0.69
C LYS C 286 36.95 2.24 0.58
N ASP C 287 36.65 1.04 1.08
CA ASP C 287 37.25 0.51 2.26
C ASP C 287 37.92 -0.82 1.89
N LYS C 288 39.13 -1.01 2.42
CA LYS C 288 39.84 -2.26 2.28
C LYS C 288 40.48 -2.57 3.63
N GLY C 289 40.33 -3.81 4.09
CA GLY C 289 40.85 -4.19 5.37
C GLY C 289 41.40 -5.61 5.38
N ALA C 290 42.30 -5.88 6.32
CA ALA C 290 42.76 -7.24 6.55
C ALA C 290 43.22 -7.35 8.00
N MET C 291 43.04 -8.54 8.59
CA MET C 291 43.52 -8.79 9.90
C MET C 291 43.95 -10.26 10.03
N ILE C 292 44.79 -10.49 11.02
CA ILE C 292 45.23 -11.83 11.38
C ILE C 292 45.19 -11.96 12.89
N ARG C 293 44.66 -13.10 13.36
CA ARG C 293 44.65 -13.43 14.75
C ARG C 293 45.34 -14.78 14.93
N GLY C 294 46.23 -14.85 15.92
CA GLY C 294 46.82 -16.12 16.36
C GLY C 294 46.49 -16.40 17.81
N GLU C 295 46.24 -17.68 18.12
CA GLU C 295 46.05 -18.15 19.46
C GLU C 295 46.99 -19.34 19.70
N TYR C 296 47.45 -19.44 20.95
CA TYR C 296 48.36 -20.54 21.35
C TYR C 296 47.95 -21.02 22.74
N ASP C 297 47.59 -22.31 22.81
CA ASP C 297 47.17 -22.91 24.05
C ASP C 297 48.40 -23.52 24.74
N PHE C 298 48.91 -22.85 25.77
CA PHE C 298 50.00 -23.37 26.59
C PHE C 298 49.49 -24.56 27.40
N SER C 299 48.26 -24.45 27.89
CA SER C 299 47.59 -25.54 28.60
C SER C 299 46.08 -25.25 28.56
N ASP C 300 45.30 -26.08 29.27
CA ASP C 300 43.87 -25.82 29.43
C ASP C 300 43.65 -24.65 30.41
N GLN C 301 44.72 -24.09 30.98
CA GLN C 301 44.59 -23.00 31.97
C GLN C 301 45.28 -21.71 31.50
N LEU C 302 45.90 -21.72 30.32
CA LEU C 302 46.68 -20.58 29.86
C LEU C 302 46.73 -20.55 28.33
N MET C 303 46.44 -19.37 27.77
CA MET C 303 46.48 -19.17 26.35
C MET C 303 47.01 -17.77 26.05
N ALA C 304 47.77 -17.66 24.96
CA ALA C 304 48.21 -16.39 24.43
C ALA C 304 47.45 -16.11 23.15
N TYR C 305 47.37 -14.82 22.80
CA TYR C 305 46.80 -14.43 21.53
C TYR C 305 47.44 -13.14 21.05
N ALA C 306 47.47 -12.98 19.74
CA ALA C 306 47.94 -11.78 19.13
C ALA C 306 47.11 -11.51 17.89
N ALA C 307 46.76 -10.24 17.69
CA ALA C 307 45.98 -9.81 16.51
C ALA C 307 46.60 -8.54 15.95
N TYR C 308 46.67 -8.49 14.62
CA TYR C 308 47.14 -7.34 13.91
C TYR C 308 46.23 -7.14 12.70
N GLY C 309 46.03 -5.87 12.35
CA GLY C 309 45.21 -5.54 11.17
C GLY C 309 45.52 -4.15 10.65
N GLN C 310 45.07 -3.90 9.43
CA GLN C 310 45.19 -2.62 8.82
C GLN C 310 44.00 -2.41 7.88
N SER C 311 43.67 -1.14 7.65
CA SER C 311 42.62 -0.82 6.68
C SER C 311 42.93 0.53 6.07
N THR C 312 42.31 0.79 4.91
CA THR C 312 42.37 2.08 4.28
C THR C 312 40.94 2.47 3.91
N THR C 313 40.68 3.77 4.03
CA THR C 313 39.44 4.38 3.62
C THR C 313 39.75 5.51 2.66
N GLU C 314 39.01 5.57 1.55
CA GLU C 314 39.03 6.72 0.65
C GLU C 314 37.59 7.23 0.50
N TYR C 315 37.35 8.42 1.01
CA TYR C 315 36.02 9.04 1.03
C TYR C 315 36.04 10.22 0.06
N LYS C 316 34.94 10.38 -0.68
CA LYS C 316 34.74 11.51 -1.55
C LYS C 316 33.27 11.92 -1.54
N TYR C 317 33.04 13.23 -1.46
CA TYR C 317 31.69 13.80 -1.38
C TYR C 317 31.66 15.08 -2.22
N ASN C 318 30.67 15.14 -3.11
CA ASN C 318 30.39 16.31 -3.92
C ASN C 318 28.89 16.58 -3.89
N GLY C 319 28.48 17.71 -3.31
CA GLY C 319 27.07 17.99 -3.14
C GLY C 319 26.81 19.22 -2.30
N ALA C 320 25.67 19.20 -1.61
CA ALA C 320 25.31 20.27 -0.70
C ALA C 320 26.17 20.13 0.56
N SER C 321 26.61 21.26 1.12
CA SER C 321 27.14 21.21 2.50
C SER C 321 25.99 21.33 3.52
N ALA C 322 25.00 22.16 3.18
CA ALA C 322 23.73 22.22 3.91
C ALA C 322 22.67 22.93 3.06
N GLY C 323 21.43 22.45 3.19
CA GLY C 323 20.27 23.19 2.77
C GLY C 323 19.64 23.82 3.99
N THR C 324 19.24 25.09 3.88
CA THR C 324 18.57 25.80 4.94
C THR C 324 17.15 26.12 4.49
N ILE C 325 16.15 25.78 5.32
CA ILE C 325 14.78 26.16 5.06
C ILE C 325 14.60 27.61 5.52
N THR C 326 14.39 28.52 4.56
CA THR C 326 14.43 29.94 4.84
C THR C 326 13.01 30.56 4.86
N SER C 327 11.99 29.77 4.56
N SER C 327 12.00 29.77 4.53
CA SER C 327 10.60 30.24 4.68
CA SER C 327 10.61 30.23 4.65
C SER C 327 9.70 29.07 5.06
C SER C 327 9.71 29.07 5.06
N SER C 328 8.59 29.41 5.72
CA SER C 328 7.63 28.42 6.15
C SER C 328 6.91 27.82 4.95
N THR C 329 7.04 28.45 3.77
CA THR C 329 6.44 27.95 2.57
C THR C 329 7.34 26.92 1.86
N GLY C 330 8.54 26.70 2.39
CA GLY C 330 9.39 25.57 1.93
C GLY C 330 10.59 26.00 1.08
N THR C 331 10.86 27.29 1.03
CA THR C 331 12.06 27.79 0.34
C THR C 331 13.29 27.14 0.99
N LEU C 332 14.19 26.70 0.12
CA LEU C 332 15.42 26.02 0.52
C LEU C 332 16.61 26.67 -0.17
N SER C 333 17.59 27.08 0.64
CA SER C 333 18.82 27.66 0.18
C SER C 333 19.97 26.70 0.50
N SER C 334 20.63 26.19 -0.56
CA SER C 334 21.62 25.14 -0.41
C SER C 334 23.00 25.69 -0.83
N THR C 335 23.95 25.66 0.10
CA THR C 335 25.33 25.93 -0.25
C THR C 335 25.96 24.61 -0.70
N LEU C 336 26.97 24.72 -1.60
CA LEU C 336 27.61 23.54 -2.13
C LEU C 336 29.02 23.42 -1.52
N GLY C 337 29.47 22.18 -1.38
CA GLY C 337 30.78 21.87 -0.83
C GLY C 337 31.34 20.57 -1.36
N GLN C 338 32.66 20.39 -1.18
CA GLN C 338 33.32 19.16 -1.55
C GLN C 338 34.25 18.74 -0.41
N LEU C 339 34.37 17.44 -0.23
CA LEU C 339 35.24 16.89 0.80
C LEU C 339 35.82 15.57 0.30
N ALA C 340 37.08 15.34 0.60
CA ALA C 340 37.67 14.03 0.39
C ALA C 340 38.68 13.82 1.53
N PHE C 341 38.76 12.57 2.01
CA PHE C 341 39.86 12.23 2.89
C PHE C 341 40.29 10.79 2.61
N ASP C 342 41.57 10.54 2.89
CA ASP C 342 42.20 9.26 2.78
C ASP C 342 42.81 8.94 4.15
N VAL C 343 42.54 7.76 4.67
CA VAL C 343 43.06 7.39 5.96
C VAL C 343 43.59 5.96 5.91
N ASP C 344 44.79 5.80 6.51
CA ASP C 344 45.47 4.53 6.64
C ASP C 344 45.56 4.20 8.12
N LYS C 345 45.04 3.03 8.49
CA LYS C 345 44.90 2.59 9.85
C LYS C 345 45.70 1.31 10.06
N LYS C 346 46.23 1.18 11.27
CA LYS C 346 46.86 -0.06 11.75
C LYS C 346 46.44 -0.28 13.19
N SER C 347 46.23 -1.53 13.57
CA SER C 347 45.82 -1.81 14.92
C SER C 347 46.29 -3.20 15.37
N ALA C 348 46.42 -3.35 16.67
CA ALA C 348 46.96 -4.56 17.24
C ALA C 348 46.40 -4.74 18.65
N ASP C 349 46.27 -6.01 19.06
CA ASP C 349 45.79 -6.39 20.36
C ASP C 349 46.40 -7.77 20.67
N ALA C 350 47.16 -7.87 21.76
CA ALA C 350 47.83 -9.12 22.15
C ALA C 350 47.71 -9.29 23.66
N GLY C 351 47.67 -10.56 24.12
CA GLY C 351 47.59 -10.77 25.52
C GLY C 351 47.61 -12.24 25.91
N PHE C 352 47.26 -12.46 27.15
CA PHE C 352 47.16 -13.77 27.75
C PHE C 352 45.82 -13.86 28.46
N LYS C 353 45.24 -15.06 28.45
CA LYS C 353 44.11 -15.40 29.30
C LYS C 353 44.47 -16.66 30.09
N GLY C 354 44.04 -16.72 31.35
CA GLY C 354 44.29 -17.91 32.15
C GLY C 354 43.20 -18.17 33.16
N LYS C 355 43.29 -19.31 33.83
CA LYS C 355 42.36 -19.64 34.90
C LYS C 355 43.02 -20.62 35.86
N PHE C 356 42.67 -20.47 37.13
CA PHE C 356 43.18 -21.32 38.21
C PHE C 356 42.17 -21.27 39.36
N GLU C 357 42.25 -22.26 40.25
CA GLU C 357 41.41 -22.35 41.44
C GLU C 357 42.28 -22.35 42.70
N THR C 358 41.98 -21.43 43.62
CA THR C 358 42.63 -21.31 44.89
C THR C 358 41.58 -21.45 45.98
N GLY C 359 41.69 -22.55 46.73
CA GLY C 359 40.64 -22.96 47.62
C GLY C 359 39.37 -23.21 46.82
N SER C 360 38.28 -22.57 47.25
CA SER C 360 37.00 -22.79 46.60
C SER C 360 36.70 -21.67 45.59
N VAL C 361 37.70 -20.83 45.29
CA VAL C 361 37.53 -19.65 44.41
C VAL C 361 38.24 -19.88 43.08
N LYS C 362 37.49 -19.75 41.99
CA LYS C 362 38.05 -19.81 40.66
C LYS C 362 38.37 -18.38 40.19
N HIS C 363 39.52 -18.26 39.53
CA HIS C 363 39.99 -17.03 38.93
C HIS C 363 40.10 -17.25 37.42
N GLN C 364 39.48 -16.35 36.65
CA GLN C 364 39.59 -16.33 35.20
C GLN C 364 40.05 -14.92 34.82
N TRP C 365 41.28 -14.79 34.32
CA TRP C 365 41.94 -13.50 34.20
C TRP C 365 42.37 -13.29 32.75
N VAL C 366 42.56 -12.01 32.41
CA VAL C 366 43.05 -11.63 31.09
C VAL C 366 43.91 -10.38 31.27
N ALA C 367 44.96 -10.31 30.46
CA ALA C 367 45.86 -9.19 30.41
C ALA C 367 46.18 -8.90 28.96
N ASN C 368 46.09 -7.63 28.54
CA ASN C 368 46.34 -7.33 27.15
C ASN C 368 47.00 -5.97 26.99
N ALA C 369 47.51 -5.77 25.76
CA ALA C 369 48.07 -4.53 25.30
C ALA C 369 47.49 -4.27 23.90
N THR C 370 47.11 -3.01 23.64
CA THR C 370 46.49 -2.63 22.36
C THR C 370 47.21 -1.40 21.81
N TYR C 371 47.18 -1.26 20.49
CA TYR C 371 47.76 -0.16 19.75
C TYR C 371 46.87 0.13 18.55
N TYR C 372 46.70 1.43 18.27
CA TYR C 372 46.00 1.90 17.06
C TYR C 372 46.71 3.16 16.57
N ASN C 373 46.93 3.23 15.26
N ASN C 373 46.94 3.23 15.27
CA ASN C 373 47.51 4.43 14.65
CA ASN C 373 47.51 4.43 14.65
C ASN C 373 46.79 4.67 13.32
C ASN C 373 46.79 4.68 13.33
N HIS C 374 46.53 5.95 13.01
CA HIS C 374 46.13 6.30 11.66
C HIS C 374 46.86 7.56 11.21
N THR C 375 47.05 7.63 9.90
CA THR C 375 47.46 8.82 9.21
C THR C 375 46.38 9.17 8.20
N GLN C 376 46.11 10.47 8.08
CA GLN C 376 44.98 10.94 7.28
C GLN C 376 45.39 12.19 6.51
N ASP C 377 44.88 12.31 5.29
CA ASP C 377 44.91 13.56 4.53
C ASP C 377 43.47 13.99 4.23
N ASP C 378 43.19 15.28 4.48
CA ASP C 378 41.91 15.88 4.21
C ASP C 378 42.05 16.88 3.06
N TYR C 379 41.02 16.89 2.22
CA TYR C 379 40.87 17.78 1.08
C TYR C 379 39.46 18.36 1.11
N GLY C 380 39.28 19.61 0.67
CA GLY C 380 37.92 20.12 0.63
C GLY C 380 37.81 21.54 0.16
N TYR C 381 36.58 21.89 -0.23
CA TYR C 381 36.15 23.26 -0.41
C TYR C 381 34.99 23.52 0.55
N ARG C 382 35.16 24.53 1.40
CA ARG C 382 34.04 25.13 2.10
C ARG C 382 33.23 25.96 1.10
N ILE C 383 33.94 26.72 0.25
CA ILE C 383 33.34 27.49 -0.82
C ILE C 383 33.96 26.99 -2.13
N ILE C 384 33.13 26.50 -3.05
CA ILE C 384 33.62 26.02 -4.32
C ILE C 384 33.82 27.23 -5.23
N PRO C 385 35.03 27.45 -5.77
CA PRO C 385 35.27 28.57 -6.70
C PRO C 385 34.33 28.51 -7.90
N GLY C 386 33.61 29.61 -8.13
CA GLY C 386 32.67 29.72 -9.22
C GLY C 386 31.28 29.24 -8.85
N PHE C 387 31.13 28.66 -7.65
CA PHE C 387 29.87 28.03 -7.21
C PHE C 387 29.52 28.48 -5.78
N SER C 388 29.80 29.75 -5.50
CA SER C 388 29.68 30.24 -4.15
C SER C 388 28.25 30.70 -3.86
N ASP C 389 27.47 31.00 -4.90
CA ASP C 389 26.06 31.38 -4.67
C ASP C 389 25.27 30.14 -4.28
N PRO C 390 24.31 30.28 -3.34
CA PRO C 390 23.46 29.16 -2.96
C PRO C 390 22.45 28.84 -4.07
N VAL C 391 22.08 27.57 -4.16
CA VAL C 391 21.05 27.11 -5.02
C VAL C 391 19.72 27.26 -4.28
N ILE C 392 18.74 27.90 -4.93
CA ILE C 392 17.43 28.16 -4.31
C ILE C 392 16.40 27.22 -4.93
N THR C 393 15.78 26.38 -4.10
CA THR C 393 14.73 25.49 -4.50
C THR C 393 13.54 25.65 -3.52
N ASN C 394 12.55 24.80 -3.69
CA ASN C 394 11.47 24.65 -2.73
C ASN C 394 11.32 23.16 -2.44
N ILE C 395 11.18 22.82 -1.15
CA ILE C 395 11.20 21.42 -0.73
C ILE C 395 9.98 20.67 -1.30
N TYR C 396 8.93 21.38 -1.66
CA TYR C 396 7.74 20.72 -2.18
C TYR C 396 7.72 20.70 -3.72
N ASP C 397 8.72 21.27 -4.38
CA ASP C 397 8.74 21.33 -5.87
C ASP C 397 8.97 19.91 -6.40
N PRO C 398 8.13 19.45 -7.36
CA PRO C 398 8.33 18.12 -7.95
C PRO C 398 9.46 18.09 -8.99
N ASN C 399 9.96 19.27 -9.36
CA ASN C 399 10.88 19.37 -10.46
C ASN C 399 11.96 20.39 -10.14
N PRO C 400 12.71 20.26 -9.01
CA PRO C 400 13.66 21.30 -8.64
C PRO C 400 14.84 21.40 -9.63
N ASN C 401 15.39 22.60 -9.76
CA ASN C 401 16.53 22.84 -10.59
C ASN C 401 17.74 23.02 -9.68
N TRP C 402 18.59 21.99 -9.63
CA TRP C 402 19.76 21.96 -8.75
C TRP C 402 20.99 22.57 -9.40
N GLY C 403 20.84 22.96 -10.68
CA GLY C 403 21.91 23.62 -11.36
C GLY C 403 22.99 22.64 -11.80
N PRO C 404 24.10 23.15 -12.37
CA PRO C 404 25.16 22.30 -12.86
C PRO C 404 25.98 21.66 -11.73
N LYS C 405 26.56 20.51 -12.05
CA LYS C 405 27.42 19.82 -11.15
C LYS C 405 28.82 20.43 -11.20
N PRO C 406 29.37 20.91 -10.07
CA PRO C 406 30.75 21.41 -10.05
C PRO C 406 31.73 20.24 -10.19
N GLU C 407 32.77 20.43 -11.00
CA GLU C 407 33.78 19.43 -11.12
C GLU C 407 34.40 19.19 -9.74
N PHE C 408 34.77 17.94 -9.48
CA PHE C 408 35.28 17.49 -8.20
C PHE C 408 36.80 17.67 -8.16
N THR C 409 37.26 18.72 -7.46
CA THR C 409 38.70 19.07 -7.44
C THR C 409 39.11 19.64 -6.08
N PRO C 410 38.67 19.06 -4.93
CA PRO C 410 38.93 19.67 -3.64
C PRO C 410 40.43 19.71 -3.37
N PRO C 411 41.00 20.85 -2.93
CA PRO C 411 42.44 20.92 -2.69
C PRO C 411 42.81 20.34 -1.31
N PHE C 412 44.08 19.96 -1.18
CA PHE C 412 44.64 19.47 0.08
C PHE C 412 44.52 20.53 1.18
N LEU C 413 44.03 20.10 2.35
CA LEU C 413 43.86 21.00 3.50
C LEU C 413 44.91 20.70 4.56
N PHE C 414 44.95 19.46 5.07
CA PHE C 414 45.87 19.17 6.18
C PHE C 414 46.06 17.67 6.34
N HIS C 415 47.20 17.31 6.94
CA HIS C 415 47.56 15.96 7.33
C HIS C 415 47.28 15.84 8.84
N SER C 416 46.82 14.68 9.29
CA SER C 416 46.56 14.48 10.72
C SER C 416 46.89 13.03 11.09
N THR C 417 47.22 12.83 12.38
CA THR C 417 47.45 11.50 12.90
C THR C 417 46.69 11.33 14.22
N LEU C 418 46.42 10.06 14.53
CA LEU C 418 45.88 9.65 15.81
C LEU C 418 46.62 8.38 16.22
N SER C 419 47.06 8.34 17.47
N SER C 419 47.07 8.35 17.48
CA SER C 419 47.73 7.20 18.04
CA SER C 419 47.74 7.19 18.04
C SER C 419 47.12 6.91 19.42
C SER C 419 47.14 6.91 19.42
N THR C 420 46.77 5.64 19.66
CA THR C 420 46.31 5.23 20.97
C THR C 420 47.04 3.93 21.37
N SER C 421 47.21 3.75 22.68
CA SER C 421 47.69 2.47 23.19
C SER C 421 47.08 2.24 24.56
N SER C 422 46.95 0.98 24.94
CA SER C 422 46.44 0.65 26.24
C SER C 422 47.10 -0.63 26.76
N PHE C 423 46.98 -0.82 28.07
CA PHE C 423 47.21 -2.10 28.67
C PHE C 423 46.22 -2.30 29.80
N GLY C 424 45.69 -3.53 29.84
CA GLY C 424 44.61 -3.84 30.69
C GLY C 424 44.79 -5.16 31.40
N LEU C 425 44.16 -5.25 32.58
N LEU C 425 44.16 -5.28 32.57
CA LEU C 425 44.11 -6.43 33.43
CA LEU C 425 44.12 -6.50 33.35
C LEU C 425 42.67 -6.58 33.94
C LEU C 425 42.74 -6.61 34.00
N ALA C 426 42.14 -7.80 33.92
CA ALA C 426 40.89 -8.08 34.62
C ALA C 426 40.90 -9.51 35.17
N ASP C 427 40.17 -9.70 36.27
CA ASP C 427 40.01 -11.01 36.90
C ASP C 427 38.55 -11.18 37.28
N THR C 428 37.98 -12.32 36.90
CA THR C 428 36.65 -12.72 37.37
C THR C 428 36.82 -13.82 38.42
N LEU C 429 36.50 -13.48 39.66
CA LEU C 429 36.49 -14.41 40.81
C LEU C 429 35.11 -15.06 40.90
N SER C 430 35.08 -16.38 40.96
CA SER C 430 33.81 -17.06 41.02
C SER C 430 33.81 -18.15 42.08
N PHE C 431 32.61 -18.50 42.54
CA PHE C 431 32.48 -19.69 43.37
C PHE C 431 31.12 -20.34 43.12
N ALA C 432 30.99 -21.58 43.62
CA ALA C 432 29.80 -22.38 43.49
C ALA C 432 29.50 -22.66 42.02
N GLN C 433 30.49 -23.17 41.29
CA GLN C 433 30.32 -23.55 39.89
C GLN C 433 29.82 -22.34 39.09
N ASP C 434 30.48 -21.20 39.32
CA ASP C 434 30.28 -19.99 38.52
C ASP C 434 28.92 -19.34 38.82
N LYS C 435 28.32 -19.62 39.99
CA LYS C 435 26.98 -19.08 40.26
C LYS C 435 27.05 -17.68 40.88
N VAL C 436 28.23 -17.32 41.40
CA VAL C 436 28.52 -15.96 41.84
C VAL C 436 29.84 -15.54 41.20
N GLN C 437 29.83 -14.42 40.46
CA GLN C 437 30.98 -13.99 39.66
C GLN C 437 31.24 -12.51 39.91
N LEU C 438 32.42 -12.17 40.40
CA LEU C 438 32.84 -10.77 40.64
C LEU C 438 34.01 -10.45 39.73
N THR C 439 33.82 -9.47 38.84
CA THR C 439 34.85 -9.07 37.90
C THR C 439 35.43 -7.71 38.33
N LEU C 440 36.76 -7.62 38.36
CA LEU C 440 37.48 -6.39 38.67
C LEU C 440 38.55 -6.20 37.60
N GLY C 441 38.76 -4.95 37.19
CA GLY C 441 39.84 -4.68 36.27
C GLY C 441 40.22 -3.22 36.21
N LEU C 442 41.38 -2.95 35.60
N LEU C 442 41.30 -2.97 35.45
CA LEU C 442 41.84 -1.62 35.26
CA LEU C 442 41.92 -1.67 35.30
C LEU C 442 42.41 -1.65 33.84
C LEU C 442 42.57 -1.60 33.90
N ARG C 443 42.37 -0.50 33.18
CA ARG C 443 43.06 -0.30 31.92
C ARG C 443 43.69 1.08 31.92
N HIS C 444 44.95 1.14 31.47
CA HIS C 444 45.66 2.38 31.28
C HIS C 444 45.65 2.70 29.80
N GLN C 445 45.18 3.90 29.46
CA GLN C 445 44.92 4.31 28.10
C GLN C 445 45.74 5.59 27.81
N THR C 446 46.41 5.60 26.66
CA THR C 446 47.13 6.76 26.21
C THR C 446 46.60 7.17 24.82
N VAL C 447 46.71 8.47 24.51
CA VAL C 447 46.28 8.98 23.22
C VAL C 447 47.10 10.22 22.85
N LYS C 448 47.42 10.31 21.56
CA LYS C 448 48.02 11.49 20.99
C LYS C 448 47.45 11.74 19.60
N ALA C 449 47.15 13.01 19.34
CA ALA C 449 46.68 13.47 18.04
C ALA C 449 47.63 14.55 17.53
N THR C 450 47.81 14.62 16.21
CA THR C 450 48.56 15.70 15.58
C THR C 450 47.82 16.17 14.33
N SER C 451 48.14 17.41 13.94
CA SER C 451 47.62 17.98 12.72
C SER C 451 48.66 18.96 12.17
N SER C 452 48.84 18.93 10.84
CA SER C 452 49.84 19.75 10.16
C SER C 452 49.51 21.24 10.28
N VAL C 453 48.27 21.59 10.67
CA VAL C 453 47.90 23.00 10.76
C VAL C 453 47.65 23.43 12.23
N ASN C 454 47.93 22.55 13.20
CA ASN C 454 47.88 22.95 14.61
C ASN C 454 49.19 23.65 14.96
N THR C 455 49.11 24.81 15.60
CA THR C 455 50.32 25.52 16.05
C THR C 455 50.53 25.30 17.56
N LEU C 456 49.51 24.81 18.27
CA LEU C 456 49.61 24.56 19.70
C LEU C 456 50.41 23.28 19.95
N PRO C 457 50.88 23.06 21.20
CA PRO C 457 51.63 21.85 21.55
C PRO C 457 50.84 20.57 21.30
N GLU C 458 51.56 19.51 20.90
CA GLU C 458 50.99 18.20 20.71
C GLU C 458 51.73 17.23 21.64
N ASN C 459 51.00 16.65 22.59
CA ASN C 459 51.56 15.77 23.63
C ASN C 459 50.58 14.63 23.87
N ALA C 460 51.12 13.46 24.23
CA ALA C 460 50.33 12.33 24.64
C ALA C 460 49.73 12.61 26.02
N LYS C 461 48.53 12.09 26.25
CA LYS C 461 47.91 12.13 27.54
C LYS C 461 47.39 10.74 27.89
N SER C 462 47.18 10.48 29.19
CA SER C 462 46.81 9.16 29.67
C SER C 462 45.70 9.27 30.71
N ALA C 463 45.04 8.13 30.93
CA ALA C 463 44.11 7.96 32.01
C ALA C 463 44.08 6.47 32.36
N THR C 464 43.60 6.21 33.58
CA THR C 464 43.37 4.89 34.05
C THR C 464 41.89 4.72 34.34
N THR C 465 41.30 3.64 33.82
CA THR C 465 39.89 3.39 33.87
C THR C 465 39.62 2.05 34.55
N PRO C 466 38.80 2.05 35.63
CA PRO C 466 38.43 0.82 36.31
C PRO C 466 37.09 0.29 35.81
N GLY C 467 36.83 -0.99 36.10
CA GLY C 467 35.53 -1.57 35.96
C GLY C 467 35.31 -2.63 37.01
N VAL C 468 34.04 -2.81 37.38
CA VAL C 468 33.64 -3.84 38.32
C VAL C 468 32.25 -4.33 37.94
N ALA C 469 32.04 -5.64 38.03
CA ALA C 469 30.77 -6.22 37.74
C ALA C 469 30.51 -7.37 38.70
N LEU C 470 29.24 -7.58 39.03
CA LEU C 470 28.82 -8.68 39.88
C LEU C 470 27.64 -9.37 39.21
N LEU C 471 27.70 -10.71 39.16
CA LEU C 471 26.63 -11.51 38.63
C LEU C 471 26.31 -12.65 39.59
N ILE C 472 25.02 -12.82 39.90
CA ILE C 472 24.54 -13.88 40.79
C ILE C 472 23.45 -14.65 40.07
N LYS C 473 23.62 -15.98 40.00
CA LYS C 473 22.64 -16.84 39.41
C LYS C 473 21.65 -17.32 40.48
N ALA C 474 20.47 -16.71 40.50
CA ALA C 474 19.45 -17.05 41.49
C ALA C 474 18.95 -18.48 41.22
N THR C 475 18.81 -18.81 39.93
CA THR C 475 18.46 -20.16 39.49
C THR C 475 19.28 -20.46 38.22
N ASP C 476 19.06 -21.64 37.64
N ASP C 476 19.03 -21.63 37.64
CA ASP C 476 19.66 -22.02 36.37
CA ASP C 476 19.62 -22.03 36.38
C ASP C 476 19.13 -21.12 35.24
C ASP C 476 19.14 -21.10 35.25
N LYS C 477 18.03 -20.39 35.50
CA LYS C 477 17.35 -19.61 34.47
C LYS C 477 17.48 -18.10 34.68
N ILE C 478 17.84 -17.68 35.89
CA ILE C 478 17.78 -16.25 36.32
C ILE C 478 19.16 -15.79 36.78
N SER C 479 19.66 -14.72 36.15
CA SER C 479 20.85 -14.04 36.63
C SER C 479 20.52 -12.59 36.98
N VAL C 480 21.03 -12.12 38.11
CA VAL C 480 20.97 -10.71 38.48
C VAL C 480 22.37 -10.15 38.40
N TYR C 481 22.51 -8.93 37.85
CA TYR C 481 23.85 -8.38 37.67
C TYR C 481 23.88 -6.87 37.94
N ALA C 482 25.08 -6.36 38.17
CA ALA C 482 25.36 -4.94 38.26
C ALA C 482 26.75 -4.68 37.70
N ASN C 483 26.98 -3.47 37.17
CA ASN C 483 28.28 -3.09 36.71
C ASN C 483 28.51 -1.59 36.92
N TYR C 484 29.78 -1.27 37.08
CA TYR C 484 30.31 0.07 36.92
C TYR C 484 31.44 -0.02 35.89
N ILE C 485 31.34 0.82 34.86
CA ILE C 485 32.34 0.83 33.82
C ILE C 485 32.35 2.22 33.17
N GLU C 486 33.45 2.55 32.51
CA GLU C 486 33.62 3.87 31.94
C GLU C 486 33.78 3.76 30.42
N GLY C 487 33.67 4.92 29.77
CA GLY C 487 34.05 5.12 28.39
C GLY C 487 35.01 6.28 28.33
N LEU C 488 35.93 6.24 27.35
CA LEU C 488 36.90 7.28 27.18
C LEU C 488 36.69 8.00 25.85
N THR C 489 37.03 9.29 25.87
CA THR C 489 37.04 10.13 24.70
C THR C 489 38.28 11.02 24.79
N LYS C 490 39.03 11.13 23.69
CA LYS C 490 40.24 11.98 23.64
C LYS C 490 39.93 13.36 24.23
N GLY C 491 40.83 13.87 25.06
CA GLY C 491 40.68 15.21 25.63
C GLY C 491 40.84 16.28 24.58
N ASP C 492 40.07 17.36 24.71
CA ASP C 492 40.20 18.56 23.90
C ASP C 492 41.38 19.40 24.38
N GLN C 493 41.70 20.44 23.59
CA GLN C 493 42.82 21.32 23.85
C GLN C 493 42.31 22.75 24.02
N ALA C 494 42.75 23.34 25.14
N ALA C 494 42.78 23.49 25.02
CA ALA C 494 42.52 24.72 25.50
CA ALA C 494 42.28 24.86 25.24
C ALA C 494 43.30 25.63 24.56
C ALA C 494 42.61 25.73 24.03
N PRO C 495 42.66 26.71 24.06
N PRO C 495 41.70 26.64 23.60
CA PRO C 495 43.36 27.67 23.19
CA PRO C 495 42.00 27.55 22.49
C PRO C 495 44.45 28.48 23.93
C PRO C 495 42.88 28.74 22.90
N ALA C 496 45.30 29.16 23.14
N ALA C 496 43.45 29.43 21.89
CA ALA C 496 46.44 29.91 23.65
CA ALA C 496 44.43 30.51 22.08
C ALA C 496 45.96 31.09 24.52
C ALA C 496 43.81 31.72 22.80
N THR C 497 44.67 31.43 24.39
N THR C 497 42.52 31.63 23.12
CA THR C 497 44.02 32.56 25.09
CA THR C 497 41.75 32.71 23.62
C THR C 497 43.61 32.20 26.53
C THR C 497 41.45 32.45 25.10
N ALA C 498 43.67 30.91 26.88
N ALA C 498 41.99 31.34 25.58
CA ALA C 498 43.07 30.43 28.14
CA ALA C 498 41.75 30.86 26.94
C ALA C 498 43.99 30.72 29.33
C ALA C 498 42.79 31.46 27.90
N SER C 499 43.46 30.57 30.55
N SER C 499 42.47 31.38 29.19
CA SER C 499 44.29 30.62 31.79
CA SER C 499 43.40 31.65 30.28
C SER C 499 45.23 29.41 31.85
C SER C 499 44.49 30.57 30.31
N ASN C 500 44.78 28.34 31.20
N ASN C 500 44.13 29.40 29.79
CA ASN C 500 45.47 27.07 31.14
CA ASN C 500 44.98 28.22 29.82
C ASN C 500 45.89 26.85 29.68
C ASN C 500 45.18 27.73 28.40
N PRO C 501 46.70 27.75 29.10
N PRO C 501 45.65 28.60 27.47
CA PRO C 501 46.87 27.83 27.65
CA PRO C 501 45.71 28.26 26.05
C PRO C 501 47.51 26.55 27.09
C PRO C 501 46.63 27.06 25.81
N GLY C 502 46.86 25.98 26.08
N GLY C 502 46.14 26.09 25.03
CA GLY C 502 47.41 24.88 25.30
CA GLY C 502 46.92 24.96 24.59
C GLY C 502 47.32 23.54 26.02
C GLY C 502 46.99 23.84 25.61
N GLU C 503 46.76 23.55 27.23
N GLU C 503 46.30 23.98 26.74
CA GLU C 503 46.60 22.31 27.98
CA GLU C 503 46.21 22.87 27.72
C GLU C 503 45.72 21.35 27.16
C GLU C 503 45.46 21.70 27.07
N ILE C 504 46.21 20.14 27.00
N ILE C 504 46.03 20.50 27.16
CA ILE C 504 45.42 19.05 26.45
CA ILE C 504 45.41 19.28 26.61
C ILE C 504 44.89 18.24 27.63
C ILE C 504 44.87 18.42 27.75
N PHE C 505 43.55 18.15 27.73
CA PHE C 505 42.94 17.36 28.76
C PHE C 505 43.29 15.89 28.53
N PRO C 506 43.35 15.09 29.61
CA PRO C 506 43.48 13.66 29.48
C PRO C 506 42.20 13.05 28.93
N PRO C 507 42.22 11.76 28.54
CA PRO C 507 41.02 11.08 28.11
C PRO C 507 39.91 11.31 29.13
N GLN C 508 38.72 11.65 28.63
CA GLN C 508 37.59 12.08 29.39
C GLN C 508 36.68 10.88 29.69
N LYS C 509 36.26 10.76 30.95
CA LYS C 509 35.55 9.57 31.45
C LYS C 509 34.04 9.79 31.39
N THR C 510 33.41 9.00 30.53
CA THR C 510 32.01 8.67 30.62
C THR C 510 31.88 7.57 31.67
N LYS C 511 30.86 7.66 32.52
CA LYS C 511 30.68 6.73 33.63
C LYS C 511 29.28 6.13 33.60
N GLN C 512 29.23 4.80 33.69
CA GLN C 512 28.00 4.04 33.76
C GLN C 512 27.90 3.27 35.07
N GLN C 513 26.70 3.30 35.67
CA GLN C 513 26.26 2.28 36.60
C GLN C 513 25.02 1.61 36.02
N GLU C 514 24.90 0.29 36.22
CA GLU C 514 23.84 -0.51 35.66
C GLU C 514 23.46 -1.62 36.65
N LEU C 515 22.16 -1.90 36.73
CA LEU C 515 21.59 -3.05 37.46
C LEU C 515 20.66 -3.76 36.50
N GLY C 516 20.68 -5.10 36.52
CA GLY C 516 19.90 -5.81 35.55
C GLY C 516 19.49 -7.19 36.02
N LEU C 517 18.59 -7.77 35.24
CA LEU C 517 18.05 -9.08 35.47
C LEU C 517 17.88 -9.76 34.10
N LYS C 518 18.35 -11.01 34.00
CA LYS C 518 18.17 -11.80 32.82
C LYS C 518 17.45 -13.10 33.18
N VAL C 519 16.50 -13.47 32.33
CA VAL C 519 15.72 -14.70 32.51
C VAL C 519 15.71 -15.48 31.19
N ASP C 520 16.28 -16.68 31.22
CA ASP C 520 16.19 -17.62 30.07
C ASP C 520 15.16 -18.70 30.43
N LEU C 521 13.95 -18.59 29.88
CA LEU C 521 12.89 -19.57 30.16
C LEU C 521 13.11 -20.88 29.40
N GLY C 522 14.07 -20.89 28.45
CA GLY C 522 14.38 -22.09 27.67
C GLY C 522 14.46 -21.80 26.18
N THR C 523 13.32 -21.38 25.60
CA THR C 523 13.23 -20.99 24.20
C THR C 523 12.90 -19.49 24.06
N PHE C 524 12.66 -18.82 25.20
CA PHE C 524 12.36 -17.38 25.21
C PHE C 524 13.13 -16.73 26.37
N ALA C 525 13.70 -15.55 26.14
CA ALA C 525 14.59 -14.91 27.10
C ALA C 525 14.24 -13.42 27.22
N HIS C 526 14.40 -12.90 28.44
CA HIS C 526 14.12 -11.50 28.81
C HIS C 526 15.35 -10.87 29.45
N THR C 527 15.56 -9.58 29.18
CA THR C 527 16.52 -8.76 29.92
C THR C 527 15.80 -7.50 30.40
N LEU C 528 15.99 -7.18 31.68
CA LEU C 528 15.48 -5.96 32.27
C LEU C 528 16.67 -5.23 32.90
N SER C 529 16.92 -3.99 32.47
CA SER C 529 18.06 -3.27 33.00
C SER C 529 17.72 -1.79 33.20
N ALA C 530 18.45 -1.21 34.15
CA ALA C 530 18.37 0.20 34.44
C ALA C 530 19.81 0.71 34.51
N PHE C 531 20.03 1.90 33.95
CA PHE C 531 21.35 2.44 33.86
C PHE C 531 21.31 3.95 34.06
N GLU C 532 22.46 4.47 34.46
CA GLU C 532 22.75 5.87 34.46
C GLU C 532 24.15 6.05 33.89
N ILE C 533 24.25 6.90 32.86
CA ILE C 533 25.51 7.18 32.20
C ILE C 533 25.70 8.70 32.17
N THR C 534 26.87 9.17 32.65
CA THR C 534 27.24 10.56 32.54
C THR C 534 28.40 10.71 31.57
N LYS C 535 28.28 11.68 30.67
CA LYS C 535 29.31 11.96 29.66
C LYS C 535 29.74 13.41 29.76
N PRO C 536 31.03 13.69 29.98
CA PRO C 536 31.48 15.07 30.10
C PRO C 536 31.66 15.75 28.75
N SER C 537 31.64 17.09 28.78
CA SER C 537 32.08 17.90 27.64
C SER C 537 32.90 19.08 28.13
N SER C 538 33.67 19.65 27.21
CA SER C 538 34.64 20.69 27.53
C SER C 538 34.34 21.94 26.70
N TYR C 539 34.64 23.11 27.28
CA TYR C 539 34.47 24.36 26.56
C TYR C 539 35.22 25.49 27.26
N LEU C 540 35.43 26.58 26.51
CA LEU C 540 36.02 27.79 27.04
C LEU C 540 34.92 28.55 27.79
N ASP C 541 35.19 28.86 29.07
CA ASP C 541 34.15 29.42 29.91
C ASP C 541 34.60 30.80 30.44
N PRO C 542 34.03 31.90 29.90
CA PRO C 542 34.44 33.23 30.36
C PRO C 542 33.84 33.63 31.72
N SER C 543 32.97 32.79 32.27
CA SER C 543 32.44 32.96 33.63
C SER C 543 33.48 32.54 34.70
N LYS C 544 34.53 31.84 34.29
CA LYS C 544 35.55 31.29 35.17
C LYS C 544 36.90 31.89 34.81
N LEU C 545 37.37 32.81 35.68
N LEU C 545 37.15 33.11 35.34
CA LEU C 545 38.67 33.46 35.52
CA LEU C 545 38.24 33.96 34.89
C LEU C 545 39.70 32.80 36.43
C LEU C 545 39.53 33.63 35.66
N VAL C 546 40.89 32.60 35.88
N VAL C 546 40.62 33.53 34.90
CA VAL C 546 42.11 32.36 36.63
CA VAL C 546 41.97 33.50 35.42
C VAL C 546 43.17 33.29 36.04
C VAL C 546 42.77 34.53 34.63
N ASN C 547 43.82 34.08 36.89
N ASN C 547 43.23 35.59 35.32
CA ASN C 547 44.76 35.11 36.45
CA ASN C 547 43.92 36.72 34.68
C ASN C 547 44.05 36.04 35.46
C ASN C 547 43.01 37.37 33.64
N ASN C 548 42.76 36.29 35.72
N ASN C 548 41.72 37.51 33.97
CA ASN C 548 41.91 37.19 34.97
CA ASN C 548 40.69 38.23 33.17
C ASN C 548 41.80 36.73 33.51
C ASN C 548 40.54 37.59 31.77
N LEU C 549 41.95 35.43 33.28
N LEU C 549 40.77 36.29 31.69
CA LEU C 549 41.87 34.84 31.93
CA LEU C 549 40.41 35.59 30.47
C LEU C 549 40.80 33.75 31.92
C LEU C 549 39.60 34.34 30.79
N PRO C 550 40.05 33.63 30.80
N PRO C 550 38.57 34.04 29.95
CA PRO C 550 39.01 32.61 30.68
CA PRO C 550 37.88 32.75 29.99
C PRO C 550 39.62 31.20 30.74
C PRO C 550 38.85 31.57 30.10
N THR C 551 38.92 30.29 31.42
N THR C 551 38.43 30.54 30.85
CA THR C 551 39.39 28.97 31.70
CA THR C 551 39.23 29.37 31.14
C THR C 551 38.65 27.97 30.80
C THR C 551 38.60 28.14 30.49
N PHE C 552 39.44 27.17 30.08
CA PHE C 552 38.93 26.01 29.38
C PHE C 552 38.67 24.90 30.41
N VAL C 553 37.41 24.44 30.49
CA VAL C 553 36.99 23.55 31.56
C VAL C 553 36.30 22.32 30.98
N SER C 554 36.32 21.23 31.75
CA SER C 554 35.57 20.00 31.43
C SER C 554 34.32 19.93 32.32
N ASP C 555 33.53 21.01 32.29
CA ASP C 555 32.43 21.18 33.25
C ASP C 555 31.08 20.79 32.63
N GLY C 556 31.04 20.51 31.33
CA GLY C 556 29.82 20.13 30.68
C GLY C 556 29.46 18.70 31.02
N GLU C 557 28.14 18.40 31.02
CA GLU C 557 27.70 17.05 31.28
C GLU C 557 26.37 16.76 30.59
N GLN C 558 26.27 15.56 30.04
CA GLN C 558 25.03 14.94 29.67
C GLN C 558 24.85 13.69 30.53
N ARG C 559 23.64 13.50 31.05
CA ARG C 559 23.32 12.35 31.87
C ARG C 559 22.11 11.64 31.29
N ASN C 560 22.31 10.38 30.90
CA ASN C 560 21.28 9.54 30.36
C ASN C 560 20.93 8.48 31.41
N ARG C 561 19.69 8.51 31.86
CA ARG C 561 19.12 7.48 32.67
C ARG C 561 18.13 6.69 31.84
N GLY C 562 18.10 5.37 32.02
CA GLY C 562 17.24 4.56 31.23
C GLY C 562 16.77 3.32 31.96
N ILE C 563 15.62 2.81 31.51
N ILE C 563 15.62 2.82 31.50
CA ILE C 563 15.19 1.46 31.85
CA ILE C 563 15.13 1.51 31.81
C ILE C 563 14.74 0.77 30.56
C ILE C 563 14.84 0.82 30.48
N GLU C 564 15.15 -0.51 30.45
N GLU C 564 15.18 -0.47 30.40
CA GLU C 564 15.07 -1.32 29.22
CA GLU C 564 14.95 -1.28 29.21
C GLU C 564 14.44 -2.68 29.57
C GLU C 564 14.39 -2.64 29.61
N TRP C 565 13.39 -3.08 28.84
CA TRP C 565 12.89 -4.43 28.89
C TRP C 565 12.91 -4.97 27.47
N SER C 566 13.70 -6.02 27.23
CA SER C 566 13.75 -6.60 25.90
C SER C 566 13.71 -8.13 25.98
N PHE C 567 13.43 -8.77 24.85
CA PHE C 567 13.21 -10.20 24.83
C PHE C 567 13.46 -10.73 23.42
N PHE C 568 13.75 -12.03 23.35
CA PHE C 568 13.96 -12.68 22.07
C PHE C 568 13.66 -14.18 22.22
N GLY C 569 13.46 -14.83 21.08
CA GLY C 569 13.26 -16.28 21.03
C GLY C 569 11.88 -16.66 20.56
N SER C 570 11.42 -17.82 21.04
CA SER C 570 10.18 -18.42 20.61
C SER C 570 9.31 -18.65 21.85
N PRO C 571 8.32 -17.79 22.11
CA PRO C 571 7.54 -17.90 23.34
C PRO C 571 6.50 -19.02 23.28
N ILE C 572 6.18 -19.46 22.05
CA ILE C 572 5.20 -20.50 21.72
C ILE C 572 5.72 -21.20 20.47
N GLU C 573 5.34 -22.47 20.26
CA GLU C 573 5.84 -23.20 19.09
C GLU C 573 5.34 -22.50 17.81
N HIS C 574 6.26 -22.40 16.83
CA HIS C 574 6.04 -21.83 15.51
C HIS C 574 5.92 -20.29 15.54
N VAL C 575 6.27 -19.68 16.68
CA VAL C 575 6.26 -18.21 16.81
C VAL C 575 7.65 -17.73 17.27
N ARG C 576 8.14 -16.64 16.66
CA ARG C 576 9.31 -15.92 17.15
C ARG C 576 8.91 -14.47 17.46
N LEU C 577 9.38 -13.94 18.60
N LEU C 577 9.50 -13.92 18.53
CA LEU C 577 9.19 -12.53 18.97
CA LEU C 577 9.14 -12.61 19.02
C LEU C 577 10.54 -11.97 19.43
C LEU C 577 10.39 -11.98 19.61
N MET C 578 10.88 -10.77 18.93
N MET C 578 10.70 -10.76 19.15
CA MET C 578 12.03 -10.00 19.39
CA MET C 578 11.88 -10.06 19.58
C MET C 578 11.61 -8.53 19.54
C MET C 578 11.57 -8.56 19.59
N GLY C 579 11.98 -7.89 20.65
CA GLY C 579 11.68 -6.50 20.81
C GLY C 579 11.76 -6.08 22.25
N GLY C 580 11.12 -4.95 22.54
CA GLY C 580 11.12 -4.43 23.89
C GLY C 580 10.70 -2.98 23.94
N PHE C 581 10.84 -2.43 25.15
CA PHE C 581 10.40 -1.10 25.50
C PHE C 581 11.53 -0.42 26.27
N THR C 582 11.77 0.86 26.00
N THR C 582 11.76 0.86 26.00
CA THR C 582 12.72 1.65 26.77
CA THR C 582 12.68 1.69 26.76
C THR C 582 12.10 3.01 27.13
C THR C 582 12.04 3.01 27.15
N TYR C 583 12.41 3.48 28.34
CA TYR C 583 12.23 4.85 28.75
C TYR C 583 13.63 5.43 29.01
N LEU C 584 13.94 6.56 28.40
CA LEU C 584 15.22 7.23 28.48
C LEU C 584 14.98 8.68 28.93
N ASP C 585 15.80 9.14 29.89
CA ASP C 585 15.87 10.55 30.27
C ASP C 585 17.26 11.08 29.93
N PRO C 586 17.47 11.64 28.71
CA PRO C 586 18.77 12.14 28.29
C PRO C 586 18.84 13.64 28.56
N GLU C 587 19.46 14.01 29.67
CA GLU C 587 19.40 15.38 30.18
C GLU C 587 20.75 16.05 29.98
N LEU C 588 20.71 17.30 29.50
CA LEU C 588 21.85 18.18 29.49
C LEU C 588 21.95 18.82 30.87
N THR C 589 22.72 18.22 31.76
CA THR C 589 22.69 18.63 33.17
C THR C 589 23.54 19.88 33.37
N LYS C 590 24.61 20.01 32.59
CA LYS C 590 25.51 21.14 32.73
C LYS C 590 25.97 21.60 31.35
N THR C 591 25.69 22.87 31.06
CA THR C 591 25.97 23.47 29.77
C THR C 591 26.67 24.83 30.00
N LYS C 592 27.41 25.28 29.00
CA LYS C 592 28.10 26.57 29.04
C LYS C 592 27.09 27.68 29.34
N SER C 593 27.37 28.45 30.39
CA SER C 593 26.56 29.60 30.86
C SER C 593 25.26 29.15 31.52
N GLY C 594 24.98 27.85 31.56
CA GLY C 594 23.80 27.33 32.24
C GLY C 594 22.51 27.50 31.46
N GLY C 595 22.60 28.05 30.25
CA GLY C 595 21.38 28.37 29.47
C GLY C 595 20.50 27.17 29.15
N ASN C 596 21.11 26.00 28.90
CA ASN C 596 20.35 24.83 28.48
C ASN C 596 20.38 23.76 29.56
N ASP C 597 20.74 24.14 30.79
CA ASP C 597 20.74 23.19 31.92
C ASP C 597 19.35 22.63 32.12
N GLY C 598 19.27 21.31 32.23
CA GLY C 598 18.02 20.64 32.49
C GLY C 598 17.20 20.38 31.23
N HIS C 599 17.70 20.81 30.06
CA HIS C 599 17.03 20.52 28.81
C HIS C 599 17.27 19.05 28.41
N THR C 600 16.46 18.57 27.48
CA THR C 600 16.58 17.24 26.92
C THR C 600 17.55 17.29 25.76
N ALA C 601 18.44 16.29 25.68
CA ALA C 601 19.38 16.16 24.56
C ALA C 601 18.62 16.07 23.22
N VAL C 602 19.27 16.54 22.16
CA VAL C 602 18.69 16.54 20.81
C VAL C 602 18.65 15.10 20.27
N ALA C 603 17.81 14.95 19.25
CA ALA C 603 17.83 13.84 18.26
C ALA C 603 17.14 12.58 18.75
N VAL C 604 17.32 12.23 20.03
CA VAL C 604 16.89 10.94 20.52
C VAL C 604 15.50 11.03 21.12
N PRO C 605 14.64 10.02 20.91
CA PRO C 605 13.36 9.95 21.61
C PRO C 605 13.54 9.47 23.06
N LYS C 606 12.63 9.90 23.94
CA LYS C 606 12.64 9.38 25.29
C LYS C 606 12.05 7.98 25.37
N ASN C 607 11.06 7.70 24.52
CA ASN C 607 10.32 6.45 24.64
C ASN C 607 10.43 5.68 23.32
N GLN C 608 10.69 4.38 23.43
CA GLN C 608 10.66 3.48 22.24
C GLN C 608 9.94 2.19 22.61
N ALA C 609 9.20 1.65 21.63
CA ALA C 609 8.61 0.33 21.71
C ALA C 609 8.80 -0.32 20.34
N LYS C 610 9.40 -1.51 20.33
CA LYS C 610 9.65 -2.23 19.09
C LYS C 610 9.24 -3.68 19.27
N LEU C 611 8.59 -4.24 18.26
CA LEU C 611 8.22 -5.63 18.27
C LEU C 611 8.34 -6.19 16.86
N GLY C 612 9.13 -7.26 16.74
CA GLY C 612 9.18 -8.06 15.53
C GLY C 612 8.65 -9.46 15.83
N ALA C 613 7.66 -9.90 15.04
CA ALA C 613 7.06 -11.20 15.23
C ALA C 613 7.15 -11.97 13.91
N GLU C 614 7.24 -13.30 14.02
CA GLU C 614 7.18 -14.22 12.89
C GLU C 614 6.33 -15.42 13.32
N TRP C 615 5.55 -15.92 12.37
N TRP C 615 5.47 -15.89 12.40
CA TRP C 615 4.73 -17.09 12.61
CA TRP C 615 4.62 -17.09 12.57
C TRP C 615 4.83 -18.05 11.41
C TRP C 615 4.85 -18.04 11.41
N ASP C 616 5.16 -19.30 11.75
CA ASP C 616 5.43 -20.36 10.77
C ASP C 616 4.20 -21.25 10.60
N THR C 617 3.92 -21.63 9.35
N THR C 617 3.96 -21.63 9.33
CA THR C 617 3.00 -22.73 9.09
CA THR C 617 2.95 -22.61 8.90
C THR C 617 3.61 -23.66 8.05
C THR C 617 3.67 -23.66 8.04
N GLN C 618 3.44 -24.96 8.32
CA GLN C 618 3.89 -26.02 7.41
C GLN C 618 2.90 -26.08 6.23
N VAL C 619 3.41 -25.93 5.01
CA VAL C 619 2.55 -25.96 3.84
C VAL C 619 3.26 -26.76 2.77
N ALA C 620 2.64 -27.85 2.33
CA ALA C 620 3.21 -28.70 1.32
C ALA C 620 4.56 -29.18 1.85
N GLN C 621 5.58 -29.09 0.99
CA GLN C 621 6.93 -29.51 1.33
C GLN C 621 7.77 -28.29 1.71
N GLY C 622 7.35 -27.52 2.71
CA GLY C 622 8.14 -26.36 3.15
C GLY C 622 7.45 -25.57 4.24
N THR C 623 8.11 -24.48 4.64
CA THR C 623 7.64 -23.66 5.74
C THR C 623 7.36 -22.25 5.24
N LEU C 624 6.12 -21.80 5.42
CA LEU C 624 5.76 -20.45 5.14
C LEU C 624 5.87 -19.66 6.44
N THR C 625 6.54 -18.52 6.38
CA THR C 625 6.68 -17.62 7.51
C THR C 625 6.06 -16.27 7.15
N LEU C 626 5.21 -15.74 8.03
CA LEU C 626 4.74 -14.38 7.89
C LEU C 626 5.38 -13.54 9.01
N SER C 627 5.73 -12.30 8.69
CA SER C 627 6.40 -11.44 9.65
C SER C 627 5.77 -10.05 9.67
N GLY C 628 5.89 -9.42 10.83
CA GLY C 628 5.56 -8.01 10.99
C GLY C 628 6.42 -7.36 12.05
N ASN C 629 6.66 -6.05 11.86
CA ASN C 629 7.41 -5.24 12.78
C ASN C 629 6.64 -3.93 13.04
N ILE C 630 6.66 -3.50 14.29
N ILE C 630 6.66 -3.51 14.31
CA ILE C 630 6.23 -2.18 14.65
CA ILE C 630 6.22 -2.23 14.75
C ILE C 630 7.36 -1.50 15.42
C ILE C 630 7.39 -1.51 15.42
N ASN C 631 7.55 -0.22 15.10
CA ASN C 631 8.62 0.61 15.66
C ASN C 631 7.99 1.95 16.02
N ALA C 632 7.79 2.18 17.31
CA ALA C 632 7.08 3.36 17.82
C ALA C 632 8.01 4.17 18.70
N VAL C 633 8.17 5.46 18.37
CA VAL C 633 8.99 6.35 19.18
C VAL C 633 8.22 7.64 19.45
N SER C 634 8.66 8.32 20.50
CA SER C 634 8.08 9.60 20.92
C SER C 634 8.90 10.75 20.29
N LYS C 635 8.57 11.98 20.66
CA LYS C 635 9.12 13.16 19.98
C LYS C 635 10.63 13.28 20.22
N GLN C 636 11.31 14.05 19.35
CA GLN C 636 12.70 14.37 19.53
C GLN C 636 12.89 15.87 19.41
N TYR C 637 13.80 16.41 20.23
CA TYR C 637 14.18 17.79 20.11
C TYR C 637 15.22 17.96 19.01
N ILE C 638 15.14 19.10 18.34
CA ILE C 638 16.00 19.40 17.21
C ILE C 638 17.11 20.36 17.65
N ASN C 639 16.87 21.15 18.71
CA ASN C 639 17.91 22.01 19.23
C ASN C 639 18.01 21.87 20.75
N ALA C 640 19.17 22.24 21.29
CA ALA C 640 19.47 22.07 22.72
C ALA C 640 18.66 23.06 23.56
N GLU C 641 18.20 24.15 22.93
CA GLU C 641 17.27 25.11 23.56
C GLU C 641 15.92 24.46 23.77
N ASN C 642 15.63 23.38 23.04
CA ASN C 642 14.38 22.63 23.11
C ASN C 642 13.20 23.52 22.68
N THR C 643 13.44 24.41 21.71
CA THR C 643 12.38 25.23 21.14
C THR C 643 11.91 24.70 19.78
N LEU C 644 12.63 23.74 19.22
CA LEU C 644 12.23 23.05 18.01
C LEU C 644 12.22 21.55 18.31
N SER C 645 11.20 20.88 17.81
CA SER C 645 11.05 19.44 17.97
C SER C 645 10.34 18.87 16.75
N VAL C 646 10.39 17.55 16.63
CA VAL C 646 9.60 16.79 15.66
C VAL C 646 8.85 15.73 16.42
N PRO C 647 7.65 15.35 15.96
CA PRO C 647 6.80 14.45 16.73
C PRO C 647 7.31 13.01 16.70
N GLY C 648 6.74 12.19 17.57
CA GLY C 648 6.88 10.75 17.48
C GLY C 648 6.37 10.22 16.15
N ARG C 649 6.72 8.98 15.83
CA ARG C 649 6.13 8.27 14.69
C ARG C 649 6.22 6.78 14.91
N THR C 650 5.28 6.07 14.31
CA THR C 650 5.23 4.66 14.35
C THR C 650 5.33 4.16 12.93
N LEU C 651 6.26 3.22 12.71
CA LEU C 651 6.48 2.62 11.41
C LEU C 651 6.13 1.14 11.47
N LEU C 652 5.56 0.63 10.37
CA LEU C 652 5.21 -0.76 10.24
C LEU C 652 6.04 -1.40 9.12
N ASP C 653 6.37 -2.67 9.30
CA ASP C 653 7.01 -3.49 8.27
C ASP C 653 6.27 -4.82 8.22
N VAL C 654 6.23 -5.45 7.04
CA VAL C 654 5.65 -6.78 6.89
C VAL C 654 6.53 -7.59 5.94
N GLY C 655 6.46 -8.90 6.08
CA GLY C 655 7.24 -9.78 5.24
C GLY C 655 6.65 -11.17 5.18
N ALA C 656 7.14 -11.93 4.20
CA ALA C 656 6.82 -13.32 4.05
C ALA C 656 8.07 -14.03 3.56
N ARG C 657 8.21 -15.28 3.99
CA ARG C 657 9.34 -16.12 3.63
C ARG C 657 8.81 -17.53 3.34
N TYR C 658 9.36 -18.18 2.31
CA TYR C 658 9.05 -19.57 2.02
C TYR C 658 10.36 -20.33 1.89
N SER C 659 10.53 -21.35 2.74
CA SER C 659 11.74 -22.16 2.76
C SER C 659 11.36 -23.61 2.37
N THR C 660 12.08 -24.16 1.39
CA THR C 660 11.80 -25.50 0.92
C THR C 660 13.08 -26.12 0.39
N LYS C 661 12.96 -27.32 -0.20
CA LYS C 661 14.05 -27.94 -0.95
C LYS C 661 13.56 -28.34 -2.34
N VAL C 662 14.40 -28.11 -3.33
CA VAL C 662 14.14 -28.50 -4.71
C VAL C 662 15.19 -29.54 -5.08
N GLU C 663 14.77 -30.82 -5.19
CA GLU C 663 15.68 -31.93 -5.42
C GLU C 663 16.72 -32.01 -4.29
N ASP C 664 16.27 -31.72 -3.07
CA ASP C 664 17.09 -31.76 -1.87
C ASP C 664 18.06 -30.56 -1.78
N HIS C 665 17.97 -29.59 -2.70
CA HIS C 665 18.73 -28.31 -2.55
C HIS C 665 17.89 -27.28 -1.80
N PRO C 666 18.38 -26.70 -0.68
CA PRO C 666 17.62 -25.67 0.02
C PRO C 666 17.41 -24.42 -0.85
N VAL C 667 16.18 -23.92 -0.86
CA VAL C 667 15.79 -22.72 -1.54
C VAL C 667 14.93 -21.88 -0.57
N THR C 668 15.21 -20.56 -0.52
CA THR C 668 14.42 -19.65 0.33
C THR C 668 14.05 -18.41 -0.48
N PHE C 669 12.76 -18.10 -0.49
CA PHE C 669 12.21 -16.89 -1.09
C PHE C 669 11.82 -15.90 0.03
N ARG C 670 12.15 -14.63 -0.16
CA ARG C 670 11.88 -13.60 0.85
C ARG C 670 11.29 -12.37 0.18
N ALA C 671 10.25 -11.81 0.82
CA ALA C 671 9.62 -10.58 0.43
C ALA C 671 9.42 -9.73 1.69
N ASN C 672 9.80 -8.44 1.60
CA ASN C 672 9.65 -7.51 2.73
C ASN C 672 9.19 -6.17 2.19
N ILE C 673 8.29 -5.53 2.96
CA ILE C 673 7.98 -4.13 2.78
C ILE C 673 8.31 -3.39 4.09
N TYR C 674 9.17 -2.39 3.98
CA TYR C 674 9.53 -1.53 5.11
C TYR C 674 8.79 -0.20 4.99
N ASN C 675 8.43 0.40 6.13
CA ASN C 675 7.65 1.65 6.16
C ASN C 675 6.41 1.47 5.26
N LEU C 676 5.58 0.49 5.63
CA LEU C 676 4.42 0.05 4.89
C LEU C 676 3.41 1.19 4.68
N THR C 677 3.29 2.12 5.63
CA THR C 677 2.34 3.24 5.48
C THR C 677 2.95 4.40 4.72
N ASN C 678 4.23 4.31 4.36
CA ASN C 678 4.93 5.36 3.62
C ASN C 678 4.85 6.68 4.41
N LYS C 679 5.06 6.55 5.71
CA LYS C 679 5.06 7.71 6.60
C LYS C 679 6.19 8.67 6.20
N ALA C 680 5.83 9.93 6.03
CA ALA C 680 6.77 11.01 5.83
C ALA C 680 7.09 11.62 7.21
N TYR C 681 8.37 11.63 7.59
CA TYR C 681 8.77 12.18 8.88
C TYR C 681 10.16 12.79 8.79
N TRP C 682 10.34 13.85 9.59
CA TRP C 682 11.64 14.44 9.87
C TRP C 682 12.30 13.70 11.03
N ALA C 683 13.61 13.53 10.94
CA ALA C 683 14.41 13.10 12.07
C ALA C 683 15.82 13.71 11.93
N GLN C 684 16.62 13.68 12.99
CA GLN C 684 17.86 14.42 13.01
C GLN C 684 19.02 13.51 12.59
N PRO C 685 19.69 13.84 11.47
CA PRO C 685 20.91 13.14 11.06
C PRO C 685 22.14 13.75 11.73
N GLN C 686 23.33 13.27 11.35
CA GLN C 686 24.58 13.96 11.71
C GLN C 686 24.78 15.22 10.87
N LEU C 687 25.24 16.29 11.56
CA LEU C 687 25.83 17.50 11.03
C LEU C 687 24.79 18.50 10.53
N THR C 688 23.58 18.06 10.18
CA THR C 688 22.51 18.98 9.79
C THR C 688 21.31 18.66 10.70
N ASN C 689 20.30 19.53 10.69
CA ASN C 689 19.21 19.47 11.68
C ASN C 689 18.20 18.35 11.38
N LEU C 690 17.83 18.18 10.10
CA LEU C 690 16.70 17.32 9.73
C LEU C 690 17.04 16.55 8.45
N ALA C 691 16.49 15.36 8.35
CA ALA C 691 16.43 14.64 7.09
C ALA C 691 15.15 13.81 7.09
N LEU C 692 14.59 13.57 5.91
CA LEU C 692 13.43 12.70 5.80
C LEU C 692 13.82 11.25 6.04
N GLY C 693 12.94 10.53 6.73
CA GLY C 693 13.03 9.11 6.87
C GLY C 693 12.80 8.38 5.55
N ALA C 694 13.37 7.18 5.45
CA ALA C 694 13.22 6.33 4.26
C ALA C 694 11.74 6.11 3.94
N PRO C 695 11.37 6.14 2.64
CA PRO C 695 10.00 5.84 2.21
C PRO C 695 9.69 4.33 2.26
N ARG C 696 8.45 3.98 1.96
CA ARG C 696 8.06 2.63 1.73
C ARG C 696 9.04 1.99 0.74
N THR C 697 9.53 0.83 1.12
CA THR C 697 10.61 0.18 0.37
C THR C 697 10.30 -1.31 0.27
N TYR C 698 10.30 -1.82 -0.97
CA TYR C 698 10.01 -3.22 -1.26
C TYR C 698 11.35 -3.95 -1.49
N MET C 699 11.48 -5.16 -0.95
CA MET C 699 12.69 -5.97 -1.09
C MET C 699 12.30 -7.41 -1.40
N LEU C 700 12.97 -8.01 -2.41
CA LEU C 700 12.81 -9.43 -2.73
C LEU C 700 14.19 -10.09 -2.76
N SER C 701 14.26 -11.35 -2.33
CA SER C 701 15.45 -12.13 -2.53
C SER C 701 15.09 -13.61 -2.72
N VAL C 702 15.98 -14.31 -3.43
N VAL C 702 15.95 -14.32 -3.45
CA VAL C 702 15.88 -15.75 -3.63
CA VAL C 702 15.84 -15.77 -3.48
C VAL C 702 17.28 -16.34 -3.43
C VAL C 702 17.26 -16.34 -3.42
N SER C 703 17.39 -17.39 -2.60
CA SER C 703 18.64 -18.09 -2.43
C SER C 703 18.50 -19.55 -2.89
N TYR C 704 19.62 -20.07 -3.39
CA TYR C 704 19.75 -21.47 -3.79
C TYR C 704 21.10 -22.01 -3.28
N ASP C 705 21.08 -23.17 -2.61
CA ASP C 705 22.27 -23.86 -2.12
C ASP C 705 22.65 -24.98 -3.11
N PHE C 706 23.86 -24.89 -3.68
CA PHE C 706 24.37 -25.87 -4.63
C PHE C 706 24.86 -27.10 -3.86
C1 EDO D . -16.80 9.51 -28.63
O1 EDO D . -17.17 9.25 -27.28
C2 EDO D . -16.79 10.98 -28.95
O2 EDO D . -18.12 11.50 -28.80
C1 EDO E . 14.03 4.73 -40.22
O1 EDO E . 13.94 3.95 -41.41
C2 EDO E . 15.39 5.42 -40.28
O2 EDO E . 15.31 6.45 -41.27
C1 EDO F . -7.17 4.41 -39.59
O1 EDO F . -7.51 4.63 -40.96
C2 EDO F . -6.75 5.73 -38.97
O2 EDO F . -7.55 6.75 -39.56
C1 EDO G . -6.94 -12.43 -45.91
O1 EDO G . -6.47 -12.79 -44.58
C2 EDO G . -6.87 -10.92 -46.11
O2 EDO G . -5.52 -10.50 -46.38
C1 EDO H . 3.43 -23.03 -29.64
O1 EDO H . 4.34 -23.72 -30.50
C2 EDO H . 4.05 -22.80 -28.25
O2 EDO H . 3.14 -22.04 -27.42
C1 EDO I . 3.18 -18.95 -15.08
O1 EDO I . 2.69 -19.64 -16.29
C2 EDO I . 3.15 -17.43 -15.19
O2 EDO I . 1.84 -16.88 -15.11
C1 EDO J . -6.44 7.90 -34.86
O1 EDO J . -5.58 8.45 -35.86
C2 EDO J . -6.09 8.56 -33.53
O2 EDO J . -7.22 9.22 -32.95
C1 EDO K . -5.37 -14.86 -10.34
O1 EDO K . -5.47 -15.87 -11.40
C2 EDO K . -3.96 -14.96 -9.73
O2 EDO K . -2.95 -14.60 -10.69
C1 EDO L . -18.77 3.86 -44.59
O1 EDO L . -19.43 2.60 -44.49
C2 EDO L . -17.42 3.62 -45.26
O2 EDO L . -17.57 2.80 -46.42
C1 EDO M . -7.99 15.01 -33.45
O1 EDO M . -7.28 16.02 -34.17
C2 EDO M . -7.05 14.06 -32.73
O2 EDO M . -7.42 12.70 -33.02
C1 EDO N . -4.99 -4.46 -55.75
O1 EDO N . -6.00 -3.99 -56.62
C2 EDO N . -5.54 -5.73 -55.12
O2 EDO N . -6.03 -6.60 -56.15
C1 EDO O . -3.73 -10.24 -2.95
O1 EDO O . -3.57 -10.19 -4.37
C2 EDO O . -3.11 -11.51 -2.43
O2 EDO O . -1.70 -11.50 -2.67
C1 EDO P . -6.72 -19.14 -42.97
O1 EDO P . -6.71 -20.26 -43.85
C2 EDO P . -8.00 -18.34 -43.17
O2 EDO P . -8.96 -18.74 -42.19
C1 EDO Q . -18.22 22.06 -32.42
O1 EDO Q . -19.35 21.19 -32.30
C2 EDO Q . -18.66 23.50 -32.31
O2 EDO Q . -18.64 23.89 -30.94
C1 EDO R . -16.35 -10.08 -8.31
O1 EDO R . -17.38 -9.15 -8.69
C2 EDO R . -15.72 -9.69 -6.98
O2 EDO R . -16.70 -9.11 -6.12
C1 EDO S . 17.94 -9.87 -43.54
O1 EDO S . 18.84 -10.12 -44.62
C2 EDO S . 18.77 -9.32 -42.42
O2 EDO S . 19.43 -8.15 -42.91
C1 EDO T . -20.29 -7.89 -39.59
O1 EDO T . -21.42 -8.67 -39.19
C2 EDO T . -20.52 -7.39 -41.00
O2 EDO T . -21.09 -6.09 -40.93
C1 EDO U . 2.74 -22.61 -17.87
O1 EDO U . 3.76 -21.60 -18.05
C2 EDO U . 2.40 -23.16 -19.25
O2 EDO U . 1.16 -23.82 -19.24
C1 EDO V . -8.02 -22.99 -42.92
O1 EDO V . -8.35 -24.37 -43.14
C2 EDO V . -9.28 -22.31 -42.43
O2 EDO V . -10.18 -23.35 -42.04
C1 EDO W . 20.81 -18.85 -31.32
O1 EDO W . 21.22 -20.21 -31.23
C2 EDO W . 21.54 -18.02 -30.28
O2 EDO W . 22.55 -17.23 -30.91
C1 EDO X . 16.94 12.89 -20.85
O1 EDO X . 15.90 13.51 -21.60
C2 EDO X . 18.29 13.17 -21.49
O2 EDO X . 18.25 14.48 -22.10
C1 EDO Y . 2.98 5.64 -61.79
O1 EDO Y . 2.61 4.29 -62.07
C2 EDO Y . 2.84 5.78 -60.29
O2 EDO Y . 4.12 5.42 -59.68
C1 EDO Z . -11.01 2.85 -28.97
O1 EDO Z . -12.29 2.97 -28.30
C2 EDO Z . -10.47 1.45 -28.83
O2 EDO Z . -11.24 0.56 -29.65
C1 EDO AA . 5.25 -30.09 -26.98
O1 EDO AA . 6.53 -29.60 -27.42
C2 EDO AA . 5.06 -31.52 -27.46
O2 EDO AA . 3.66 -31.81 -27.60
C1 EDO BA . -5.26 13.57 -11.93
O1 EDO BA . -6.03 13.55 -13.11
C2 EDO BA . -5.42 14.98 -11.42
O2 EDO BA . -5.84 15.67 -12.60
C1 C8E CA . 17.83 -13.11 -50.82
C2 C8E CA . 17.34 -14.35 -50.11
C3 C8E CA . 16.30 -15.04 -50.97
C4 C8E CA . 15.75 -16.32 -50.32
C5 C8E CA . 15.56 -17.39 -51.37
C6 C8E CA . 14.33 -18.25 -51.17
C7 C8E CA . 13.65 -18.46 -52.50
C8 C8E CA . 12.70 -19.61 -52.38
O9 C8E CA . 11.87 -19.60 -53.52
C10 C8E CA . 11.65 -20.86 -54.11
C11 C8E CA . 10.34 -20.89 -54.86
O12 C8E CA . 9.59 -22.04 -54.45
C13 C8E CA . 9.16 -22.91 -55.50
C14 C8E CA . 7.81 -23.50 -55.11
O15 C8E CA . 7.85 -24.06 -53.79
C1 C8E DA . 19.90 -13.93 -23.89
C2 C8E DA . 20.33 -13.08 -22.71
C3 C8E DA . 19.76 -11.66 -22.80
C4 C8E DA . 20.16 -10.86 -21.56
C5 C8E DA . 19.49 -9.50 -21.50
C6 C8E DA . 19.45 -8.96 -20.07
C7 C8E DA . 18.51 -7.76 -19.98
C8 C8E DA . 18.05 -7.46 -18.53
O9 C8E DA . 17.85 -6.07 -18.33
C10 C8E DA . 16.69 -5.66 -17.59
C11 C8E DA . 16.59 -4.15 -17.48
O12 C8E DA . 17.11 -3.61 -16.26
C13 C8E DA . 18.20 -2.67 -16.50
C14 C8E DA . 17.85 -1.21 -16.12
O15 C8E DA . 18.44 -0.16 -16.93
C16 C8E DA . 17.80 1.15 -16.76
C17 C8E DA . 18.30 2.31 -17.68
O18 C8E DA . 17.71 3.54 -17.17
C1 C8E EA . -9.82 -36.19 -56.20
C2 C8E EA . -9.22 -35.19 -57.19
C3 C8E EA . -10.07 -33.93 -57.38
C4 C8E EA . -9.30 -32.79 -58.07
C5 C8E EA . -9.73 -31.39 -57.58
C6 C8E EA . -8.87 -30.24 -58.12
C7 C8E EA . -7.47 -30.21 -57.49
C8 C8E EA . -6.70 -28.91 -57.74
O9 C8E EA . -5.35 -28.92 -57.21
C10 C8E EA . -4.71 -27.65 -57.40
C11 C8E EA . -3.32 -27.58 -56.79
O12 C8E EA . -2.65 -26.33 -57.08
C13 C8E EA . -1.28 -26.50 -57.43
C14 C8E EA . -0.47 -25.24 -57.10
O15 C8E EA . 0.70 -25.16 -57.93
C16 C8E EA . 0.95 -23.84 -58.43
C17 C8E EA . 1.99 -23.85 -59.57
O18 C8E EA . 2.32 -22.54 -60.06
C19 C8E EA . 1.31 -21.93 -60.88
C20 C8E EA . 1.85 -20.73 -61.67
O21 C8E EA . 0.85 -19.71 -61.82
C1 C8E FA . 0.30 -19.70 -56.76
C2 C8E FA . -0.91 -20.57 -56.98
C3 C8E FA . -2.19 -19.97 -56.41
C4 C8E FA . -3.21 -21.05 -56.01
C5 C8E FA . -4.62 -20.48 -55.84
C6 C8E FA . -5.57 -21.44 -55.16
C7 C8E FA . -6.98 -20.84 -55.16
C8 C8E FA . -8.06 -21.89 -55.42
O9 C8E FA . -9.23 -21.69 -54.62
C10 C8E FA . -9.71 -22.93 -54.11
C11 C8E FA . -11.19 -22.84 -53.79
O12 C8E FA . -11.44 -23.81 -52.78
C1 C8E GA . 23.05 -8.45 -30.36
C2 C8E GA . 22.22 -9.17 -31.40
C3 C8E GA . 22.99 -10.28 -32.12
C4 C8E GA . 22.36 -10.67 -33.46
C5 C8E GA . 23.40 -10.58 -34.57
C6 C8E GA . 22.80 -11.00 -35.91
C7 C8E GA . 21.95 -12.27 -35.79
C8 C8E GA . 21.67 -12.86 -37.16
O9 C8E GA . 21.14 -14.18 -36.99
C10 C8E GA . 20.73 -14.75 -38.24
C11 C8E GA . 21.78 -15.74 -38.79
O12 C8E GA . 21.29 -16.40 -39.97
C13 C8E GA . 21.93 -17.66 -40.25
C14 C8E GA . 21.04 -18.47 -41.18
O15 C8E GA . 19.99 -17.67 -41.73
C16 C8E GA . 20.07 -17.55 -43.15
C17 C8E GA . 18.77 -17.98 -43.84
O18 C8E GA . 18.53 -19.39 -43.68
C19 C8E GA . 18.98 -20.16 -44.78
C20 C8E GA . 18.40 -21.56 -44.69
O21 C8E GA . 17.26 -21.45 -43.84
C1 C8E HA . -22.39 -6.82 -5.22
C2 C8E HA . -21.76 -5.52 -4.75
C3 C8E HA . -21.34 -4.64 -5.93
C4 C8E HA . -22.42 -4.53 -6.98
C5 C8E HA . -22.26 -3.30 -7.87
C6 C8E HA . -23.39 -3.24 -8.88
C7 C8E HA . -23.11 -2.32 -10.06
C8 C8E HA . -22.87 -0.89 -9.60
O9 C8E HA . -23.81 0.00 -10.20
C1 C8E IA . -23.10 -3.30 -28.33
C2 C8E IA . -22.09 -4.43 -28.26
C3 C8E IA . -22.71 -5.79 -27.91
C4 C8E IA . -23.53 -5.74 -26.63
C5 C8E IA . -23.84 -7.14 -26.10
C6 C8E IA . -24.04 -7.14 -24.58
C7 C8E IA . -24.10 -8.54 -24.01
C8 C8E IA . -24.38 -8.49 -22.50
O9 C8E IA . -23.84 -9.65 -21.84
C10 C8E IA . -24.01 -9.64 -20.43
C11 C8E IA . -23.80 -11.04 -19.90
O12 C8E IA . -23.25 -10.98 -18.60
C1 C8E JA . 5.77 -9.94 -4.97
C2 C8E JA . 6.50 -10.89 -5.90
C3 C8E JA . 6.57 -10.25 -7.28
C4 C8E JA . 7.72 -10.80 -8.12
C5 C8E JA . 7.65 -12.29 -8.32
C6 C8E JA . 8.18 -12.70 -9.68
C7 C8E JA . 8.54 -14.18 -9.71
C8 C8E JA . 8.36 -14.82 -8.34
C2 C8E KA . 0.79 -4.96 -0.72
C3 C8E KA . 0.86 -3.69 0.12
C4 C8E KA . 1.59 -2.56 -0.63
C5 C8E KA . 1.59 -1.23 0.15
C6 C8E KA . 0.24 -0.52 0.22
C7 C8E KA . -0.39 -0.35 -1.16
C8 C8E KA . -1.37 -1.48 -1.46
O9 C8E KA . -2.09 -1.79 -0.26
C10 C8E KA . -3.11 -2.76 -0.46
C11 C8E KA . -3.11 -3.71 0.72
O12 C8E KA . -3.10 -5.06 0.25
C13 C8E KA . -2.92 -6.01 1.30
C14 C8E KA . -3.85 -7.22 1.12
O15 C8E KA . -4.17 -7.41 -0.26
C16 C8E KA . -5.49 -7.00 -0.63
C17 C8E KA . -6.00 -7.79 -1.83
O18 C8E KA . -7.10 -7.12 -2.44
C19 C8E KA . -7.54 -7.75 -3.64
C20 C8E KA . -7.62 -6.74 -4.78
C1 C8E LA . 14.25 -10.93 -13.58
C2 C8E LA . 14.75 -9.54 -13.30
C3 C8E LA . 16.25 -9.47 -13.56
C4 C8E LA . 16.76 -8.04 -13.62
C5 C8E LA . 18.07 -7.96 -14.41
C6 C8E LA . 19.14 -7.11 -13.72
C7 C8E LA . 19.65 -5.97 -14.59
C8 C8E LA . 20.94 -5.37 -14.03
C1 C8E MA . -11.34 -16.77 -0.85
C2 C8E MA . -12.80 -17.18 -0.82
C3 C8E MA . -12.94 -18.66 -0.45
C4 C8E MA . -14.40 -19.15 -0.39
C5 C8E MA . -14.43 -20.69 -0.27
C6 C8E MA . -15.83 -21.30 -0.39
C7 C8E MA . -15.86 -22.66 0.31
C8 C8E MA . -16.93 -23.59 -0.26
O9 C8E MA . -17.04 -24.78 0.54
C10 C8E MA . -17.72 -25.85 -0.12
C1 EDO NA . -11.28 22.52 22.82
O1 EDO NA . -10.30 23.05 23.72
C2 EDO NA . -11.62 21.07 23.13
O2 EDO NA . -10.55 20.18 22.80
C1 EDO OA . -1.51 18.22 4.40
O1 EDO OA . -0.68 17.82 5.49
C2 EDO OA . -2.89 18.41 4.99
O2 EDO OA . -3.24 17.18 5.64
C1 EDO PA . -26.33 20.70 20.96
O1 EDO PA . -27.46 21.29 21.61
C2 EDO PA . -25.63 21.82 20.20
O2 EDO PA . -26.05 23.05 20.78
C1 EDO QA . -27.64 -5.96 7.64
O1 EDO QA . -26.31 -5.78 8.13
C2 EDO QA . -27.70 -7.03 6.56
O2 EDO QA . -28.35 -8.24 7.04
C1 EDO RA . -37.44 7.74 28.14
O1 EDO RA . -36.83 6.77 27.22
C2 EDO RA . -37.30 9.19 27.67
O2 EDO RA . -37.94 9.43 26.40
C1 EDO SA . -21.59 17.95 -10.04
O1 EDO SA . -21.33 19.01 -9.12
C2 EDO SA . -23.00 18.12 -10.59
O2 EDO SA . -22.99 19.32 -11.37
C1 EDO TA . -23.28 -14.20 10.38
O1 EDO TA . -23.61 -13.50 9.16
C2 EDO TA . -24.53 -14.07 11.26
O2 EDO TA . -24.22 -14.40 12.61
C1 EDO UA . -18.40 25.31 17.06
O1 EDO UA . -19.61 24.58 16.88
C2 EDO UA . -17.86 25.65 15.69
O2 EDO UA . -18.63 26.73 15.19
C1 EDO VA . -38.18 19.09 2.96
O1 EDO VA . -39.33 18.89 3.77
C2 EDO VA . -38.64 19.59 1.59
O2 EDO VA . -38.93 20.99 1.71
C1 EDO WA . -47.95 4.94 34.75
O1 EDO WA . -46.88 4.78 35.69
C2 EDO WA . -48.07 3.66 33.96
O2 EDO WA . -48.92 3.84 32.82
C1 EDO XA . -29.81 5.76 38.48
O1 EDO XA . -29.67 7.17 38.36
C2 EDO XA . -28.48 5.16 38.88
O2 EDO XA . -28.63 3.98 39.66
C1 EDO YA . -46.69 6.90 3.76
O1 EDO YA . -47.10 8.00 2.94
C2 EDO YA . -47.38 7.01 5.10
O2 EDO YA . -48.80 7.13 4.93
C1 EDO ZA . -26.35 -14.58 -1.41
O1 EDO ZA . -26.29 -13.22 -1.85
C2 EDO ZA . -27.73 -14.85 -0.83
O2 EDO ZA . -28.67 -15.06 -1.88
C1 EDO AB . -50.12 -9.10 4.21
O1 EDO AB . -50.45 -8.30 3.06
C2 EDO AB . -49.55 -8.19 5.26
O2 EDO AB . -49.54 -8.85 6.54
C1 EDO BB . -43.18 17.65 28.89
O1 EDO BB . -43.98 17.28 29.99
C2 EDO BB . -43.60 19.02 28.35
O2 EDO BB . -43.75 19.96 29.43
C1 EDO CB . -45.97 -10.46 31.75
O1 EDO CB . -47.15 -11.24 31.61
C2 EDO CB . -45.53 -10.05 30.35
O2 EDO CB . -46.49 -10.55 29.41
C1 EDO DB . -17.98 16.04 10.81
O1 EDO DB . -18.37 15.41 12.13
C2 EDO DB . -17.72 15.11 9.62
O2 EDO DB . -18.56 13.93 9.42
C1 EDO EB . -40.94 27.80 22.41
O1 EDO EB . -41.44 27.00 23.51
C2 EDO EB . -39.66 27.20 21.83
O2 EDO EB . -39.91 26.07 20.96
C1 EDO FB . -47.83 29.95 21.75
O1 EDO FB . -48.68 28.88 22.20
C2 EDO FB . -48.03 30.08 20.25
O2 EDO FB . -48.50 28.83 19.73
C1 EDO GB . -20.14 -12.16 7.94
O1 EDO GB . -21.25 -12.22 8.88
C2 EDO GB . -20.01 -10.74 7.42
O2 EDO GB . -19.08 -10.00 8.22
C1 EDO HB . -25.55 22.41 32.72
O1 EDO HB . -25.07 22.32 34.06
C2 EDO HB . -26.89 23.11 32.72
O2 EDO HB . -27.77 22.37 33.56
C1 EDO IB . -32.49 -9.88 14.04
O1 EDO IB . -31.08 -9.68 14.25
C2 EDO IB . -33.28 -9.52 15.32
O2 EDO IB . -34.63 -10.05 15.25
C1 EDO JB . -10.14 34.37 22.67
O1 EDO JB . -9.64 33.60 23.76
C2 EDO JB . -9.10 34.30 21.59
O2 EDO JB . -8.11 35.31 21.83
C1 EDO KB . -17.70 13.39 19.95
O1 EDO KB . -18.33 13.10 21.22
C2 EDO KB . -16.87 14.65 20.01
O2 EDO KB . -15.69 14.53 20.86
C1 C8E LB . -18.91 4.19 36.46
C2 C8E LB . -18.99 5.71 36.53
C3 C8E LB . -20.32 6.20 37.11
C4 C8E LB . -20.70 7.63 36.69
C5 C8E LB . -22.14 7.97 37.07
C6 C8E LB . -22.60 9.29 36.44
C7 C8E LB . -24.10 9.53 36.47
C8 C8E LB . -24.45 10.89 35.89
O9 C8E LB . -25.32 11.60 36.77
C10 C8E LB . -25.03 13.01 36.92
C11 C8E LB . -26.17 13.88 36.37
O9 C8E MB . -54.87 2.23 16.90
C10 C8E MB . -55.40 3.01 15.85
C11 C8E MB . -54.56 2.89 14.59
O12 C8E MB . -55.13 3.72 13.58
C13 C8E MB . -54.31 3.90 12.41
C14 C8E MB . -54.56 5.33 11.92
O15 C8E MB . -54.10 5.51 10.59
C16 C8E MB . -54.45 6.82 10.12
C17 C8E MB . -53.20 7.64 9.89
O18 C8E MB . -53.49 8.85 9.17
C19 C8E MB . -52.38 9.29 8.36
C20 C8E MB . -52.41 8.56 7.02
O21 C8E MB . -52.06 9.45 5.96
C1 C8E NB . -51.83 -1.75 40.25
C2 C8E NB . -51.40 -2.96 41.03
C3 C8E NB . -51.95 -4.25 40.43
C4 C8E NB . -52.13 -5.34 41.50
C5 C8E NB . -52.81 -6.58 40.95
C6 C8E NB . -52.41 -7.85 41.71
C7 C8E NB . -52.72 -9.11 40.90
C8 C8E NB . -51.97 -10.32 41.46
O9 C8E NB . -52.42 -11.50 40.81
C1 C8E OB . -30.62 -2.78 -6.14
C2 C8E OB . -29.48 -1.84 -5.78
C3 C8E OB . -28.38 -1.77 -6.85
C4 C8E OB . -27.00 -1.53 -6.22
C5 C8E OB . -26.18 -0.40 -6.86
C6 C8E OB . -24.86 -0.14 -6.15
C7 C8E OB . -24.24 1.21 -6.50
C8 C8E OB . -23.10 1.08 -7.50
C1 C8E PB . -53.39 -3.14 8.12
C2 C8E PB . -51.93 -3.33 8.51
C3 C8E PB . -51.11 -2.06 8.27
C4 C8E PB . -51.35 -1.46 6.90
C5 C8E PB . -50.16 -0.67 6.36
C6 C8E PB . -50.20 -0.58 4.84
C7 C8E PB . -49.21 -1.55 4.21
C8 C8E PB . -48.75 -1.06 2.85
O9 C8E PB . -49.52 -1.69 1.85
C1 C8E QB . -9.06 -15.27 36.85
C2 C8E QB . -10.34 -15.98 36.45
C3 C8E QB . -11.39 -15.04 35.85
C4 C8E QB . -11.57 -13.75 36.68
C5 C8E QB . -13.03 -13.34 36.86
C6 C8E QB . -13.23 -12.73 38.24
C7 C8E QB . -13.14 -11.21 38.21
C2 C8E RB . -11.14 -7.50 -1.59
C3 C8E RB . -12.24 -8.26 -0.86
C4 C8E RB . -13.66 -7.90 -1.27
C5 C8E RB . -14.55 -9.10 -0.96
C6 C8E RB . -16.01 -8.72 -0.81
C7 C8E RB . -16.90 -9.90 -0.42
C8 C8E RB . -16.52 -11.16 -1.20
C1 C8E SB . -55.00 12.93 14.00
C2 C8E SB . -54.79 12.22 15.32
C3 C8E SB . -54.78 10.70 15.13
C4 C8E SB . -55.06 9.96 16.43
C5 C8E SB . -55.40 8.51 16.15
C6 C8E SB . -56.86 8.21 16.50
C7 C8E SB . -57.28 6.86 15.92
C8 C8E SB . -58.62 6.39 16.45
O9 C8E SB . -58.37 5.38 17.44
C1 C8E TB . -56.20 -0.65 21.26
C2 C8E TB . -55.22 0.17 22.07
C3 C8E TB . -54.58 -0.69 23.15
C4 C8E TB . -55.16 -0.47 24.54
C5 C8E TB . -54.69 -1.56 25.52
C6 C8E TB . -55.63 -2.77 25.48
C7 C8E TB . -55.59 -3.65 26.74
C8 C8E TB . -56.89 -4.44 26.94
O9 C8E TB . -57.40 -4.94 25.70
C1 C8E UB . -36.71 -5.62 45.51
C2 C8E UB . -37.67 -5.73 44.34
C3 C8E UB . -37.57 -4.50 43.43
C4 C8E UB . -38.47 -4.57 42.20
C5 C8E UB . -39.04 -3.20 41.84
C6 C8E UB . -39.65 -3.13 40.44
C7 C8E UB . -40.59 -1.94 40.30
C8 C8E UB . -41.29 -1.98 38.96
P PO4 VB . -0.57 4.74 -1.46
O1 PO4 VB . -0.10 4.89 -0.02
O2 PO4 VB . 0.58 4.69 -2.45
O3 PO4 VB . -1.51 5.87 -1.81
O4 PO4 VB . -1.37 3.46 -1.54
C1 EDO WB . 32.56 11.60 20.91
O1 EDO WB . 32.40 11.04 22.20
C2 EDO WB . 31.85 10.68 19.94
O2 EDO WB . 30.48 10.54 20.31
C1 EDO XB . 27.53 6.37 37.41
O1 EDO XB . 28.67 6.96 38.02
C2 EDO XB . 26.92 7.39 36.49
O2 EDO XB . 26.48 8.49 37.29
C1 EDO YB . 9.31 -21.73 16.17
O1 EDO YB . 9.46 -23.15 16.28
C2 EDO YB . 10.55 -21.08 16.77
O2 EDO YB . 11.54 -20.99 15.76
C1 EDO ZB . 26.01 19.40 27.72
O1 EDO ZB . 26.94 20.49 27.95
C2 EDO ZB . 26.69 18.29 26.93
O2 EDO ZB . 27.79 17.80 27.72
C1 EDO AC . 32.31 12.58 -5.51
O1 EDO AC . 32.61 12.60 -6.92
C2 EDO AC . 32.07 11.17 -5.03
O2 EDO AC . 31.14 10.46 -5.83
C1 EDO BC . 12.31 16.14 -6.60
O1 EDO BC . 10.97 15.66 -6.64
C2 EDO BC . 13.06 15.60 -5.40
O2 EDO BC . 12.83 14.19 -5.21
C1 EDO CC . 47.17 9.24 2.97
O1 EDO CC . 47.19 7.89 2.49
C2 EDO CC . 46.87 9.11 4.44
O2 EDO CC . 48.03 8.61 5.12
C1 EDO DC . 36.41 13.45 8.70
O1 EDO DC . 37.54 14.28 8.40
C2 EDO DC . 36.89 12.04 9.08
O2 EDO DC . 37.88 12.12 10.10
C1 EDO EC . 11.68 -11.06 14.86
O1 EDO EC . 12.23 -10.95 13.57
C2 EDO EC . 11.40 -12.49 15.28
O2 EDO EC . 12.60 -13.08 15.87
C1 EDO FC . 41.26 -8.93 18.83
O1 EDO FC . 41.09 -9.94 17.82
C2 EDO FC . 41.28 -9.62 20.18
O2 EDO FC . 40.04 -10.33 20.30
C1 EDO GC . 49.79 6.15 21.95
O1 EDO GC . 50.73 5.41 22.75
C2 EDO GC . 50.07 7.62 22.17
O2 EDO GC . 51.30 7.98 21.52
C1 EDO HC . 44.61 -2.45 3.57
O1 EDO HC . 45.97 -2.03 3.54
C2 EDO HC . 44.48 -3.80 2.90
O2 EDO HC . 45.43 -4.62 3.55
C1 EDO IC . 42.86 -2.53 18.87
O1 EDO IC . 41.52 -3.08 18.82
C2 EDO IC . 42.93 -1.04 18.59
O2 EDO IC . 42.39 -0.23 19.66
C1 EDO JC . 15.98 -11.45 -7.61
O1 EDO JC . 15.87 -10.43 -8.60
C2 EDO JC . 14.85 -11.34 -6.61
O2 EDO JC . 13.62 -11.84 -7.15
C1 EDO KC . 15.60 -15.72 18.03
O1 EDO KC . 16.34 -16.84 17.55
C2 EDO KC . 14.19 -15.50 17.48
O2 EDO KC . 13.63 -14.34 18.17
C1 EDO LC . 22.75 -12.97 23.52
O1 EDO LC . 22.42 -12.92 22.11
C2 EDO LC . 24.26 -12.98 23.69
O2 EDO LC . 24.63 -13.41 25.01
C1 EDO MC . 47.07 18.01 20.40
O1 EDO MC . 47.99 16.89 20.64
C2 EDO MC . 45.80 17.58 19.67
O2 EDO MC . 44.72 17.23 20.55
C1 EDO NC . 31.85 -12.07 34.29
O1 EDO NC . 30.57 -12.45 34.87
C2 EDO NC . 31.94 -12.32 32.77
O2 EDO NC . 31.55 -13.67 32.45
C1 EDO OC . 21.50 11.31 6.68
O1 EDO OC . 21.33 10.39 7.80
C2 EDO OC . 22.92 11.78 6.33
O2 EDO OC . 24.00 10.72 6.27
C1 EDO PC . 15.73 -7.22 21.72
O1 EDO PC . 15.93 -8.55 22.20
C2 EDO PC . 16.96 -6.79 20.95
O2 EDO PC . 16.68 -6.85 19.55
C1 EDO QC . 29.46 6.63 2.07
O1 EDO QC . 29.72 6.14 0.74
C2 EDO QC . 29.27 5.48 3.03
O2 EDO QC . 30.49 4.73 3.22
C1 EDO RC . 51.82 16.92 10.77
O1 EDO RC . 52.13 17.56 12.01
C2 EDO RC . 51.38 15.52 11.11
O2 EDO RC . 50.07 15.62 11.67
C1 C8E SC . 22.55 1.10 39.47
C2 C8E SC . 21.51 1.66 38.55
C3 C8E SC . 21.21 3.16 38.65
C4 C8E SC . 19.90 3.30 37.90
C5 C8E SC . 19.30 4.67 37.64
C6 C8E SC . 17.87 4.37 37.22
C7 C8E SC . 17.09 5.54 36.68
C8 C8E SC . 16.10 5.11 35.65
O9 C8E SC . 15.53 6.26 35.04
C10 C8E SC . 14.82 5.84 33.87
C11 C8E SC . 14.16 7.00 33.15
O12 C8E SC . 13.09 7.50 33.94
C13 C8E SC . 12.17 8.40 33.30
C14 C8E SC . 11.10 8.84 34.31
O15 C8E SC . 11.70 9.31 35.54
C16 C8E SC . 10.84 9.34 36.70
C17 C8E SC . 11.60 9.78 37.97
O18 C8E SC . 12.16 11.09 37.77
C19 C8E SC . 12.94 11.65 38.84
C20 C8E SC . 14.04 12.59 38.29
O21 C8E SC . 15.05 12.97 39.28
C1 C8E TC . 31.87 -8.14 47.07
C2 C8E TC . 31.64 -6.78 47.72
C3 C8E TC . 31.66 -5.63 46.71
C4 C8E TC . 30.79 -5.88 45.48
C5 C8E TC . 30.59 -4.60 44.66
C6 C8E TC . 29.96 -4.90 43.31
C7 C8E TC . 29.75 -3.62 42.51
C8 C8E TC . 29.05 -3.80 41.17
O9 C8E TC . 28.79 -2.49 40.58
C10 C8E TC . 27.61 -1.92 41.12
C11 C8E TC . 27.16 -0.63 40.46
O12 C8E TC . 26.35 0.12 41.37
C13 C8E TC . 27.11 0.68 42.42
C14 C8E TC . 26.24 1.64 43.22
O15 C8E TC . 26.99 2.79 43.65
C16 C8E TC . 26.32 4.05 43.43
C17 C8E TC . 27.28 5.19 43.71
O18 C8E TC . 26.79 6.33 43.03
C1 C8E UC . 20.83 -9.73 44.15
C2 C8E UC . 20.30 -11.13 43.88
C3 C8E UC . 18.98 -11.25 44.59
C4 C8E UC . 17.78 -11.12 43.70
C5 C8E UC . 17.29 -12.47 43.25
C6 C8E UC . 15.97 -12.40 42.48
C7 C8E UC . 15.37 -13.82 42.47
C8 C8E UC . 14.04 -13.91 41.76
O9 C8E UC . 13.46 -15.20 42.04
C10 C8E UC . 12.49 -15.54 41.05
C11 C8E UC . 11.06 -15.62 41.58
O12 C8E UC . 10.46 -16.81 41.05
C13 C8E UC . 9.05 -16.78 40.94
C14 C8E UC . 8.55 -17.82 39.92
O15 C8E UC . 9.11 -19.12 40.16
C16 C8E UC . 9.31 -19.82 38.92
C17 C8E UC . 9.43 -21.34 39.12
O18 C8E UC . 10.71 -21.63 39.68
C19 C8E UC . 11.35 -22.79 39.13
C20 C8E UC . 12.81 -22.85 39.59
O21 C8E UC . 12.93 -22.66 41.00
C1 C8E VC . 49.39 -4.80 32.96
C2 C8E VC . 50.04 -5.01 31.60
C3 C8E VC . 49.63 -6.34 30.99
C4 C8E VC . 50.11 -6.40 29.54
C5 C8E VC . 50.16 -7.82 28.96
C6 C8E VC . 50.63 -7.70 27.54
C7 C8E VC . 50.66 -9.06 26.92
C8 C8E VC . 51.29 -9.09 25.54
O9 C8E VC . 51.33 -10.50 25.22
C10 C8E VC . 51.88 -10.81 23.94
C11 C8E VC . 51.54 -12.24 23.48
O12 C8E VC . 51.88 -12.48 22.10
C13 C8E VC . 53.26 -12.24 21.75
C14 C8E VC . 53.49 -11.74 20.31
O15 C8E VC . 54.69 -10.95 20.24
C16 C8E VC . 54.61 -9.83 19.34
C17 C8E VC . 54.86 -8.52 20.08
O18 C8E VC . 54.71 -7.39 19.20
C19 C8E VC . 54.09 -6.25 19.80
C20 C8E VC . 53.25 -5.47 18.79
O21 C8E VC . 53.49 -4.06 18.87
C1 C8E WC . 9.76 -1.26 30.69
C2 C8E WC . 9.83 0.20 30.27
C3 C8E WC . 9.08 0.46 28.97
C4 C8E WC . 8.25 1.73 29.02
C5 C8E WC . 7.20 1.82 27.91
C6 C8E WC . 7.63 2.78 26.81
C7 C8E WC . 6.43 3.40 26.09
C8 C8E WC . 6.54 3.17 24.59
O9 C8E WC . 6.29 4.38 23.89
C10 C8E WC . 6.72 4.33 22.53
C11 C8E WC . 6.36 5.65 21.90
O12 C8E WC . 4.96 5.65 21.72
C13 C8E WC . 4.50 6.60 20.75
C14 C8E WC . 3.20 6.11 20.11
O15 C8E WC . 2.04 6.64 20.78
C1 C8E XC . 55.29 -26.29 19.30
C2 C8E XC . 55.95 -25.79 18.01
C3 C8E XC . 54.97 -25.08 17.07
C4 C8E XC . 55.14 -23.56 17.16
C5 C8E XC . 54.23 -22.82 16.18
C6 C8E XC . 53.89 -21.43 16.71
C7 C8E XC . 52.98 -20.67 15.75
C8 C8E XC . 51.58 -20.49 16.33
O9 C8E XC . 50.93 -19.36 15.74
C10 C8E XC . 50.01 -18.73 16.63
C11 C8E XC . 50.81 -17.81 17.54
O12 C8E XC . 50.01 -17.22 18.58
C13 C8E XC . 50.56 -15.96 18.95
C14 C8E XC . 50.38 -15.78 20.42
O15 C8E XC . 51.22 -14.72 20.87
C1 C8E YC . 26.78 -12.60 -7.93
C2 C8E YC . 27.90 -12.12 -7.04
C3 C8E YC . 28.92 -11.28 -7.81
C4 C8E YC . 30.15 -10.99 -6.95
C5 C8E YC . 30.81 -9.68 -7.32
C6 C8E YC . 31.99 -9.31 -6.43
C7 C8E YC . 32.33 -7.83 -6.58
C8 C8E YC . 33.73 -7.51 -6.12
O9 C8E YC . 33.89 -6.11 -5.79
C10 C8E YC . 34.87 -5.94 -4.76
C11 C8E YC . 34.89 -4.52 -4.24
O12 C8E YC . 35.05 -3.64 -5.35
C13 C8E YC . 35.64 -2.40 -5.01
C14 C8E YC . 35.75 -1.57 -6.28
O15 C8E YC . 36.67 -0.52 -6.04
C1 C8E ZC . 10.64 -13.68 -5.78
C2 C8E ZC . 10.47 -13.85 -4.28
C3 C8E ZC . 8.99 -14.00 -3.90
C4 C8E ZC . 8.82 -14.10 -2.39
C5 C8E ZC . 7.65 -14.95 -1.93
C6 C8E ZC . 7.73 -15.22 -0.42
C7 C8E ZC . 6.41 -15.73 0.13
C8 C8E ZC . 5.99 -17.06 -0.53
C1 C8E AD . 42.07 -3.02 41.32
C2 C8E AD . 40.77 -2.98 40.55
C3 C8E AD . 40.03 -1.68 40.81
C4 C8E AD . 38.55 -1.75 40.43
C5 C8E AD . 37.73 -0.96 41.44
C6 C8E AD . 36.51 -0.27 40.82
C7 C8E AD . 36.24 1.07 41.52
C8 C8E AD . 35.00 1.77 40.96
O9 C8E AD . 35.12 3.18 41.12
C1 C8E BD . 0.06 -5.41 3.08
C2 C8E BD . -0.09 -6.51 4.12
C3 C8E BD . -0.74 -5.92 5.37
C4 C8E BD . -1.24 -7.00 6.33
C5 C8E BD . -2.23 -6.46 7.38
C6 C8E BD . -1.60 -5.39 8.28
C7 C8E BD . -0.63 -5.98 9.30
C8 C8E BD . 0.45 -4.97 9.71
O9 C8E BD . 1.52 -5.69 10.31
C10 C8E BD . 2.30 -4.98 11.28
C11 C8E BD . 3.09 -6.01 12.07
O12 C8E BD . 2.82 -6.12 13.47
C13 C8E BD . 2.46 -7.46 13.83
C14 C8E BD . 2.83 -7.75 15.27
O15 C8E BD . 4.12 -7.16 15.50
O9 C8E CD . 40.58 13.89 -4.28
C10 C8E CD . 41.89 13.53 -3.80
C11 C8E CD . 41.76 12.34 -2.86
O12 C8E CD . 42.97 11.56 -2.78
C13 C8E CD . 43.13 10.64 -3.87
C14 C8E CD . 43.37 9.21 -3.37
O15 C8E CD . 42.12 8.59 -3.08
C1 C8E DD . 10.63 -19.81 35.64
C2 C8E DD . 9.97 -18.45 35.65
C3 C8E DD . 10.85 -17.41 36.35
C4 C8E DD . 10.45 -15.95 36.10
C5 C8E DD . 10.90 -15.03 37.24
C6 C8E DD . 10.95 -13.55 36.85
C7 C8E DD . 11.80 -12.73 37.83
C1 C8E ED . 51.59 -8.00 17.30
C2 C8E ED . 51.82 -8.74 16.00
C3 C8E ED . 50.62 -9.62 15.68
C4 C8E ED . 50.96 -10.83 14.81
C5 C8E ED . 49.97 -11.96 15.08
C6 C8E ED . 49.98 -13.00 13.99
C7 C8E ED . 49.80 -14.42 14.50
C8 C8E ED . 50.68 -15.38 13.71
C1 C8E FD . 36.44 21.97 3.74
C1 C8E FD . 36.26 22.20 4.79
C2 C8E FD . 34.94 21.98 3.94
C2 C8E FD . 35.53 21.20 3.92
C3 C8E FD . 34.28 20.82 3.19
C3 C8E FD . 34.02 21.37 4.09
C4 C8E FD . 32.86 20.60 3.70
C4 C8E FD . 33.25 20.86 2.87
C5 C8E FD . 31.80 21.28 2.83
C5 C8E FD . 31.83 21.45 2.79
C6 C8E FD . 30.53 20.42 2.78
C6 C8E FD . 30.85 20.41 2.21
C7 C8E FD . 30.79 18.92 2.80
C7 C8E FD . 30.60 19.20 3.10
C8 C8E FD . 29.52 18.14 3.12
C8 C8E FD . 31.53 18.06 2.69
O9 C8E FD . 29.71 17.13 4.11
O9 C8E FD . 31.34 16.90 3.49
C10 C8E FD . 29.03 15.93 3.72
C10 C8E FD . 31.91 17.04 4.80
C11 C8E FD . 29.40 14.77 4.65
C11 C8E FD . 31.09 16.35 5.90
O12 C8E FD . 30.80 14.44 4.56
O12 C8E FD . 30.82 14.97 5.56
C13 C8E FD . 31.05 13.71 5.77
C13 C8E FD . 30.94 14.08 6.66
C14 C8E FD . 32.44 13.89 6.40
C14 C8E FD . 32.35 14.12 7.21
O15 C8E FD . 32.43 15.02 7.29
O15 C8E FD . 32.48 15.25 8.09
C16 C8E FD . 33.54 15.08 8.21
C16 C8E FD . 33.82 15.42 8.53
C17 C8E FD . 34.66 16.03 7.73
C17 C8E FD . 34.26 16.89 8.47
O18 C8E FD . 35.36 16.65 8.82
O18 C8E FD . 33.12 17.74 8.39
C19 C8E FD . 36.75 16.89 8.52
C19 C8E FD . 33.37 18.98 7.71
C20 C8E FD . 37.25 18.19 9.15
C20 C8E FD . 32.16 19.27 6.83
O21 C8E FD . 38.05 17.89 10.29
O21 C8E FD . 31.32 18.06 6.71
#